data_9NFO
# 
_entry.id   9NFO 
# 
_audit_conform.dict_name       mmcif_pdbx.dic 
_audit_conform.dict_version    5.403 
_audit_conform.dict_location   http://mmcif.pdb.org/dictionaries/ascii/mmcif_pdbx.dic 
# 
loop_
_database_2.database_id 
_database_2.database_code 
_database_2.pdbx_database_accession 
_database_2.pdbx_DOI 
PDB   9NFO         pdb_00009nfo 10.2210/pdb9nfo/pdb 
WWPDB D_1000293243 ?            ?                   
# 
_pdbx_audit_revision_history.ordinal             1 
_pdbx_audit_revision_history.data_content_type   'Structure model' 
_pdbx_audit_revision_history.major_revision      1 
_pdbx_audit_revision_history.minor_revision      0 
_pdbx_audit_revision_history.revision_date       2025-04-09 
_pdbx_audit_revision_history.part_number         ? 
# 
_pdbx_audit_revision_details.ordinal             1 
_pdbx_audit_revision_details.revision_ordinal    1 
_pdbx_audit_revision_details.data_content_type   'Structure model' 
_pdbx_audit_revision_details.provider            repository 
_pdbx_audit_revision_details.type                'Initial release' 
_pdbx_audit_revision_details.description         ? 
_pdbx_audit_revision_details.details             ? 
# 
_pdbx_database_status.status_code                     REL 
_pdbx_database_status.status_code_sf                  REL 
_pdbx_database_status.status_code_mr                  ? 
_pdbx_database_status.entry_id                        9NFO 
_pdbx_database_status.recvd_initial_deposition_date   2025-02-21 
_pdbx_database_status.SG_entry                        N 
_pdbx_database_status.deposit_site                    RCSB 
_pdbx_database_status.process_site                    RCSB 
_pdbx_database_status.status_code_cs                  ? 
_pdbx_database_status.status_code_nmr_data            ? 
_pdbx_database_status.methods_development_category    ? 
_pdbx_database_status.pdb_format_compatible           Y 
# 
_pdbx_contact_author.id                 2 
_pdbx_contact_author.email              rs17@nyu.edu 
_pdbx_contact_author.name_first         Ruojie 
_pdbx_contact_author.name_last          Sha 
_pdbx_contact_author.name_mi            ? 
_pdbx_contact_author.role               'principal investigator/group leader' 
_pdbx_contact_author.identifier_ORCID   0000-0002-0807-734X 
# 
loop_
_audit_author.name 
_audit_author.pdbx_ordinal 
_audit_author.identifier_ORCID 
'Abi Rizk, J.'  1 0009-0000-0766-7631 
'Horvath, A.'   2 0009-0008-5770-8014 
'Vecchioni, S.' 3 0000-0001-8243-650X 
'Woloszyn, K.'  4 0000-0003-1200-583X 
'Ohayon, Y.P.'  5 0000-0001-7500-4282 
'Sha, R.'       6 0000-0002-0807-734X 
# 
_citation.abstract                  ? 
_citation.abstract_id_CAS           ? 
_citation.book_id_ISBN              ? 
_citation.book_publisher            ? 
_citation.book_publisher_city       ? 
_citation.book_title                ? 
_citation.coordinate_linkage        ? 
_citation.country                   ? 
_citation.database_id_Medline       ? 
_citation.details                   ? 
_citation.id                        primary 
_citation.journal_abbrev            'To Be Published' 
_citation.journal_id_ASTM           ? 
_citation.journal_id_CSD            0353 
_citation.journal_id_ISSN           ? 
_citation.journal_full              ? 
_citation.journal_issue             ? 
_citation.journal_volume            ? 
_citation.language                  ? 
_citation.page_first                ? 
_citation.page_last                 ? 
_citation.title                     'Shifted tensegrity triangle' 
_citation.year                      ? 
_citation.database_id_CSD           ? 
_citation.pdbx_database_id_DOI      ? 
_citation.pdbx_database_id_PubMed   ? 
_citation.pdbx_database_id_patent   ? 
_citation.unpublished_flag          ? 
# 
loop_
_citation_author.citation_id 
_citation_author.name 
_citation_author.ordinal 
_citation_author.identifier_ORCID 
primary 'Abi Rizk, J.'  1 0009-0000-0766-7631 
primary 'Horvath, A.'   2 0009-0008-5770-8014 
primary 'Vecchioni, S.' 3 0000-0001-8243-650X 
primary 'Woloszyn, K.'  4 0000-0003-1200-583X 
primary 'Ohayon, Y.P.'  5 0000-0001-7500-4282 
primary 'Sha, R.'       6 0000-0002-0807-734X 
# 
loop_
_entity.id 
_entity.type 
_entity.src_method 
_entity.pdbx_description 
_entity.formula_weight 
_entity.pdbx_number_of_molecules 
_entity.pdbx_ec 
_entity.pdbx_mutation 
_entity.pdbx_fragment 
_entity.details 
1 polymer syn 
;DNA (5'-D(*GP*AP*GP*CP*AP*GP*CP*CP*TP*GP*TP*A)-3')
;
3358.211 1 ? ? ? ? 
2 polymer syn 
;DNA (5'-D(P*AP*CP*AP*CP*CP*GP*T)-3')
;
2082.400 1 ? ? ? ? 
3 polymer syn 
;DNA (5'-D(*CP*TP*GP*AP*TP*GP*TP*GP*GP*CP*TP*GP*CP*T)-3')
;
4302.788 1 ? ? ? ? 
4 polymer syn 
;DNA (5'-D(P*CP*GP*GP*AP*CP*AP*TP*CP*A)-3')
;
3054.019 1 ? ? ? ? 
# 
loop_
_entity_poly.entity_id 
_entity_poly.type 
_entity_poly.nstd_linkage 
_entity_poly.nstd_monomer 
_entity_poly.pdbx_seq_one_letter_code 
_entity_poly.pdbx_seq_one_letter_code_can 
_entity_poly.pdbx_strand_id 
_entity_poly.pdbx_target_identifier 
1 polydeoxyribonucleotide no no '(DG)(DA)(DG)(DC)(DA)(DC)(DC)(DT)(DG)(DT)(DA)'             GAGCACCTGTA    A ? 
2 polydeoxyribonucleotide no no '(DA)(DC)(DA)(DC)(DC)(DG)(DT)'                             ACACCGT        B ? 
3 polydeoxyribonucleotide no no '(DC)(DT)(DG)(DA)(DC)(DT)(DG)(DT)(DG)(DG)(DT)(DG)(DC)(DT)' CTGACTGTGGTGCT C ? 
4 polydeoxyribonucleotide no no '(DC)(DG)(DG)(DA)(DC)(DA)(DG)(DT)(DC)(DA)'                 CGGACAGTCA     D ? 
# 
loop_
_entity_poly_seq.entity_id 
_entity_poly_seq.num 
_entity_poly_seq.mon_id 
_entity_poly_seq.hetero 
1 1  DG n 
1 2  DA n 
1 3  DG n 
1 4  DC n 
1 5  DA n 
1 6  DC n 
1 7  DC n 
1 8  DT n 
1 9  DG n 
1 10 DT n 
1 11 DA n 
2 1  DA n 
2 2  DC n 
2 3  DA n 
2 4  DC n 
2 5  DC n 
2 6  DG n 
2 7  DT n 
3 1  DC n 
3 2  DT n 
3 3  DG n 
3 4  DA n 
3 5  DC n 
3 6  DT n 
3 7  DG n 
3 8  DT n 
3 9  DG n 
3 10 DG n 
3 11 DT n 
3 12 DG n 
3 13 DC n 
3 14 DT n 
4 1  DC n 
4 2  DG n 
4 3  DG n 
4 4  DA n 
4 5  DC n 
4 6  DA n 
4 7  DG n 
4 8  DT n 
4 9  DC n 
4 10 DA n 
# 
loop_
_pdbx_entity_src_syn.entity_id 
_pdbx_entity_src_syn.pdbx_src_id 
_pdbx_entity_src_syn.pdbx_alt_source_flag 
_pdbx_entity_src_syn.pdbx_beg_seq_num 
_pdbx_entity_src_syn.pdbx_end_seq_num 
_pdbx_entity_src_syn.organism_scientific 
_pdbx_entity_src_syn.organism_common_name 
_pdbx_entity_src_syn.ncbi_taxonomy_id 
_pdbx_entity_src_syn.details 
1 1 sample 1 11 'synthetic construct' ? 32630 ? 
2 1 sample 1 7  'synthetic construct' ? 32630 ? 
3 1 sample 1 14 'synthetic construct' ? 32630 ? 
4 1 sample 1 10 'synthetic construct' ? 32630 ? 
# 
loop_
_chem_comp.id 
_chem_comp.type 
_chem_comp.mon_nstd_flag 
_chem_comp.name 
_chem_comp.pdbx_synonyms 
_chem_comp.formula 
_chem_comp.formula_weight 
DA 'DNA linking' y "2'-DEOXYADENOSINE-5'-MONOPHOSPHATE" ? 'C10 H14 N5 O6 P' 331.222 
DC 'DNA linking' y "2'-DEOXYCYTIDINE-5'-MONOPHOSPHATE"  ? 'C9 H14 N3 O7 P'  307.197 
DG 'DNA linking' y "2'-DEOXYGUANOSINE-5'-MONOPHOSPHATE" ? 'C10 H14 N5 O7 P' 347.221 
DT 'DNA linking' y "THYMIDINE-5'-MONOPHOSPHATE"         ? 'C10 H15 N2 O8 P' 322.208 
# 
loop_
_pdbx_poly_seq_scheme.asym_id 
_pdbx_poly_seq_scheme.entity_id 
_pdbx_poly_seq_scheme.seq_id 
_pdbx_poly_seq_scheme.mon_id 
_pdbx_poly_seq_scheme.ndb_seq_num 
_pdbx_poly_seq_scheme.pdb_seq_num 
_pdbx_poly_seq_scheme.auth_seq_num 
_pdbx_poly_seq_scheme.pdb_mon_id 
_pdbx_poly_seq_scheme.auth_mon_id 
_pdbx_poly_seq_scheme.pdb_strand_id 
_pdbx_poly_seq_scheme.pdb_ins_code 
_pdbx_poly_seq_scheme.hetero 
A 1 1  DG 1  102 102 DG DG A . n 
A 1 2  DA 2  103 103 DA DA A . n 
A 1 3  DG 3  104 104 DG DG A . n 
A 1 4  DC 4  105 105 DC DC A . n 
A 1 5  DA 5  106 106 DA DA A . n 
A 1 6  DC 6  107 107 DC DC A . n 
A 1 7  DC 7  108 108 DC DC A . n 
A 1 8  DT 8  109 109 DT DT A . n 
A 1 9  DG 9  110 110 DG DG A . n 
A 1 10 DT 10 111 111 DT DT A . n 
A 1 11 DA 11 112 112 DA DA A . n 
B 2 1  DA 1  105 105 DA DA B . n 
B 2 2  DC 2  106 106 DC DC B . n 
B 2 3  DA 3  107 107 DA DA B . n 
B 2 4  DC 4  111 111 DC DC B . n 
B 2 5  DC 5  112 112 DC DC B . n 
B 2 6  DG 6  113 113 DG DG B . n 
B 2 7  DT 7  114 114 DT DT B . n 
C 3 1  DC 1  101 101 DC DC C . n 
C 3 2  DT 2  102 102 DT DT C . n 
C 3 3  DG 3  103 103 DG DG C . n 
C 3 4  DA 4  104 104 DA DA C . n 
C 3 5  DC 5  105 105 DC DC C . n 
C 3 6  DT 6  106 106 DT DT C . n 
C 3 7  DG 7  107 107 DG DG C . n 
C 3 8  DT 8  108 108 DT DT C . n 
C 3 9  DG 9  109 109 DG DG C . n 
C 3 10 DG 10 110 110 DG DG C . n 
C 3 11 DT 11 111 111 DT DT C . n 
C 3 12 DG 12 112 112 DG DG C . n 
C 3 13 DC 13 113 113 DC DC C . n 
C 3 14 DT 14 114 114 DT DT C . n 
D 4 1  DC 1  113 113 DC DC D . n 
D 4 2  DG 2  114 114 DG DG D . n 
D 4 3  DG 3  115 115 DG DG D . n 
D 4 4  DA 4  116 116 DA DA D . n 
D 4 5  DC 5  117 117 DC DC D . n 
D 4 6  DA 6  118 118 DA DA D . n 
D 4 7  DG 7  119 119 DG DG D . n 
D 4 8  DT 8  120 120 DT DT D . n 
D 4 9  DC 9  121 121 DC DC D . n 
D 4 10 DA 10 122 122 DA DA D . n 
# 
loop_
_software.citation_id 
_software.classification 
_software.compiler_name 
_software.compiler_version 
_software.contact_author 
_software.contact_author_email 
_software.date 
_software.description 
_software.dependencies 
_software.hardware 
_software.language 
_software.location 
_software.mods 
_software.name 
_software.os 
_software.os_version 
_software.type 
_software.version 
_software.pdbx_ordinal 
? refinement       ? ? ? ? ? ? ? ? ? ? ? PHENIX    ? ? ? 1.21.2_5419 1 
? 'data reduction' ? ? ? ? ? ? ? ? ? ? ? autoPROC  ? ? ? .           2 
? 'data scaling'   ? ? ? ? ? ? ? ? ? ? ? STARANISO ? ? ? .           3 
? phasing          ? ? ? ? ? ? ? ? ? ? ? PHASER    ? ? ? .           4 
# 
_cell.angle_alpha                  90.000 
_cell.angle_alpha_esd              ? 
_cell.angle_beta                   90.000 
_cell.angle_beta_esd               ? 
_cell.angle_gamma                  120.000 
_cell.angle_gamma_esd              ? 
_cell.entry_id                     9NFO 
_cell.details                      ? 
_cell.formula_units_Z              ? 
_cell.length_a                     107.460 
_cell.length_a_esd                 ? 
_cell.length_b                     107.460 
_cell.length_b_esd                 ? 
_cell.length_c                     90.958 
_cell.length_c_esd                 ? 
_cell.volume                       909630.904 
_cell.volume_esd                   ? 
_cell.Z_PDB                        9 
_cell.reciprocal_angle_alpha       ? 
_cell.reciprocal_angle_beta        ? 
_cell.reciprocal_angle_gamma       ? 
_cell.reciprocal_angle_alpha_esd   ? 
_cell.reciprocal_angle_beta_esd    ? 
_cell.reciprocal_angle_gamma_esd   ? 
_cell.reciprocal_length_a          ? 
_cell.reciprocal_length_b          ? 
_cell.reciprocal_length_c          ? 
_cell.reciprocal_length_a_esd      ? 
_cell.reciprocal_length_b_esd      ? 
_cell.reciprocal_length_c_esd      ? 
_cell.pdbx_unique_axis             ? 
_cell.pdbx_esd_method              ? 
# 
_symmetry.entry_id                         9NFO 
_symmetry.cell_setting                     ? 
_symmetry.Int_Tables_number                146 
_symmetry.space_group_name_Hall            'H 3' 
_symmetry.space_group_name_H-M             'H 3' 
_symmetry.pdbx_full_space_group_name_H-M   ? 
# 
_exptl.absorpt_coefficient_mu     ? 
_exptl.absorpt_correction_T_max   ? 
_exptl.absorpt_correction_T_min   ? 
_exptl.absorpt_correction_type    ? 
_exptl.absorpt_process_details    ? 
_exptl.entry_id                   9NFO 
_exptl.crystals_number            1 
_exptl.details                    ? 
_exptl.method                     'X-RAY DIFFRACTION' 
_exptl.method_details             ? 
# 
_exptl_crystal.colour                       ? 
_exptl_crystal.density_diffrn               ? 
_exptl_crystal.density_Matthews             ? 
_exptl_crystal.density_method               ? 
_exptl_crystal.density_percent_sol          ? 
_exptl_crystal.description                  ? 
_exptl_crystal.F_000                        ? 
_exptl_crystal.id                           1 
_exptl_crystal.preparation                  ? 
_exptl_crystal.size_max                     ? 
_exptl_crystal.size_mid                     ? 
_exptl_crystal.size_min                     ? 
_exptl_crystal.size_rad                     ? 
_exptl_crystal.colour_lustre                ? 
_exptl_crystal.colour_modifier              ? 
_exptl_crystal.colour_primary               ? 
_exptl_crystal.density_meas                 ? 
_exptl_crystal.density_meas_esd             ? 
_exptl_crystal.density_meas_gt              ? 
_exptl_crystal.density_meas_lt              ? 
_exptl_crystal.density_meas_temp            ? 
_exptl_crystal.density_meas_temp_esd        ? 
_exptl_crystal.density_meas_temp_gt         ? 
_exptl_crystal.density_meas_temp_lt         ? 
_exptl_crystal.pdbx_crystal_image_url       ? 
_exptl_crystal.pdbx_crystal_image_format    ? 
_exptl_crystal.pdbx_mosaicity               ? 
_exptl_crystal.pdbx_mosaicity_esd           ? 
_exptl_crystal.pdbx_mosaic_method           ? 
_exptl_crystal.pdbx_mosaic_block_size       ? 
_exptl_crystal.pdbx_mosaic_block_size_esd   ? 
# 
_exptl_crystal_grow.apparatus       ? 
_exptl_crystal_grow.atmosphere      ? 
_exptl_crystal_grow.crystal_id      1 
_exptl_crystal_grow.details         ? 
_exptl_crystal_grow.method          'VAPOR DIFFUSION, HANGING DROP' 
_exptl_crystal_grow.method_ref      ? 
_exptl_crystal_grow.pH              ? 
_exptl_crystal_grow.pressure        ? 
_exptl_crystal_grow.pressure_esd    ? 
_exptl_crystal_grow.seeding         ? 
_exptl_crystal_grow.seeding_ref     ? 
_exptl_crystal_grow.temp_details    '338-293 at 0.4/hr' 
_exptl_crystal_grow.temp_esd        ? 
_exptl_crystal_grow.time            ? 
_exptl_crystal_grow.pdbx_details    '100 mM MOPS, 1.25 M magnesium sulfate' 
_exptl_crystal_grow.pdbx_pH_range   ? 
_exptl_crystal_grow.temp            293 
# 
_diffrn.ambient_environment              ? 
_diffrn.ambient_temp                     100 
_diffrn.ambient_temp_details             ? 
_diffrn.ambient_temp_esd                 ? 
_diffrn.crystal_id                       1 
_diffrn.crystal_support                  ? 
_diffrn.crystal_treatment                ? 
_diffrn.details                          ? 
_diffrn.id                               1 
_diffrn.ambient_pressure                 ? 
_diffrn.ambient_pressure_esd             ? 
_diffrn.ambient_pressure_gt              ? 
_diffrn.ambient_pressure_lt              ? 
_diffrn.ambient_temp_gt                  ? 
_diffrn.ambient_temp_lt                  ? 
_diffrn.pdbx_serial_crystal_experiment   N 
# 
_diffrn_detector.details                      ? 
_diffrn_detector.detector                     PIXEL 
_diffrn_detector.diffrn_id                    1 
_diffrn_detector.type                         'DECTRIS EIGER2 X 9M' 
_diffrn_detector.area_resol_mean              ? 
_diffrn_detector.dtime                        ? 
_diffrn_detector.pdbx_frames_total            ? 
_diffrn_detector.pdbx_collection_time_total   ? 
_diffrn_detector.pdbx_collection_date         2023-03-19 
_diffrn_detector.pdbx_frequency               ? 
_diffrn_detector.id                           ? 
_diffrn_detector.number_of_axes               ? 
# 
_diffrn_radiation.collimation                      ? 
_diffrn_radiation.diffrn_id                        1 
_diffrn_radiation.filter_edge                      ? 
_diffrn_radiation.inhomogeneity                    ? 
_diffrn_radiation.monochromator                    ? 
_diffrn_radiation.polarisn_norm                    ? 
_diffrn_radiation.polarisn_ratio                   ? 
_diffrn_radiation.probe                            ? 
_diffrn_radiation.type                             ? 
_diffrn_radiation.xray_symbol                      ? 
_diffrn_radiation.wavelength_id                    1 
_diffrn_radiation.pdbx_monochromatic_or_laue_m_l   M 
_diffrn_radiation.pdbx_wavelength_list             ? 
_diffrn_radiation.pdbx_wavelength                  ? 
_diffrn_radiation.pdbx_diffrn_protocol             'SINGLE WAVELENGTH' 
_diffrn_radiation.pdbx_analyzer                    ? 
_diffrn_radiation.pdbx_scattering_type             x-ray 
# 
_diffrn_radiation_wavelength.id           1 
_diffrn_radiation_wavelength.wavelength   0.991870 
_diffrn_radiation_wavelength.wt           1.0 
# 
_diffrn_source.current                     ? 
_diffrn_source.details                     ? 
_diffrn_source.diffrn_id                   1 
_diffrn_source.power                       ? 
_diffrn_source.size                        ? 
_diffrn_source.source                      SYNCHROTRON 
_diffrn_source.target                      ? 
_diffrn_source.type                        'APS BEAMLINE 17-ID' 
_diffrn_source.voltage                     ? 
_diffrn_source.take-off_angle              ? 
_diffrn_source.pdbx_wavelength_list        0.991870 
_diffrn_source.pdbx_wavelength             ? 
_diffrn_source.pdbx_synchrotron_beamline   17-ID 
_diffrn_source.pdbx_synchrotron_site       APS 
# 
_reflns.B_iso_Wilson_estimate                          256.28 
_reflns.entry_id                                       9NFO 
_reflns.data_reduction_details                         ? 
_reflns.data_reduction_method                          ? 
_reflns.d_resolution_high                              4.026 
_reflns.d_resolution_low                               65.049 
_reflns.details                                        ? 
_reflns.limit_h_max                                    ? 
_reflns.limit_h_min                                    ? 
_reflns.limit_k_max                                    ? 
_reflns.limit_k_min                                    ? 
_reflns.limit_l_max                                    ? 
_reflns.limit_l_min                                    ? 
_reflns.number_all                                     ? 
_reflns.number_obs                                     2319 
_reflns.observed_criterion                             ? 
_reflns.observed_criterion_F_max                       ? 
_reflns.observed_criterion_F_min                       ? 
_reflns.observed_criterion_I_max                       ? 
_reflns.observed_criterion_I_min                       ? 
_reflns.observed_criterion_sigma_F                     ? 
_reflns.observed_criterion_sigma_I                     ? 
_reflns.percent_possible_obs                           88.1 
_reflns.R_free_details                                 ? 
_reflns.Rmerge_F_all                                   ? 
_reflns.Rmerge_F_obs                                   ? 
_reflns.Friedel_coverage                               ? 
_reflns.number_gt                                      ? 
_reflns.threshold_expression                           ? 
_reflns.pdbx_redundancy                                10.7 
_reflns.pdbx_netI_over_av_sigmaI                       ? 
_reflns.pdbx_netI_over_sigmaI                          9.0 
_reflns.pdbx_res_netI_over_av_sigmaI_2                 ? 
_reflns.pdbx_res_netI_over_sigmaI_2                    ? 
_reflns.pdbx_chi_squared                               ? 
_reflns.pdbx_scaling_rejects                           ? 
_reflns.pdbx_d_res_high_opt                            ? 
_reflns.pdbx_d_res_low_opt                             ? 
_reflns.pdbx_d_res_opt_method                          ? 
_reflns.phase_calculation_details                      ? 
_reflns.pdbx_Rrim_I_all                                ? 
_reflns.pdbx_Rpim_I_all                                ? 
_reflns.pdbx_d_opt                                     ? 
_reflns.pdbx_number_measured_all                       ? 
_reflns.pdbx_diffrn_id                                 1 
_reflns.pdbx_ordinal                                   1 
_reflns.pdbx_CC_half                                   .998 
_reflns.pdbx_CC_star                                   ? 
_reflns.pdbx_R_split                                   ? 
_reflns.pdbx_Rmerge_I_obs                              ? 
_reflns.pdbx_Rmerge_I_all                              ? 
_reflns.pdbx_Rsym_value                                ? 
_reflns.pdbx_CC_split_method                           ? 
_reflns.pdbx_aniso_diffraction_limit_axis_1_ortho[1]   ? 
_reflns.pdbx_aniso_diffraction_limit_axis_1_ortho[2]   ? 
_reflns.pdbx_aniso_diffraction_limit_axis_1_ortho[3]   ? 
_reflns.pdbx_aniso_diffraction_limit_axis_2_ortho[1]   ? 
_reflns.pdbx_aniso_diffraction_limit_axis_2_ortho[2]   ? 
_reflns.pdbx_aniso_diffraction_limit_axis_2_ortho[3]   ? 
_reflns.pdbx_aniso_diffraction_limit_axis_3_ortho[1]   ? 
_reflns.pdbx_aniso_diffraction_limit_axis_3_ortho[2]   ? 
_reflns.pdbx_aniso_diffraction_limit_axis_3_ortho[3]   ? 
_reflns.pdbx_aniso_diffraction_limit_1                 ? 
_reflns.pdbx_aniso_diffraction_limit_2                 ? 
_reflns.pdbx_aniso_diffraction_limit_3                 ? 
_reflns.pdbx_aniso_B_tensor_eigenvector_1_ortho[1]     ? 
_reflns.pdbx_aniso_B_tensor_eigenvector_1_ortho[2]     ? 
_reflns.pdbx_aniso_B_tensor_eigenvector_1_ortho[3]     ? 
_reflns.pdbx_aniso_B_tensor_eigenvector_2_ortho[1]     ? 
_reflns.pdbx_aniso_B_tensor_eigenvector_2_ortho[2]     ? 
_reflns.pdbx_aniso_B_tensor_eigenvector_2_ortho[3]     ? 
_reflns.pdbx_aniso_B_tensor_eigenvector_3_ortho[1]     ? 
_reflns.pdbx_aniso_B_tensor_eigenvector_3_ortho[2]     ? 
_reflns.pdbx_aniso_B_tensor_eigenvector_3_ortho[3]     ? 
_reflns.pdbx_aniso_B_tensor_eigenvalue_1               ? 
_reflns.pdbx_aniso_B_tensor_eigenvalue_2               ? 
_reflns.pdbx_aniso_B_tensor_eigenvalue_3               ? 
_reflns.pdbx_orthogonalization_convention              ? 
_reflns.pdbx_percent_possible_ellipsoidal              ? 
_reflns.pdbx_percent_possible_spherical                ? 
_reflns.pdbx_percent_possible_ellipsoidal_anomalous    ? 
_reflns.pdbx_percent_possible_spherical_anomalous      ? 
_reflns.pdbx_redundancy_anomalous                      ? 
_reflns.pdbx_CC_half_anomalous                         ? 
_reflns.pdbx_absDiff_over_sigma_anomalous              ? 
_reflns.pdbx_percent_possible_anomalous                ? 
_reflns.pdbx_observed_signal_threshold                 ? 
_reflns.pdbx_signal_type                               ? 
_reflns.pdbx_signal_details                            ? 
_reflns.pdbx_signal_software_id                        ? 
# 
loop_
_reflns_shell.d_res_high 
_reflns_shell.d_res_low 
_reflns_shell.meanI_over_sigI_all 
_reflns_shell.meanI_over_sigI_obs 
_reflns_shell.number_measured_all 
_reflns_shell.number_measured_obs 
_reflns_shell.number_possible 
_reflns_shell.number_unique_all 
_reflns_shell.number_unique_obs 
_reflns_shell.percent_possible_obs 
_reflns_shell.Rmerge_F_all 
_reflns_shell.Rmerge_F_obs 
_reflns_shell.meanI_over_sigI_gt 
_reflns_shell.meanI_over_uI_all 
_reflns_shell.meanI_over_uI_gt 
_reflns_shell.number_measured_gt 
_reflns_shell.number_unique_gt 
_reflns_shell.percent_possible_gt 
_reflns_shell.Rmerge_F_gt 
_reflns_shell.Rmerge_I_gt 
_reflns_shell.pdbx_redundancy 
_reflns_shell.pdbx_chi_squared 
_reflns_shell.pdbx_netI_over_sigmaI_all 
_reflns_shell.pdbx_netI_over_sigmaI_obs 
_reflns_shell.pdbx_Rrim_I_all 
_reflns_shell.pdbx_Rpim_I_all 
_reflns_shell.pdbx_rejects 
_reflns_shell.pdbx_ordinal 
_reflns_shell.pdbx_diffrn_id 
_reflns_shell.pdbx_CC_half 
_reflns_shell.pdbx_CC_star 
_reflns_shell.pdbx_R_split 
_reflns_shell.percent_possible_all 
_reflns_shell.Rmerge_I_all 
_reflns_shell.Rmerge_I_obs 
_reflns_shell.pdbx_Rsym_value 
_reflns_shell.pdbx_percent_possible_ellipsoidal 
_reflns_shell.pdbx_percent_possible_spherical 
_reflns_shell.pdbx_percent_possible_ellipsoidal_anomalous 
_reflns_shell.pdbx_percent_possible_spherical_anomalous 
_reflns_shell.pdbx_redundancy_anomalous 
_reflns_shell.pdbx_CC_half_anomalous 
_reflns_shell.pdbx_absDiff_over_sigma_anomalous 
_reflns_shell.pdbx_percent_possible_anomalous 
4.026  4.372  ? ? ? ? ? ? 192 ? ? ? ? ? ? ? ? ? ? ? ? ? ? ? ? ? ? 1 1 .384 ? ? ? ? ? ? ? ? ? ? ? ? ? ? 
10.356 65.049 ? ? ? ? ? ? 193 ? ? ? ? ? ? ? ? ? ? ? ? ? ? ? ? ? ? 2 1 .998 ? ? ? ? ? ? ? ? ? ? ? ? ? ? 
# 
_refine.aniso_B[1][1]                            ? 
_refine.aniso_B[1][2]                            ? 
_refine.aniso_B[1][3]                            ? 
_refine.aniso_B[2][2]                            ? 
_refine.aniso_B[2][3]                            ? 
_refine.aniso_B[3][3]                            ? 
_refine.B_iso_max                                ? 
_refine.B_iso_mean                               199.98 
_refine.B_iso_min                                ? 
_refine.correlation_coeff_Fo_to_Fc               ? 
_refine.correlation_coeff_Fo_to_Fc_free          ? 
_refine.details                                  ? 
_refine.diff_density_max                         ? 
_refine.diff_density_max_esd                     ? 
_refine.diff_density_min                         ? 
_refine.diff_density_min_esd                     ? 
_refine.diff_density_rms                         ? 
_refine.diff_density_rms_esd                     ? 
_refine.entry_id                                 9NFO 
_refine.pdbx_refine_id                           'X-RAY DIFFRACTION' 
_refine.ls_abs_structure_details                 ? 
_refine.ls_abs_structure_Flack                   ? 
_refine.ls_abs_structure_Flack_esd               ? 
_refine.ls_abs_structure_Rogers                  ? 
_refine.ls_abs_structure_Rogers_esd              ? 
_refine.ls_d_res_high                            4.03 
_refine.ls_d_res_low                             32.81 
_refine.ls_extinction_coef                       ? 
_refine.ls_extinction_coef_esd                   ? 
_refine.ls_extinction_expression                 ? 
_refine.ls_extinction_method                     ? 
_refine.ls_goodness_of_fit_all                   ? 
_refine.ls_goodness_of_fit_all_esd               ? 
_refine.ls_goodness_of_fit_obs                   ? 
_refine.ls_goodness_of_fit_obs_esd               ? 
_refine.ls_hydrogen_treatment                    ? 
_refine.ls_matrix_type                           ? 
_refine.ls_number_constraints                    ? 
_refine.ls_number_parameters                     ? 
_refine.ls_number_reflns_all                     ? 
_refine.ls_number_reflns_obs                     2306 
_refine.ls_number_reflns_R_free                  109 
_refine.ls_number_reflns_R_work                  2197 
_refine.ls_number_restraints                     ? 
_refine.ls_percent_reflns_obs                    71.06 
_refine.ls_percent_reflns_R_free                 4.73 
_refine.ls_R_factor_all                          ? 
_refine.ls_R_factor_obs                          0.1942 
_refine.ls_R_factor_R_free                       0.2004 
_refine.ls_R_factor_R_free_error                 ? 
_refine.ls_R_factor_R_free_error_details         ? 
_refine.ls_R_factor_R_work                       0.1928 
_refine.ls_R_Fsqd_factor_obs                     ? 
_refine.ls_R_I_factor_obs                        ? 
_refine.ls_redundancy_reflns_all                 ? 
_refine.ls_redundancy_reflns_obs                 ? 
_refine.ls_restrained_S_all                      ? 
_refine.ls_restrained_S_obs                      ? 
_refine.ls_shift_over_esd_max                    ? 
_refine.ls_shift_over_esd_mean                   ? 
_refine.ls_structure_factor_coef                 ? 
_refine.ls_weighting_details                     ? 
_refine.ls_weighting_scheme                      ? 
_refine.ls_wR_factor_all                         ? 
_refine.ls_wR_factor_obs                         ? 
_refine.ls_wR_factor_R_free                      ? 
_refine.ls_wR_factor_R_work                      ? 
_refine.occupancy_max                            ? 
_refine.occupancy_min                            ? 
_refine.solvent_model_details                    'FLAT BULK SOLVENT MODEL' 
_refine.solvent_model_param_bsol                 ? 
_refine.solvent_model_param_ksol                 ? 
_refine.correlation_coeff_I_to_Fcsqd_work        ? 
_refine.correlation_coeff_I_to_Fcsqd_free        ? 
_refine.pdbx_R_complete                          ? 
_refine.ls_R_factor_gt                           ? 
_refine.ls_goodness_of_fit_gt                    ? 
_refine.ls_goodness_of_fit_ref                   ? 
_refine.ls_shift_over_su_max                     ? 
_refine.ls_shift_over_su_max_lt                  ? 
_refine.ls_shift_over_su_mean                    ? 
_refine.ls_shift_over_su_mean_lt                 ? 
_refine.pdbx_ls_sigma_I                          ? 
_refine.pdbx_ls_sigma_F                          1.96 
_refine.pdbx_ls_sigma_Fsqd                       ? 
_refine.pdbx_data_cutoff_high_absF               ? 
_refine.pdbx_data_cutoff_high_rms_absF           ? 
_refine.pdbx_data_cutoff_low_absF                ? 
_refine.pdbx_isotropic_thermal_model             ? 
_refine.pdbx_ls_cross_valid_method               'FREE R-VALUE' 
_refine.pdbx_method_to_determine_struct          'MOLECULAR REPLACEMENT' 
_refine.pdbx_starting_model                      ? 
_refine.pdbx_stereochemistry_target_values       'GeoStd + Monomer Library + CDL v1.2' 
_refine.pdbx_R_Free_selection_details            ? 
_refine.pdbx_stereochem_target_val_spec_case     ? 
_refine.pdbx_overall_ESU_R                       ? 
_refine.pdbx_overall_ESU_R_Free                  ? 
_refine.pdbx_solvent_vdw_probe_radii             1.1000 
_refine.pdbx_solvent_ion_probe_radii             ? 
_refine.pdbx_solvent_shrinkage_radii             0.9000 
_refine.pdbx_real_space_R                        ? 
_refine.pdbx_density_correlation                 ? 
_refine.pdbx_pd_number_of_powder_patterns        ? 
_refine.pdbx_pd_number_of_points                 ? 
_refine.pdbx_pd_meas_number_of_points            ? 
_refine.pdbx_pd_proc_ls_prof_R_factor            ? 
_refine.pdbx_pd_proc_ls_prof_wR_factor           ? 
_refine.pdbx_pd_Marquardt_correlation_coeff      ? 
_refine.pdbx_pd_Fsqrd_R_factor                   ? 
_refine.pdbx_pd_ls_matrix_band_width             ? 
_refine.pdbx_overall_phase_error                 31.4027 
_refine.pdbx_overall_SU_R_free_Cruickshank_DPI   ? 
_refine.pdbx_overall_SU_R_free_Blow_DPI          ? 
_refine.pdbx_overall_SU_R_Blow_DPI               ? 
_refine.pdbx_TLS_residual_ADP_flag               ? 
_refine.pdbx_diffrn_id                           1 
_refine.overall_SU_B                             ? 
_refine.overall_SU_ML                            0.0000 
_refine.overall_SU_R_Cruickshank_DPI             ? 
_refine.overall_SU_R_free                        ? 
_refine.overall_FOM_free_R_set                   ? 
_refine.overall_FOM_work_R_set                   ? 
_refine.pdbx_average_fsc_overall                 ? 
_refine.pdbx_average_fsc_work                    ? 
_refine.pdbx_average_fsc_free                    ? 
# 
_refine_hist.pdbx_refine_id                   'X-RAY DIFFRACTION' 
_refine_hist.cycle_id                         LAST 
_refine_hist.details                          ? 
_refine_hist.d_res_high                       4.03 
_refine_hist.d_res_low                        32.81 
_refine_hist.number_atoms_solvent             0 
_refine_hist.number_atoms_total               855 
_refine_hist.number_reflns_all                ? 
_refine_hist.number_reflns_obs                ? 
_refine_hist.number_reflns_R_free             ? 
_refine_hist.number_reflns_R_work             ? 
_refine_hist.R_factor_all                     ? 
_refine_hist.R_factor_obs                     ? 
_refine_hist.R_factor_R_free                  ? 
_refine_hist.R_factor_R_work                  ? 
_refine_hist.pdbx_number_residues_total       ? 
_refine_hist.pdbx_B_iso_mean_ligand           ? 
_refine_hist.pdbx_B_iso_mean_solvent          ? 
_refine_hist.pdbx_number_atoms_protein        0 
_refine_hist.pdbx_number_atoms_nucleic_acid   855 
_refine_hist.pdbx_number_atoms_ligand         0 
_refine_hist.pdbx_number_atoms_lipid          ? 
_refine_hist.pdbx_number_atoms_carb           ? 
_refine_hist.pdbx_pseudo_atom_details         ? 
# 
loop_
_refine_ls_restr.pdbx_refine_id 
_refine_ls_restr.criterion 
_refine_ls_restr.dev_ideal 
_refine_ls_restr.dev_ideal_target 
_refine_ls_restr.number 
_refine_ls_restr.rejects 
_refine_ls_restr.type 
_refine_ls_restr.weight 
_refine_ls_restr.pdbx_restraint_function 
'X-RAY DIFFRACTION' ? 0.0078  ? 956  ? f_bond_d           ? ? 
'X-RAY DIFFRACTION' ? 0.9645  ? 1467 ? f_angle_d          ? ? 
'X-RAY DIFFRACTION' ? 0.0497  ? 166  ? f_chiral_restr     ? ? 
'X-RAY DIFFRACTION' ? 0.0044  ? 42   ? f_plane_restr      ? ? 
'X-RAY DIFFRACTION' ? 41.6059 ? 442  ? f_dihedral_angle_d ? ? 
# 
_refine_ls_shell.pdbx_refine_id                      'X-RAY DIFFRACTION' 
_refine_ls_shell.d_res_high                          4.03 
_refine_ls_shell.d_res_low                           32.81 
_refine_ls_shell.number_reflns_all                   ? 
_refine_ls_shell.number_reflns_obs                   ? 
_refine_ls_shell.number_reflns_R_free                109 
_refine_ls_shell.number_reflns_R_work                2197 
_refine_ls_shell.percent_reflns_obs                  71.06 
_refine_ls_shell.percent_reflns_R_free               ? 
_refine_ls_shell.R_factor_all                        ? 
_refine_ls_shell.R_factor_obs                        ? 
_refine_ls_shell.R_factor_R_free_error               ? 
_refine_ls_shell.R_factor_R_work                     0.1928 
_refine_ls_shell.redundancy_reflns_all               ? 
_refine_ls_shell.redundancy_reflns_obs               ? 
_refine_ls_shell.wR_factor_all                       ? 
_refine_ls_shell.wR_factor_obs                       ? 
_refine_ls_shell.wR_factor_R_free                    ? 
_refine_ls_shell.wR_factor_R_work                    ? 
_refine_ls_shell.pdbx_R_complete                     ? 
_refine_ls_shell.correlation_coeff_Fo_to_Fc          ? 
_refine_ls_shell.correlation_coeff_Fo_to_Fc_free     ? 
_refine_ls_shell.correlation_coeff_I_to_Fcsqd_work   ? 
_refine_ls_shell.correlation_coeff_I_to_Fcsqd_free   ? 
_refine_ls_shell.pdbx_total_number_of_bins_used      ? 
_refine_ls_shell.pdbx_phase_error                    ? 
_refine_ls_shell.pdbx_fsc_work                       ? 
_refine_ls_shell.pdbx_fsc_free                       ? 
_refine_ls_shell.R_factor_R_free                     0.2004 
# 
_struct.entry_id                     9NFO 
_struct.title                        
'[6,7,7-1] Shifted tensegrity triangle with an (arm,center,arm) distribution of (6,7,7) base pairs and 1 nt sticky ends' 
_struct.pdbx_model_details           ? 
_struct.pdbx_formula_weight          ? 
_struct.pdbx_formula_weight_method   ? 
_struct.pdbx_model_type_details      ? 
_struct.pdbx_CASP_flag               N 
# 
_struct_keywords.entry_id        9NFO 
_struct_keywords.text            'tensegrity triangle, DNA' 
_struct_keywords.pdbx_keywords   DNA 
# 
loop_
_struct_asym.id 
_struct_asym.pdbx_blank_PDB_chainid_flag 
_struct_asym.pdbx_modified 
_struct_asym.entity_id 
_struct_asym.details 
A N N 1 ? 
B N N 2 ? 
C N N 3 ? 
D N N 4 ? 
# 
loop_
_struct_ref.id 
_struct_ref.db_name 
_struct_ref.db_code 
_struct_ref.pdbx_db_accession 
_struct_ref.pdbx_db_isoform 
_struct_ref.entity_id 
_struct_ref.pdbx_seq_one_letter_code 
_struct_ref.pdbx_align_begin 
1 PDB 9NFO 9NFO ? 1 ? 1 
2 PDB 9NFO 9NFO ? 2 ? 1 
3 PDB 9NFO 9NFO ? 3 ? 1 
4 PDB 9NFO 9NFO ? 4 ? 1 
# 
loop_
_struct_ref_seq.align_id 
_struct_ref_seq.ref_id 
_struct_ref_seq.pdbx_PDB_id_code 
_struct_ref_seq.pdbx_strand_id 
_struct_ref_seq.seq_align_beg 
_struct_ref_seq.pdbx_seq_align_beg_ins_code 
_struct_ref_seq.seq_align_end 
_struct_ref_seq.pdbx_seq_align_end_ins_code 
_struct_ref_seq.pdbx_db_accession 
_struct_ref_seq.db_align_beg 
_struct_ref_seq.pdbx_db_align_beg_ins_code 
_struct_ref_seq.db_align_end 
_struct_ref_seq.pdbx_db_align_end_ins_code 
_struct_ref_seq.pdbx_auth_seq_align_beg 
_struct_ref_seq.pdbx_auth_seq_align_end 
1 1 9NFO A 1 ? 11 ? 9NFO 102 ? 112 ? 102 112 
2 2 9NFO B 1 ? 7  ? 9NFO 105 ? 114 ? 105 114 
3 3 9NFO C 1 ? 14 ? 9NFO 101 ? 114 ? 101 114 
4 4 9NFO D 1 ? 10 ? 9NFO 113 ? 122 ? 113 122 
# 
_pdbx_struct_assembly.id                   1 
_pdbx_struct_assembly.details              author_defined_assembly 
_pdbx_struct_assembly.method_details       ? 
_pdbx_struct_assembly.oligomeric_details   dodecameric 
_pdbx_struct_assembly.oligomeric_count     12 
# 
loop_
_pdbx_struct_assembly_gen.assembly_id 
_pdbx_struct_assembly_gen.oper_expression 
_pdbx_struct_assembly_gen.asym_id_list 
1 1 A,B,C,D 
1 2 A,B,C,D 
1 3 A,B,C,D 
# 
_pdbx_struct_assembly_auth_evidence.id                     1 
_pdbx_struct_assembly_auth_evidence.assembly_id            1 
_pdbx_struct_assembly_auth_evidence.experimental_support   'native gel electrophoresis' 
_pdbx_struct_assembly_auth_evidence.details                ? 
# 
loop_
_pdbx_struct_oper_list.id 
_pdbx_struct_oper_list.type 
_pdbx_struct_oper_list.name 
_pdbx_struct_oper_list.symmetry_operation 
_pdbx_struct_oper_list.matrix[1][1] 
_pdbx_struct_oper_list.matrix[1][2] 
_pdbx_struct_oper_list.matrix[1][3] 
_pdbx_struct_oper_list.vector[1] 
_pdbx_struct_oper_list.matrix[2][1] 
_pdbx_struct_oper_list.matrix[2][2] 
_pdbx_struct_oper_list.matrix[2][3] 
_pdbx_struct_oper_list.vector[2] 
_pdbx_struct_oper_list.matrix[3][1] 
_pdbx_struct_oper_list.matrix[3][2] 
_pdbx_struct_oper_list.matrix[3][3] 
_pdbx_struct_oper_list.vector[3] 
1 'identity operation'         1_555 x,y,z     1.0000000000  0.0000000000 0.0000000000  0.0000000000  0.0000000000 1.0000000000 0.0000000000  0.0000000000   0.0000000000  0.0000000000  1.0000000000  0.0000000000   
2 'crystal symmetry operation' 2_555 -y,x-y,z  -0.3148986297 0.0577426401 -0.9473672153 11.0521494771 0.8148221339 0.5283139498 -0.2386404422 -19.4839927680 0.4867275862  -0.8470833241 -0.2134153201 -28.0251826076 
3 'crystal symmetry operation' 3_555 -x+y,-x,z -0.3148986297 0.8148221339 0.4867275862  32.9969247731 0.0577426401 0.5283139498 -0.8470833241 -14.0841799541 -0.9473672153 -0.2386404422 -0.2134153201 -0.1602278928 
# 
loop_
_struct_conn.id 
_struct_conn.conn_type_id 
_struct_conn.pdbx_leaving_atom_flag 
_struct_conn.pdbx_PDB_id 
_struct_conn.ptnr1_label_asym_id 
_struct_conn.ptnr1_label_comp_id 
_struct_conn.ptnr1_label_seq_id 
_struct_conn.ptnr1_label_atom_id 
_struct_conn.pdbx_ptnr1_label_alt_id 
_struct_conn.pdbx_ptnr1_PDB_ins_code 
_struct_conn.pdbx_ptnr1_standard_comp_id 
_struct_conn.ptnr1_symmetry 
_struct_conn.ptnr2_label_asym_id 
_struct_conn.ptnr2_label_comp_id 
_struct_conn.ptnr2_label_seq_id 
_struct_conn.ptnr2_label_atom_id 
_struct_conn.pdbx_ptnr2_label_alt_id 
_struct_conn.pdbx_ptnr2_PDB_ins_code 
_struct_conn.ptnr1_auth_asym_id 
_struct_conn.ptnr1_auth_comp_id 
_struct_conn.ptnr1_auth_seq_id 
_struct_conn.ptnr2_auth_asym_id 
_struct_conn.ptnr2_auth_comp_id 
_struct_conn.ptnr2_auth_seq_id 
_struct_conn.ptnr2_symmetry 
_struct_conn.pdbx_ptnr3_label_atom_id 
_struct_conn.pdbx_ptnr3_label_seq_id 
_struct_conn.pdbx_ptnr3_label_comp_id 
_struct_conn.pdbx_ptnr3_label_asym_id 
_struct_conn.pdbx_ptnr3_label_alt_id 
_struct_conn.pdbx_ptnr3_PDB_ins_code 
_struct_conn.details 
_struct_conn.pdbx_dist_value 
_struct_conn.pdbx_value_order 
_struct_conn.pdbx_role 
hydrog1  hydrog ? ? A DG 1  N1 ? ? ? 1_555 C DT 14 O4 ? ? A DG 102 C DT 114 1_555 ? ? ? ? ? ? 'DG-DT MISPAIR' ? ? ? 
hydrog2  hydrog ? ? A DA 2  N1 ? ? ? 1_555 C DT 14 N3 ? ? A DA 103 C DT 114 1_555 ? ? ? ? ? ? WATSON-CRICK    ? ? ? 
hydrog3  hydrog ? ? A DA 2  N6 ? ? ? 1_555 C DT 14 O4 ? ? A DA 103 C DT 114 1_555 ? ? ? ? ? ? WATSON-CRICK    ? ? ? 
hydrog4  hydrog ? ? A DG 3  N1 ? ? ? 1_555 C DC 13 N3 ? ? A DG 104 C DC 113 1_555 ? ? ? ? ? ? WATSON-CRICK    ? ? ? 
hydrog5  hydrog ? ? A DG 3  N2 ? ? ? 1_555 C DC 13 O2 ? ? A DG 104 C DC 113 1_555 ? ? ? ? ? ? WATSON-CRICK    ? ? ? 
hydrog6  hydrog ? ? A DG 3  O6 ? ? ? 1_555 C DC 13 N4 ? ? A DG 104 C DC 113 1_555 ? ? ? ? ? ? WATSON-CRICK    ? ? ? 
hydrog7  hydrog ? ? A DC 4  N3 ? ? ? 1_555 C DG 12 N1 ? ? A DC 105 C DG 112 1_555 ? ? ? ? ? ? WATSON-CRICK    ? ? ? 
hydrog8  hydrog ? ? A DC 4  N4 ? ? ? 1_555 C DG 12 O6 ? ? A DC 105 C DG 112 1_555 ? ? ? ? ? ? WATSON-CRICK    ? ? ? 
hydrog9  hydrog ? ? A DC 4  O2 ? ? ? 1_555 C DG 12 N2 ? ? A DC 105 C DG 112 1_555 ? ? ? ? ? ? WATSON-CRICK    ? ? ? 
hydrog10 hydrog ? ? A DA 5  N1 ? ? ? 1_555 C DT 11 N3 ? ? A DA 106 C DT 111 1_555 ? ? ? ? ? ? WATSON-CRICK    ? ? ? 
hydrog11 hydrog ? ? A DA 5  N6 ? ? ? 1_555 C DT 11 O4 ? ? A DA 106 C DT 111 1_555 ? ? ? ? ? ? WATSON-CRICK    ? ? ? 
hydrog12 hydrog ? ? A DC 6  N3 ? ? ? 1_555 C DG 10 N1 ? ? A DC 107 C DG 110 1_555 ? ? ? ? ? ? WATSON-CRICK    ? ? ? 
hydrog13 hydrog ? ? A DC 6  N4 ? ? ? 1_555 C DG 10 O6 ? ? A DC 107 C DG 110 1_555 ? ? ? ? ? ? WATSON-CRICK    ? ? ? 
hydrog14 hydrog ? ? A DC 6  O2 ? ? ? 1_555 C DG 10 N2 ? ? A DC 107 C DG 110 1_555 ? ? ? ? ? ? WATSON-CRICK    ? ? ? 
hydrog15 hydrog ? ? A DC 7  N3 ? ? ? 1_555 C DG 9  N1 ? ? A DC 108 C DG 109 1_555 ? ? ? ? ? ? WATSON-CRICK    ? ? ? 
hydrog16 hydrog ? ? A DC 7  N4 ? ? ? 1_555 C DG 9  O6 ? ? A DC 108 C DG 109 1_555 ? ? ? ? ? ? WATSON-CRICK    ? ? ? 
hydrog17 hydrog ? ? A DC 7  O2 ? ? ? 1_555 C DG 9  N2 ? ? A DC 108 C DG 109 1_555 ? ? ? ? ? ? WATSON-CRICK    ? ? ? 
hydrog18 hydrog ? ? A DT 8  N3 ? ? ? 1_555 B DA 3  N1 ? ? A DT 109 B DA 107 1_555 ? ? ? ? ? ? WATSON-CRICK    ? ? ? 
hydrog19 hydrog ? ? A DT 8  O4 ? ? ? 1_555 B DA 3  N6 ? ? A DT 109 B DA 107 1_555 ? ? ? ? ? ? WATSON-CRICK    ? ? ? 
hydrog20 hydrog ? ? A DG 9  N1 ? ? ? 1_555 B DC 2  N3 ? ? A DG 110 B DC 106 1_555 ? ? ? ? ? ? WATSON-CRICK    ? ? ? 
hydrog21 hydrog ? ? A DG 9  N2 ? ? ? 1_555 B DC 2  O2 ? ? A DG 110 B DC 106 1_555 ? ? ? ? ? ? WATSON-CRICK    ? ? ? 
hydrog22 hydrog ? ? A DG 9  O6 ? ? ? 1_555 B DC 2  N4 ? ? A DG 110 B DC 106 1_555 ? ? ? ? ? ? WATSON-CRICK    ? ? ? 
hydrog23 hydrog ? ? A DT 10 N3 ? ? ? 1_555 B DA 1  N1 ? ? A DT 111 B DA 105 1_555 ? ? ? ? ? ? WATSON-CRICK    ? ? ? 
hydrog24 hydrog ? ? A DT 10 O4 ? ? ? 1_555 B DA 1  N6 ? ? A DT 111 B DA 105 1_555 ? ? ? ? ? ? WATSON-CRICK    ? ? ? 
hydrog25 hydrog ? ? B DC 4  N3 ? ? ? 1_555 D DG 3  N1 ? ? B DC 111 D DG 115 1_555 ? ? ? ? ? ? WATSON-CRICK    ? ? ? 
hydrog26 hydrog ? ? B DC 4  N4 ? ? ? 1_555 D DG 3  O6 ? ? B DC 111 D DG 115 1_555 ? ? ? ? ? ? WATSON-CRICK    ? ? ? 
hydrog27 hydrog ? ? B DC 4  O2 ? ? ? 1_555 D DG 3  N2 ? ? B DC 111 D DG 115 1_555 ? ? ? ? ? ? WATSON-CRICK    ? ? ? 
hydrog28 hydrog ? ? B DC 5  N3 ? ? ? 1_555 D DG 2  N1 ? ? B DC 112 D DG 114 1_555 ? ? ? ? ? ? WATSON-CRICK    ? ? ? 
hydrog29 hydrog ? ? B DC 5  N4 ? ? ? 1_555 D DG 2  O6 ? ? B DC 112 D DG 114 1_555 ? ? ? ? ? ? WATSON-CRICK    ? ? ? 
hydrog30 hydrog ? ? B DC 5  O2 ? ? ? 1_555 D DG 2  N2 ? ? B DC 112 D DG 114 1_555 ? ? ? ? ? ? WATSON-CRICK    ? ? ? 
hydrog31 hydrog ? ? B DG 6  N1 ? ? ? 1_555 D DC 1  N3 ? ? B DG 113 D DC 113 1_555 ? ? ? ? ? ? WATSON-CRICK    ? ? ? 
hydrog32 hydrog ? ? B DG 6  N2 ? ? ? 1_555 D DC 1  O2 ? ? B DG 113 D DC 113 1_555 ? ? ? ? ? ? WATSON-CRICK    ? ? ? 
hydrog33 hydrog ? ? B DG 6  O6 ? ? ? 1_555 D DC 1  N4 ? ? B DG 113 D DC 113 1_555 ? ? ? ? ? ? WATSON-CRICK    ? ? ? 
hydrog34 hydrog ? ? C DT 2  N3 ? ? ? 1_555 D DA 10 N1 ? ? C DT 102 D DA 122 1_555 ? ? ? ? ? ? WATSON-CRICK    ? ? ? 
hydrog35 hydrog ? ? C DT 2  O4 ? ? ? 1_555 D DA 10 N6 ? ? C DT 102 D DA 122 1_555 ? ? ? ? ? ? WATSON-CRICK    ? ? ? 
hydrog36 hydrog ? ? C DG 3  N1 ? ? ? 1_555 D DC 9  N3 ? ? C DG 103 D DC 121 1_555 ? ? ? ? ? ? WATSON-CRICK    ? ? ? 
hydrog37 hydrog ? ? C DG 3  N2 ? ? ? 1_555 D DC 9  O2 ? ? C DG 103 D DC 121 1_555 ? ? ? ? ? ? WATSON-CRICK    ? ? ? 
hydrog38 hydrog ? ? C DG 3  O6 ? ? ? 1_555 D DC 9  N4 ? ? C DG 103 D DC 121 1_555 ? ? ? ? ? ? WATSON-CRICK    ? ? ? 
hydrog39 hydrog ? ? C DA 4  N1 ? ? ? 1_555 D DT 8  N3 ? ? C DA 104 D DT 120 1_555 ? ? ? ? ? ? WATSON-CRICK    ? ? ? 
hydrog40 hydrog ? ? C DA 4  N6 ? ? ? 1_555 D DT 8  O4 ? ? C DA 104 D DT 120 1_555 ? ? ? ? ? ? WATSON-CRICK    ? ? ? 
hydrog41 hydrog ? ? C DC 5  N3 ? ? ? 1_555 D DG 7  N1 ? ? C DC 105 D DG 119 1_555 ? ? ? ? ? ? WATSON-CRICK    ? ? ? 
hydrog42 hydrog ? ? C DC 5  N4 ? ? ? 1_555 D DG 7  O6 ? ? C DC 105 D DG 119 1_555 ? ? ? ? ? ? WATSON-CRICK    ? ? ? 
hydrog43 hydrog ? ? C DC 5  O2 ? ? ? 1_555 D DG 7  N2 ? ? C DC 105 D DG 119 1_555 ? ? ? ? ? ? WATSON-CRICK    ? ? ? 
hydrog44 hydrog ? ? C DT 6  N3 ? ? ? 1_555 D DA 6  N1 ? ? C DT 106 D DA 118 1_555 ? ? ? ? ? ? WATSON-CRICK    ? ? ? 
hydrog45 hydrog ? ? C DT 6  O4 ? ? ? 1_555 D DA 6  N6 ? ? C DT 106 D DA 118 1_555 ? ? ? ? ? ? WATSON-CRICK    ? ? ? 
hydrog46 hydrog ? ? C DG 7  N1 ? ? ? 1_555 D DC 5  N3 ? ? C DG 107 D DC 117 1_555 ? ? ? ? ? ? WATSON-CRICK    ? ? ? 
hydrog47 hydrog ? ? C DG 7  N2 ? ? ? 1_555 D DC 5  O2 ? ? C DG 107 D DC 117 1_555 ? ? ? ? ? ? WATSON-CRICK    ? ? ? 
hydrog48 hydrog ? ? C DG 7  O6 ? ? ? 1_555 D DC 5  N4 ? ? C DG 107 D DC 117 1_555 ? ? ? ? ? ? WATSON-CRICK    ? ? ? 
hydrog49 hydrog ? ? C DT 8  N3 ? ? ? 1_555 D DA 4  N1 ? ? C DT 108 D DA 116 1_555 ? ? ? ? ? ? WATSON-CRICK    ? ? ? 
hydrog50 hydrog ? ? C DT 8  O4 ? ? ? 1_555 D DA 4  N6 ? ? C DT 108 D DA 116 1_555 ? ? ? ? ? ? WATSON-CRICK    ? ? ? 
# 
_struct_conn_type.id          hydrog 
_struct_conn_type.criteria    ? 
_struct_conn_type.reference   ? 
# 
_pdbx_entry_details.entry_id                   9NFO 
_pdbx_entry_details.compound_details           ? 
_pdbx_entry_details.source_details             ? 
_pdbx_entry_details.nonpolymer_details         ? 
_pdbx_entry_details.sequence_details           ? 
_pdbx_entry_details.has_ligand_of_interest     ? 
_pdbx_entry_details.has_protein_modification   N 
# 
_pdbx_validate_rmsd_bond.id                        1 
_pdbx_validate_rmsd_bond.PDB_model_num             1 
_pdbx_validate_rmsd_bond.auth_atom_id_1            "O3'" 
_pdbx_validate_rmsd_bond.auth_asym_id_1            B 
_pdbx_validate_rmsd_bond.auth_comp_id_1            DA 
_pdbx_validate_rmsd_bond.auth_seq_id_1             105 
_pdbx_validate_rmsd_bond.PDB_ins_code_1            ? 
_pdbx_validate_rmsd_bond.label_alt_id_1            ? 
_pdbx_validate_rmsd_bond.auth_atom_id_2            "C3'" 
_pdbx_validate_rmsd_bond.auth_asym_id_2            B 
_pdbx_validate_rmsd_bond.auth_comp_id_2            DA 
_pdbx_validate_rmsd_bond.auth_seq_id_2             105 
_pdbx_validate_rmsd_bond.PDB_ins_code_2            ? 
_pdbx_validate_rmsd_bond.label_alt_id_2            ? 
_pdbx_validate_rmsd_bond.bond_value                1.375 
_pdbx_validate_rmsd_bond.bond_target_value         1.419 
_pdbx_validate_rmsd_bond.bond_deviation            -0.044 
_pdbx_validate_rmsd_bond.bond_standard_deviation   0.006 
_pdbx_validate_rmsd_bond.linker_flag               N 
# 
loop_
_pdbx_validate_rmsd_angle.id 
_pdbx_validate_rmsd_angle.PDB_model_num 
_pdbx_validate_rmsd_angle.auth_atom_id_1 
_pdbx_validate_rmsd_angle.auth_asym_id_1 
_pdbx_validate_rmsd_angle.auth_comp_id_1 
_pdbx_validate_rmsd_angle.auth_seq_id_1 
_pdbx_validate_rmsd_angle.PDB_ins_code_1 
_pdbx_validate_rmsd_angle.label_alt_id_1 
_pdbx_validate_rmsd_angle.auth_atom_id_2 
_pdbx_validate_rmsd_angle.auth_asym_id_2 
_pdbx_validate_rmsd_angle.auth_comp_id_2 
_pdbx_validate_rmsd_angle.auth_seq_id_2 
_pdbx_validate_rmsd_angle.PDB_ins_code_2 
_pdbx_validate_rmsd_angle.label_alt_id_2 
_pdbx_validate_rmsd_angle.auth_atom_id_3 
_pdbx_validate_rmsd_angle.auth_asym_id_3 
_pdbx_validate_rmsd_angle.auth_comp_id_3 
_pdbx_validate_rmsd_angle.auth_seq_id_3 
_pdbx_validate_rmsd_angle.PDB_ins_code_3 
_pdbx_validate_rmsd_angle.label_alt_id_3 
_pdbx_validate_rmsd_angle.angle_value 
_pdbx_validate_rmsd_angle.angle_target_value 
_pdbx_validate_rmsd_angle.angle_deviation 
_pdbx_validate_rmsd_angle.angle_standard_deviation 
_pdbx_validate_rmsd_angle.linker_flag 
1 1 "O4'" A DG 102 ? ? "C1'" A DG 102 ? ? N9 A DG 102 ? ? 110.67 108.30 2.37 0.30 N 
2 1 "O4'" A DC 105 ? ? "C1'" A DC 105 ? ? N1 A DC 105 ? ? 110.19 108.30 1.89 0.30 N 
3 1 "O4'" B DT 114 ? ? "C1'" B DT 114 ? ? N1 B DT 114 ? ? 111.10 108.30 2.80 0.30 N 
4 1 "O4'" C DG 103 ? ? "C1'" C DG 103 ? ? N9 C DG 103 ? ? 110.66 108.30 2.36 0.30 N 
5 1 "O4'" C DC 105 ? ? "C1'" C DC 105 ? ? N1 C DC 105 ? ? 110.27 108.30 1.97 0.30 N 
# 
loop_
_space_group_symop.id 
_space_group_symop.operation_xyz 
1 x,y,z                 
2 -y,x-y,z              
3 -x+y,-x,z             
4 x+1/3,y+2/3,z+2/3     
5 -y+1/3,x-y+2/3,z+2/3  
6 -x+y+1/3,-x+2/3,z+2/3 
7 x+2/3,y+1/3,z+1/3     
8 -y+2/3,x-y+1/3,z+1/3  
9 -x+y+2/3,-x+1/3,z+1/3 
# 
loop_
_pdbx_refine_tls.id 
_pdbx_refine_tls.pdbx_refine_id 
_pdbx_refine_tls.details 
_pdbx_refine_tls.method 
_pdbx_refine_tls.origin_x 
_pdbx_refine_tls.origin_y 
_pdbx_refine_tls.origin_z 
_pdbx_refine_tls.T[1][1] 
_pdbx_refine_tls.T[1][1]_esd 
_pdbx_refine_tls.T[1][2] 
_pdbx_refine_tls.T[1][2]_esd 
_pdbx_refine_tls.T[1][3] 
_pdbx_refine_tls.T[1][3]_esd 
_pdbx_refine_tls.T[2][2] 
_pdbx_refine_tls.T[2][2]_esd 
_pdbx_refine_tls.T[2][3] 
_pdbx_refine_tls.T[2][3]_esd 
_pdbx_refine_tls.T[3][3] 
_pdbx_refine_tls.T[3][3]_esd 
_pdbx_refine_tls.L[1][1] 
_pdbx_refine_tls.L[1][1]_esd 
_pdbx_refine_tls.L[1][2] 
_pdbx_refine_tls.L[1][2]_esd 
_pdbx_refine_tls.L[1][3] 
_pdbx_refine_tls.L[1][3]_esd 
_pdbx_refine_tls.L[2][2] 
_pdbx_refine_tls.L[2][2]_esd 
_pdbx_refine_tls.L[2][3] 
_pdbx_refine_tls.L[2][3]_esd 
_pdbx_refine_tls.L[3][3] 
_pdbx_refine_tls.L[3][3]_esd 
_pdbx_refine_tls.S[1][1] 
_pdbx_refine_tls.S[1][1]_esd 
_pdbx_refine_tls.S[1][2] 
_pdbx_refine_tls.S[1][2]_esd 
_pdbx_refine_tls.S[1][3] 
_pdbx_refine_tls.S[1][3]_esd 
_pdbx_refine_tls.S[2][1] 
_pdbx_refine_tls.S[2][1]_esd 
_pdbx_refine_tls.S[2][2] 
_pdbx_refine_tls.S[2][2]_esd 
_pdbx_refine_tls.S[2][3] 
_pdbx_refine_tls.S[2][3]_esd 
_pdbx_refine_tls.S[3][1] 
_pdbx_refine_tls.S[3][1]_esd 
_pdbx_refine_tls.S[3][2] 
_pdbx_refine_tls.S[3][2]_esd 
_pdbx_refine_tls.S[3][3] 
_pdbx_refine_tls.S[3][3]_esd 
1 'X-RAY DIFFRACTION' ? refined 1.04047221324 -6.470530088  8.86059061894 1.68155010494 ? -0.075852177558 ? -0.467518654264 ? 2.82632684857 ? 0.027007776365  ? 3.0417344361  ? 4.62961324758 ? 4.0234218856   ? 1.40361974801 ? 3.8202962697  ? 0.273076964468 ? 3.21266117341  ? 1.7660986109   ? -1.87631930201 ? -1.640680124563 ? -0.80664949129  ? -2.634606066842 ? 3.1086276368    ? 0.67619993178   ? -3.226445575976 ? 0.14658050775   ? 
2 'X-RAY DIFFRACTION' ? refined 3.22600729597 -5.3112074970 -6.3987814607 1.77329334965 ? -0.0955596385   ? -0.334227398587 ? 0.62178119732 ? -0.46637481335  ? 3.01804740863 ? 0.91358549166 ? -1.10913242359 ? 3.32228209111 ? 1.48729066979 ? -5.08683207658 ? 17.60422648169 ? -1.89120892330 ? 1.12984805539  ? 0.441659849581  ? -0.09311598925  ? 0.02706044022   ? 2.6012619224    ? -2.127187931184 ? -0.153593918183 ? 3.837414586949  ? 
3 'X-RAY DIFFRACTION' ? refined -2.2748200920 3.3837364739  1.6068403217  1.29895112795 ? -0.168043056069 ? 0.41883872453   ? 1.98574337294 ? -0.524294285468 ? 2.89456694448 ? 3.16335117264 ? 2.82411581328  ? 0.82231381608 ? 1.56887871296 ? 1.65804679443  ? 13.26085184636 ? -0.33422958450 ? -2.07762026176 ? 0.22081484329   ? -0.45396713309  ? -0.992514848040 ? -0.452009324845 ? -2.353093901852 ? -0.693783032386 ? -1.326091158242 ? 
4 'X-RAY DIFFRACTION' ? refined -0.0824271755 5.8262852103  -7.4623042270 1.88418005681 ? -0.824095877694 ? 0.291841063864  ? 0.7424635039  ? -0.443288701072 ? 3.15318632852 ? 3.9801320178  ? -6.3889725060  ? 0.57998073223 ? 8.89557398983 ? -1.14340460914 ? 1.39400227342  ? 1.78740913418  ? 3.02093554060  ? 0.53563424381   ? -0.330685530528 ? 0.940549574631  ? 1.04351107760   ? -1.331653925694 ? -1.82750077628  ? 1.59819342518   ? 
# 
loop_
_pdbx_refine_tls_group.id 
_pdbx_refine_tls_group.pdbx_refine_id 
_pdbx_refine_tls_group.refine_tls_id 
_pdbx_refine_tls_group.beg_label_asym_id 
_pdbx_refine_tls_group.beg_label_seq_id 
_pdbx_refine_tls_group.beg_auth_asym_id 
_pdbx_refine_tls_group.beg_auth_seq_id 
_pdbx_refine_tls_group.beg_PDB_ins_code 
_pdbx_refine_tls_group.end_label_asym_id 
_pdbx_refine_tls_group.end_label_seq_id 
_pdbx_refine_tls_group.end_auth_asym_id 
_pdbx_refine_tls_group.end_auth_seq_id 
_pdbx_refine_tls_group.end_PDB_ins_code 
_pdbx_refine_tls_group.selection 
_pdbx_refine_tls_group.selection_details 
1 'X-RAY DIFFRACTION' 1 A ? A 102 ? A ? A 112 ? ? 
;chain 'A' and (resid 102 through 112 )
;
2 'X-RAY DIFFRACTION' 2 B ? B 105 ? B ? B 114 ? ? 
;chain 'B' and (resid 105 through 114 )
;
3 'X-RAY DIFFRACTION' 3 C ? C 101 ? C ? C 114 ? ? 
;chain 'C' and (resid 101 through 114 )
;
4 'X-RAY DIFFRACTION' 4 D ? D 113 ? D ? D 122 ? ? 
;chain 'D' and (resid 113 through 122 )
;
# 
loop_
_chem_comp_atom.comp_id 
_chem_comp_atom.atom_id 
_chem_comp_atom.type_symbol 
_chem_comp_atom.pdbx_aromatic_flag 
_chem_comp_atom.pdbx_stereo_config 
_chem_comp_atom.pdbx_ordinal 
DA OP3    O N N 1   
DA P      P N N 2   
DA OP1    O N N 3   
DA OP2    O N N 4   
DA "O5'"  O N N 5   
DA "C5'"  C N N 6   
DA "C4'"  C N R 7   
DA "O4'"  O N N 8   
DA "C3'"  C N S 9   
DA "O3'"  O N N 10  
DA "C2'"  C N N 11  
DA "C1'"  C N R 12  
DA N9     N Y N 13  
DA C8     C Y N 14  
DA N7     N Y N 15  
DA C5     C Y N 16  
DA C6     C Y N 17  
DA N6     N N N 18  
DA N1     N Y N 19  
DA C2     C Y N 20  
DA N3     N Y N 21  
DA C4     C Y N 22  
DA HOP3   H N N 23  
DA HOP2   H N N 24  
DA "H5'"  H N N 25  
DA "H5''" H N N 26  
DA "H4'"  H N N 27  
DA "H3'"  H N N 28  
DA "HO3'" H N N 29  
DA "H2'"  H N N 30  
DA "H2''" H N N 31  
DA "H1'"  H N N 32  
DA H8     H N N 33  
DA H61    H N N 34  
DA H62    H N N 35  
DA H2     H N N 36  
DC OP3    O N N 37  
DC P      P N N 38  
DC OP1    O N N 39  
DC OP2    O N N 40  
DC "O5'"  O N N 41  
DC "C5'"  C N N 42  
DC "C4'"  C N R 43  
DC "O4'"  O N N 44  
DC "C3'"  C N S 45  
DC "O3'"  O N N 46  
DC "C2'"  C N N 47  
DC "C1'"  C N R 48  
DC N1     N N N 49  
DC C2     C N N 50  
DC O2     O N N 51  
DC N3     N N N 52  
DC C4     C N N 53  
DC N4     N N N 54  
DC C5     C N N 55  
DC C6     C N N 56  
DC HOP3   H N N 57  
DC HOP2   H N N 58  
DC "H5'"  H N N 59  
DC "H5''" H N N 60  
DC "H4'"  H N N 61  
DC "H3'"  H N N 62  
DC "HO3'" H N N 63  
DC "H2'"  H N N 64  
DC "H2''" H N N 65  
DC "H1'"  H N N 66  
DC H41    H N N 67  
DC H42    H N N 68  
DC H5     H N N 69  
DC H6     H N N 70  
DG OP3    O N N 71  
DG P      P N N 72  
DG OP1    O N N 73  
DG OP2    O N N 74  
DG "O5'"  O N N 75  
DG "C5'"  C N N 76  
DG "C4'"  C N R 77  
DG "O4'"  O N N 78  
DG "C3'"  C N S 79  
DG "O3'"  O N N 80  
DG "C2'"  C N N 81  
DG "C1'"  C N R 82  
DG N9     N Y N 83  
DG C8     C Y N 84  
DG N7     N Y N 85  
DG C5     C Y N 86  
DG C6     C N N 87  
DG O6     O N N 88  
DG N1     N N N 89  
DG C2     C N N 90  
DG N2     N N N 91  
DG N3     N N N 92  
DG C4     C Y N 93  
DG HOP3   H N N 94  
DG HOP2   H N N 95  
DG "H5'"  H N N 96  
DG "H5''" H N N 97  
DG "H4'"  H N N 98  
DG "H3'"  H N N 99  
DG "HO3'" H N N 100 
DG "H2'"  H N N 101 
DG "H2''" H N N 102 
DG "H1'"  H N N 103 
DG H8     H N N 104 
DG H1     H N N 105 
DG H21    H N N 106 
DG H22    H N N 107 
DT OP3    O N N 108 
DT P      P N N 109 
DT OP1    O N N 110 
DT OP2    O N N 111 
DT "O5'"  O N N 112 
DT "C5'"  C N N 113 
DT "C4'"  C N R 114 
DT "O4'"  O N N 115 
DT "C3'"  C N S 116 
DT "O3'"  O N N 117 
DT "C2'"  C N N 118 
DT "C1'"  C N R 119 
DT N1     N N N 120 
DT C2     C N N 121 
DT O2     O N N 122 
DT N3     N N N 123 
DT C4     C N N 124 
DT O4     O N N 125 
DT C5     C N N 126 
DT C7     C N N 127 
DT C6     C N N 128 
DT HOP3   H N N 129 
DT HOP2   H N N 130 
DT "H5'"  H N N 131 
DT "H5''" H N N 132 
DT "H4'"  H N N 133 
DT "H3'"  H N N 134 
DT "HO3'" H N N 135 
DT "H2'"  H N N 136 
DT "H2''" H N N 137 
DT "H1'"  H N N 138 
DT H3     H N N 139 
DT H71    H N N 140 
DT H72    H N N 141 
DT H73    H N N 142 
DT H6     H N N 143 
# 
loop_
_chem_comp_bond.comp_id 
_chem_comp_bond.atom_id_1 
_chem_comp_bond.atom_id_2 
_chem_comp_bond.value_order 
_chem_comp_bond.pdbx_aromatic_flag 
_chem_comp_bond.pdbx_stereo_config 
_chem_comp_bond.pdbx_ordinal 
DA OP3   P      sing N N 1   
DA OP3   HOP3   sing N N 2   
DA P     OP1    doub N N 3   
DA P     OP2    sing N N 4   
DA P     "O5'"  sing N N 5   
DA OP2   HOP2   sing N N 6   
DA "O5'" "C5'"  sing N N 7   
DA "C5'" "C4'"  sing N N 8   
DA "C5'" "H5'"  sing N N 9   
DA "C5'" "H5''" sing N N 10  
DA "C4'" "O4'"  sing N N 11  
DA "C4'" "C3'"  sing N N 12  
DA "C4'" "H4'"  sing N N 13  
DA "O4'" "C1'"  sing N N 14  
DA "C3'" "O3'"  sing N N 15  
DA "C3'" "C2'"  sing N N 16  
DA "C3'" "H3'"  sing N N 17  
DA "O3'" "HO3'" sing N N 18  
DA "C2'" "C1'"  sing N N 19  
DA "C2'" "H2'"  sing N N 20  
DA "C2'" "H2''" sing N N 21  
DA "C1'" N9     sing N N 22  
DA "C1'" "H1'"  sing N N 23  
DA N9    C8     sing Y N 24  
DA N9    C4     sing Y N 25  
DA C8    N7     doub Y N 26  
DA C8    H8     sing N N 27  
DA N7    C5     sing Y N 28  
DA C5    C6     sing Y N 29  
DA C5    C4     doub Y N 30  
DA C6    N6     sing N N 31  
DA C6    N1     doub Y N 32  
DA N6    H61    sing N N 33  
DA N6    H62    sing N N 34  
DA N1    C2     sing Y N 35  
DA C2    N3     doub Y N 36  
DA C2    H2     sing N N 37  
DA N3    C4     sing Y N 38  
DC OP3   P      sing N N 39  
DC OP3   HOP3   sing N N 40  
DC P     OP1    doub N N 41  
DC P     OP2    sing N N 42  
DC P     "O5'"  sing N N 43  
DC OP2   HOP2   sing N N 44  
DC "O5'" "C5'"  sing N N 45  
DC "C5'" "C4'"  sing N N 46  
DC "C5'" "H5'"  sing N N 47  
DC "C5'" "H5''" sing N N 48  
DC "C4'" "O4'"  sing N N 49  
DC "C4'" "C3'"  sing N N 50  
DC "C4'" "H4'"  sing N N 51  
DC "O4'" "C1'"  sing N N 52  
DC "C3'" "O3'"  sing N N 53  
DC "C3'" "C2'"  sing N N 54  
DC "C3'" "H3'"  sing N N 55  
DC "O3'" "HO3'" sing N N 56  
DC "C2'" "C1'"  sing N N 57  
DC "C2'" "H2'"  sing N N 58  
DC "C2'" "H2''" sing N N 59  
DC "C1'" N1     sing N N 60  
DC "C1'" "H1'"  sing N N 61  
DC N1    C2     sing N N 62  
DC N1    C6     sing N N 63  
DC C2    O2     doub N N 64  
DC C2    N3     sing N N 65  
DC N3    C4     doub N N 66  
DC C4    N4     sing N N 67  
DC C4    C5     sing N N 68  
DC N4    H41    sing N N 69  
DC N4    H42    sing N N 70  
DC C5    C6     doub N N 71  
DC C5    H5     sing N N 72  
DC C6    H6     sing N N 73  
DG OP3   P      sing N N 74  
DG OP3   HOP3   sing N N 75  
DG P     OP1    doub N N 76  
DG P     OP2    sing N N 77  
DG P     "O5'"  sing N N 78  
DG OP2   HOP2   sing N N 79  
DG "O5'" "C5'"  sing N N 80  
DG "C5'" "C4'"  sing N N 81  
DG "C5'" "H5'"  sing N N 82  
DG "C5'" "H5''" sing N N 83  
DG "C4'" "O4'"  sing N N 84  
DG "C4'" "C3'"  sing N N 85  
DG "C4'" "H4'"  sing N N 86  
DG "O4'" "C1'"  sing N N 87  
DG "C3'" "O3'"  sing N N 88  
DG "C3'" "C2'"  sing N N 89  
DG "C3'" "H3'"  sing N N 90  
DG "O3'" "HO3'" sing N N 91  
DG "C2'" "C1'"  sing N N 92  
DG "C2'" "H2'"  sing N N 93  
DG "C2'" "H2''" sing N N 94  
DG "C1'" N9     sing N N 95  
DG "C1'" "H1'"  sing N N 96  
DG N9    C8     sing Y N 97  
DG N9    C4     sing Y N 98  
DG C8    N7     doub Y N 99  
DG C8    H8     sing N N 100 
DG N7    C5     sing Y N 101 
DG C5    C6     sing N N 102 
DG C5    C4     doub Y N 103 
DG C6    O6     doub N N 104 
DG C6    N1     sing N N 105 
DG N1    C2     sing N N 106 
DG N1    H1     sing N N 107 
DG C2    N2     sing N N 108 
DG C2    N3     doub N N 109 
DG N2    H21    sing N N 110 
DG N2    H22    sing N N 111 
DG N3    C4     sing N N 112 
DT OP3   P      sing N N 113 
DT OP3   HOP3   sing N N 114 
DT P     OP1    doub N N 115 
DT P     OP2    sing N N 116 
DT P     "O5'"  sing N N 117 
DT OP2   HOP2   sing N N 118 
DT "O5'" "C5'"  sing N N 119 
DT "C5'" "C4'"  sing N N 120 
DT "C5'" "H5'"  sing N N 121 
DT "C5'" "H5''" sing N N 122 
DT "C4'" "O4'"  sing N N 123 
DT "C4'" "C3'"  sing N N 124 
DT "C4'" "H4'"  sing N N 125 
DT "O4'" "C1'"  sing N N 126 
DT "C3'" "O3'"  sing N N 127 
DT "C3'" "C2'"  sing N N 128 
DT "C3'" "H3'"  sing N N 129 
DT "O3'" "HO3'" sing N N 130 
DT "C2'" "C1'"  sing N N 131 
DT "C2'" "H2'"  sing N N 132 
DT "C2'" "H2''" sing N N 133 
DT "C1'" N1     sing N N 134 
DT "C1'" "H1'"  sing N N 135 
DT N1    C2     sing N N 136 
DT N1    C6     sing N N 137 
DT C2    O2     doub N N 138 
DT C2    N3     sing N N 139 
DT N3    C4     sing N N 140 
DT N3    H3     sing N N 141 
DT C4    O4     doub N N 142 
DT C4    C5     sing N N 143 
DT C5    C7     sing N N 144 
DT C5    C6     doub N N 145 
DT C7    H71    sing N N 146 
DT C7    H72    sing N N 147 
DT C7    H73    sing N N 148 
DT C6    H6     sing N N 149 
# 
loop_
_ndb_struct_conf_na.entry_id 
_ndb_struct_conf_na.feature 
9NFO 'double helix'        
9NFO 'a-form double helix' 
9NFO 'b-form double helix' 
# 
loop_
_ndb_struct_na_base_pair.model_number 
_ndb_struct_na_base_pair.i_label_asym_id 
_ndb_struct_na_base_pair.i_label_comp_id 
_ndb_struct_na_base_pair.i_label_seq_id 
_ndb_struct_na_base_pair.i_symmetry 
_ndb_struct_na_base_pair.j_label_asym_id 
_ndb_struct_na_base_pair.j_label_comp_id 
_ndb_struct_na_base_pair.j_label_seq_id 
_ndb_struct_na_base_pair.j_symmetry 
_ndb_struct_na_base_pair.shear 
_ndb_struct_na_base_pair.stretch 
_ndb_struct_na_base_pair.stagger 
_ndb_struct_na_base_pair.buckle 
_ndb_struct_na_base_pair.propeller 
_ndb_struct_na_base_pair.opening 
_ndb_struct_na_base_pair.pair_number 
_ndb_struct_na_base_pair.pair_name 
_ndb_struct_na_base_pair.i_auth_asym_id 
_ndb_struct_na_base_pair.i_auth_seq_id 
_ndb_struct_na_base_pair.i_PDB_ins_code 
_ndb_struct_na_base_pair.j_auth_asym_id 
_ndb_struct_na_base_pair.j_auth_seq_id 
_ndb_struct_na_base_pair.j_PDB_ins_code 
_ndb_struct_na_base_pair.hbond_type_28 
_ndb_struct_na_base_pair.hbond_type_12 
1 A DG 1  1_555 C DT 14 1_555 3.291  0.881  -0.245 2.569   2.643   -31.434 1  A_DG102:DT114_C A 102 ? C 114 ? ?  ? 
1 A DG 3  1_555 C DC 13 1_555 -0.149 -0.323 1.186  3.891   1.013   -1.700  2  A_DG104:DC113_C A 104 ? C 113 ? 19 1 
1 A DC 4  1_555 C DG 12 1_555 0.236  -0.160 0.352  7.457   -0.589  -0.818  3  A_DC105:DG112_C A 105 ? C 112 ? 19 1 
1 A DA 5  1_555 C DT 11 1_555 0.020  -0.091 0.113  7.018   1.547   -4.802  4  A_DA106:DT111_C A 106 ? C 111 ? 20 1 
1 A DC 6  1_555 C DG 10 1_555 0.222  -0.139 0.191  8.355   -5.348  2.132   5  A_DC107:DG110_C A 107 ? C 110 ? 19 1 
1 A DC 7  1_555 C DG 9  1_555 0.287  -0.123 -0.297 2.578   -4.846  1.061   6  A_DC108:DG109_C A 108 ? C 109 ? 19 1 
1 A DT 8  1_555 B DA 3  1_555 -0.287 -0.179 -0.395 -1.282  -4.807  0.332   7  A_DT109:DA107_B A 109 ? B 107 ? 20 1 
1 A DG 9  1_555 B DC 2  1_555 -0.176 -0.159 -0.282 8.637   1.892   2.527   8  A_DG110:DC106_B A 110 ? B 106 ? 19 1 
1 A DT 10 1_555 B DA 1  1_555 0.021  -0.144 -0.675 7.832   -6.934  1.898   9  A_DT111:DA105_B A 111 ? B 105 ? 20 1 
1 C DT 2  1_555 D DA 10 1_555 -0.089 -0.240 0.813  7.224   1.624   -2.016  10 C_DT102:DA122_D C 102 ? D 122 ? 20 1 
1 C DG 3  1_555 D DC 9  1_555 -0.289 -0.225 -0.865 -10.518 -5.189  2.389   11 C_DG103:DC121_D C 103 ? D 121 ? 19 1 
1 C DA 4  1_555 D DT 8  1_555 0.250  -0.130 -0.786 -10.171 -6.129  1.873   12 C_DA104:DT120_D C 104 ? D 120 ? 20 1 
1 C DC 5  1_555 D DG 7  1_555 0.224  -0.168 -0.408 2.375   -2.525  2.069   13 C_DC105:DG119_D C 105 ? D 119 ? 19 1 
1 C DT 6  1_555 D DA 6  1_555 -0.154 -0.064 0.013  0.152   -11.763 0.227   14 C_DT106:DA118_D C 106 ? D 118 ? 20 1 
1 C DG 7  1_555 D DC 5  1_555 -0.235 -0.161 0.289  -0.175  5.081   0.855   15 C_DG107:DC117_D C 107 ? D 117 ? 19 1 
1 C DT 8  1_555 D DA 4  1_555 -0.299 -0.094 0.132  5.462   0.245   0.032   16 C_DT108:DA116_D C 108 ? D 116 ? 20 1 
1 B DC 4  1_555 D DG 3  1_555 0.103  -0.187 -0.078 -0.792  -3.446  -3.676  17 B_DC111:DG115_D B 111 ? D 115 ? 19 1 
1 B DC 5  1_555 D DG 2  1_555 0.169  -0.186 0.631  3.939   -4.829  -4.158  18 B_DC112:DG114_D B 112 ? D 114 ? 19 1 
1 B DG 6  1_555 D DC 1  1_555 -0.196 -0.197 -0.060 7.195   -14.085 3.620   19 B_DG113:DC113_D B 113 ? D 113 ? 19 1 
# 
loop_
_ndb_struct_na_base_pair_step.model_number 
_ndb_struct_na_base_pair_step.i_label_asym_id_1 
_ndb_struct_na_base_pair_step.i_label_comp_id_1 
_ndb_struct_na_base_pair_step.i_label_seq_id_1 
_ndb_struct_na_base_pair_step.i_symmetry_1 
_ndb_struct_na_base_pair_step.j_label_asym_id_1 
_ndb_struct_na_base_pair_step.j_label_comp_id_1 
_ndb_struct_na_base_pair_step.j_label_seq_id_1 
_ndb_struct_na_base_pair_step.j_symmetry_1 
_ndb_struct_na_base_pair_step.i_label_asym_id_2 
_ndb_struct_na_base_pair_step.i_label_comp_id_2 
_ndb_struct_na_base_pair_step.i_label_seq_id_2 
_ndb_struct_na_base_pair_step.i_symmetry_2 
_ndb_struct_na_base_pair_step.j_label_asym_id_2 
_ndb_struct_na_base_pair_step.j_label_comp_id_2 
_ndb_struct_na_base_pair_step.j_label_seq_id_2 
_ndb_struct_na_base_pair_step.j_symmetry_2 
_ndb_struct_na_base_pair_step.shift 
_ndb_struct_na_base_pair_step.slide 
_ndb_struct_na_base_pair_step.rise 
_ndb_struct_na_base_pair_step.tilt 
_ndb_struct_na_base_pair_step.roll 
_ndb_struct_na_base_pair_step.twist 
_ndb_struct_na_base_pair_step.x_displacement 
_ndb_struct_na_base_pair_step.y_displacement 
_ndb_struct_na_base_pair_step.helical_rise 
_ndb_struct_na_base_pair_step.inclination 
_ndb_struct_na_base_pair_step.tip 
_ndb_struct_na_base_pair_step.helical_twist 
_ndb_struct_na_base_pair_step.step_number 
_ndb_struct_na_base_pair_step.step_name 
_ndb_struct_na_base_pair_step.i_auth_asym_id_1 
_ndb_struct_na_base_pair_step.i_auth_seq_id_1 
_ndb_struct_na_base_pair_step.i_PDB_ins_code_1 
_ndb_struct_na_base_pair_step.j_auth_asym_id_1 
_ndb_struct_na_base_pair_step.j_auth_seq_id_1 
_ndb_struct_na_base_pair_step.j_PDB_ins_code_1 
_ndb_struct_na_base_pair_step.i_auth_asym_id_2 
_ndb_struct_na_base_pair_step.i_auth_seq_id_2 
_ndb_struct_na_base_pair_step.i_PDB_ins_code_2 
_ndb_struct_na_base_pair_step.j_auth_asym_id_2 
_ndb_struct_na_base_pair_step.j_auth_seq_id_2 
_ndb_struct_na_base_pair_step.j_PDB_ins_code_2 
1 A DG 1 1_555 C DT 14 1_555 A DG 3  1_555 C DC 13 1_555 -1.083 -1.664 4.724 5.375  1.028  40.341 -2.554 2.401  4.508 1.483   
-7.751  40.696 1  AA_DG102DG104:DC113DT114_CC A 102 ? C 114 ? A 104 ? C 113 ? 
1 A DG 3 1_555 C DC 13 1_555 A DC 4  1_555 C DG 12 1_555 0.381  -1.172 3.338 2.676  2.778  36.989 -2.212 -0.237 3.263 4.364   
-4.204  37.183 2  AA_DG104DC105:DG112DC113_CC A 104 ? C 113 ? A 105 ? C 112 ? 
1 A DC 4 1_555 C DG 12 1_555 A DA 5  1_555 C DT 11 1_555 -0.343 -0.806 3.199 -1.840 4.019  30.187 -2.305 0.298  3.083 7.665   
3.509   30.502 3  AA_DC105DA106:DT111DG112_CC A 105 ? C 112 ? A 106 ? C 111 ? 
1 A DA 5 1_555 C DT 11 1_555 A DC 6  1_555 C DG 10 1_555 1.056  -1.427 3.198 -3.155 1.359  30.302 -2.970 -2.606 3.010 2.588   
6.010   30.491 4  AA_DA106DC107:DG110DT111_CC A 106 ? C 111 ? A 107 ? C 110 ? 
1 A DC 6 1_555 C DG 10 1_555 A DC 7  1_555 C DG 9  1_555 0.177  -1.330 3.217 2.830  -1.529 41.434 -1.714 0.049  3.266 -2.157  
-3.993  41.553 5  AA_DC107DC108:DG109DG110_CC A 107 ? C 110 ? A 108 ? C 109 ? 
1 A DC 7 1_555 C DG 9  1_555 A DT 8  1_555 B DA 3  1_555 -1.741 -1.528 3.335 -1.329 1.375  17.113 -5.987 4.961  3.327 4.602   
4.447   17.219 6  AA_DC108DT109:DA107DG109_BC A 108 ? C 109 ? A 109 ? B 107 ? 
1 A DT 8 1_555 B DA 3  1_555 A DG 9  1_555 B DC 2  1_555 0.196  0.560  3.317 0.252  5.901  35.785 0.050  -0.279 3.365 9.524   
-0.407  36.253 7  AA_DT109DG110:DC106DA107_BB A 109 ? B 107 ? A 110 ? B 106 ? 
1 A DG 9 1_555 B DC 2  1_555 A DT 10 1_555 B DA 1  1_555 -0.345 -0.084 3.258 2.872  7.255  27.727 -1.775 1.329  3.086 14.772  
-5.848  28.784 8  AA_DG110DT111:DA105DC106_BB A 110 ? B 106 ? A 111 ? B 105 ? 
1 C DT 2 1_555 D DA 10 1_555 C DG 3  1_555 D DC 9  1_555 0.444  1.954  3.935 9.669  6.262  35.343 2.004  0.949  4.185 9.992   
-15.428 37.116 9  CC_DT102DG103:DC121DA122_DD C 102 ? D 122 ? C 103 ? D 121 ? 
1 C DG 3 1_555 D DC 9  1_555 C DA 4  1_555 D DT 8  1_555 -0.730 0.239  3.176 -7.388 7.353  37.970 -0.518 0.207  3.246 11.049  
11.102  39.324 10 CC_DG103DA104:DT120DC121_DD C 103 ? D 121 ? C 104 ? D 120 ? 
1 C DA 4 1_555 D DT 8  1_555 C DC 5  1_555 D DG 7  1_555 0.512  -0.406 2.726 -3.044 3.658  32.022 -1.258 -1.358 2.606 6.586   
5.479   32.365 11 CC_DA104DC105:DG119DT120_DD C 104 ? D 120 ? C 105 ? D 119 ? 
1 C DC 5 1_555 D DG 7  1_555 C DT 6  1_555 D DA 6  1_555 -0.400 0.053  3.331 -0.768 1.134  34.645 -0.088 0.552  3.339 1.903   
1.290   34.671 12 CC_DC105DT106:DA118DG119_DD C 105 ? D 119 ? C 106 ? D 118 ? 
1 C DT 6 1_555 D DA 6  1_555 C DG 7  1_555 D DC 5  1_555 0.541  1.063  3.312 -3.667 -8.245 38.623 2.508  -1.216 2.971 -12.263 
5.454   39.624 13 CC_DT106DG107:DC117DA118_DD C 106 ? D 118 ? C 107 ? D 117 ? 
1 C DG 7 1_555 D DC 5  1_555 C DT 8  1_555 D DA 4  1_555 0.215  0.204  3.065 1.275  4.689  31.042 -0.452 -0.171 3.068 8.695   
-2.364  31.411 14 CC_DG107DT108:DA116DC117_DD C 107 ? D 117 ? C 108 ? D 116 ? 
1 C DT 8 1_555 D DA 4  1_555 B DC 4  1_555 D DG 3  1_555 0.427  -0.593 3.271 3.072  4.483  28.318 -2.185 -0.176 3.169 9.057   
-6.207  28.824 15 CB_DT108DC111:DG115DA116_DD C 108 ? D 116 ? B 111 ? D 115 ? 
1 B DC 4 1_555 D DG 3  1_555 B DC 5  1_555 D DG 2  1_555 -0.210 1.310  3.670 -0.773 0.031  43.709 1.756  0.199  3.674 0.041   
1.039   43.715 16 BB_DC111DC112:DG114DG115_DD B 111 ? D 115 ? B 112 ? D 114 ? 
1 B DC 5 1_555 D DG 2  1_555 B DG 6  1_555 D DC 1  1_555 -0.426 2.625  3.238 5.977  -3.122 41.797 3.941  1.173  2.958 -4.341  
-8.312  42.313 17 BB_DC112DG113:DC113DG114_DD B 112 ? D 114 ? B 113 ? D 113 ? 
# 
loop_
_pdbx_audit_support.funding_organization 
_pdbx_audit_support.country 
_pdbx_audit_support.grant_number 
_pdbx_audit_support.ordinal 
'Office of Naval Research (ONR)'                   'United States' N000141912596 1 
'Department of Energy (DOE, United States)'        'United States' DE-SC0007991  2 
'National Science Foundation (NSF, United States)' 'United States' CCF-2106790   3 
'National Science Foundation (NSF, United States)' 'United States' GCR-2317843   4 
# 
_pdbx_initial_refinement_model.id               1 
_pdbx_initial_refinement_model.entity_id_list   ? 
_pdbx_initial_refinement_model.type             'experimental model' 
_pdbx_initial_refinement_model.source_name      PDB 
_pdbx_initial_refinement_model.accession_code   8D93 
_pdbx_initial_refinement_model.details          'tensegrity triangle' 
# 
_space_group.name_H-M_alt     'H 3' 
_space_group.name_Hall        'H 3' 
_space_group.IT_number        146 
_space_group.crystal_system   trigonal 
_space_group.id               1 
# 
_atom_sites.entry_id                    9NFO 
_atom_sites.Cartn_transf_matrix[1][1]   ? 
_atom_sites.Cartn_transf_matrix[1][2]   ? 
_atom_sites.Cartn_transf_matrix[1][3]   ? 
_atom_sites.Cartn_transf_matrix[2][1]   ? 
_atom_sites.Cartn_transf_matrix[2][2]   ? 
_atom_sites.Cartn_transf_matrix[2][3]   ? 
_atom_sites.Cartn_transf_matrix[3][1]   ? 
_atom_sites.Cartn_transf_matrix[3][2]   ? 
_atom_sites.Cartn_transf_matrix[3][3]   ? 
_atom_sites.Cartn_transf_vector[1]      ? 
_atom_sites.Cartn_transf_vector[2]      ? 
_atom_sites.Cartn_transf_vector[3]      ? 
_atom_sites.Cartn_transform_axes        ? 
_atom_sites.fract_transf_matrix[1][1]   0.00638904 
_atom_sites.fract_transf_matrix[1][2]   0.00175542 
_atom_sites.fract_transf_matrix[1][3]   0.00845988 
_atom_sites.fract_transf_matrix[2][1]   -0.00353573 
_atom_sites.fract_transf_matrix[2][2]   0.00586947 
_atom_sites.fract_transf_matrix[2][3]   0.00827665 
_atom_sites.fract_transf_matrix[3][1]   -0.00386202 
_atom_sites.fract_transf_matrix[3][2]   -0.00910276 
_atom_sites.fract_transf_matrix[3][3]   0.00480548 
_atom_sites.fract_transf_vector[1]      0.005313 
_atom_sites.fract_transf_vector[2]      0.195351 
_atom_sites.fract_transf_vector[3]      -0.120322 
_atom_sites.solution_primary            ? 
_atom_sites.solution_secondary          ? 
_atom_sites.solution_hydrogens          ? 
_atom_sites.special_details             ? 
# 
loop_
_atom_type.symbol 
_atom_type.scat_dispersion_real 
_atom_type.scat_dispersion_imag 
_atom_type.scat_Cromer_Mann_a1 
_atom_type.scat_Cromer_Mann_a2 
_atom_type.scat_Cromer_Mann_a3 
_atom_type.scat_Cromer_Mann_a4 
_atom_type.scat_Cromer_Mann_b1 
_atom_type.scat_Cromer_Mann_b2 
_atom_type.scat_Cromer_Mann_b3 
_atom_type.scat_Cromer_Mann_b4 
_atom_type.scat_Cromer_Mann_c 
_atom_type.scat_source 
_atom_type.scat_dispersion_source 
C ? ? 5.96793  ? ? ? 14.89577 ? ? ? 0.0 
;1-Gaussian fit: Grosse-Kunstleve RW, Sauter NK, Adams PD: Newsletter of the IUCr Commission on Crystallographic Computing 2004, 3, 22-31.
;
? 
N ? ? 6.96715  ? ? ? 11.43723 ? ? ? 0.0 
;1-Gaussian fit: Grosse-Kunstleve RW, Sauter NK, Adams PD: Newsletter of the IUCr Commission on Crystallographic Computing 2004, 3, 22-31.
;
? 
O ? ? 7.96527  ? ? ? 9.05267  ? ? ? 0.0 
;1-Gaussian fit: Grosse-Kunstleve RW, Sauter NK, Adams PD: Newsletter of the IUCr Commission on Crystallographic Computing 2004, 3, 22-31.
;
? 
P ? ? 14.90797 ? ? ? 11.91318 ? ? ? 0.0 
;1-Gaussian fit: Grosse-Kunstleve RW, Sauter NK, Adams PD: Newsletter of the IUCr Commission on Crystallographic Computing 2004, 3, 22-31.
;
? 
# 
loop_
_atom_site.group_PDB 
_atom_site.id 
_atom_site.type_symbol 
_atom_site.label_atom_id 
_atom_site.label_alt_id 
_atom_site.label_comp_id 
_atom_site.label_asym_id 
_atom_site.label_entity_id 
_atom_site.label_seq_id 
_atom_site.pdbx_PDB_ins_code 
_atom_site.Cartn_x 
_atom_site.Cartn_y 
_atom_site.Cartn_z 
_atom_site.occupancy 
_atom_site.B_iso_or_equiv 
_atom_site.pdbx_formal_charge 
_atom_site.auth_seq_id 
_atom_site.auth_comp_id 
_atom_site.auth_asym_id 
_atom_site.auth_atom_id 
_atom_site.pdbx_PDB_model_num 
ATOM 1   O "O5'" . DG A 1 1  ? -16.38430 -2.64327  3.39973   1.000 308.91136 ? 102 DG A "O5'" 1 
ATOM 2   C "C5'" . DG A 1 1  ? -16.83915 -1.35621  3.80877   1.000 312.28597 ? 102 DG A "C5'" 1 
ATOM 3   C "C4'" . DG A 1 1  ? -16.07281 -0.87691  5.02515   1.000 306.89205 ? 102 DG A "C4'" 1 
ATOM 4   O "O4'" . DG A 1 1  ? -16.20462 -1.86016  6.09293   1.000 309.26695 ? 102 DG A "O4'" 1 
ATOM 5   C "C3'" . DG A 1 1  ? -14.55618 -0.69811  4.79950   1.000 294.60718 ? 102 DG A "C3'" 1 
ATOM 6   O "O3'" . DG A 1 1  ? -14.07547 0.51243   5.41641   1.000 290.92159 ? 102 DG A "O3'" 1 
ATOM 7   C "C2'" . DG A 1 1  ? -13.97589 -1.92311  5.47945   1.000 291.21085 ? 102 DG A "C2'" 1 
ATOM 8   C "C1'" . DG A 1 1  ? -14.92974 -2.05089  6.64826   1.000 299.80573 ? 102 DG A "C1'" 1 
ATOM 9   N N9    . DG A 1 1  ? -14.84466 -3.34364  7.30489   1.000 300.64211 ? 102 DG A N9    1 
ATOM 10  C C8    . DG A 1 1  ? -14.97044 -4.58559  6.73263   1.000 301.96112 ? 102 DG A C8    1 
ATOM 11  N N7    . DG A 1 1  ? -14.80286 -5.56526  7.58031   1.000 302.51154 ? 102 DG A N7    1 
ATOM 12  C C5    . DG A 1 1  ? -14.52378 -4.92054  8.78076   1.000 301.24441 ? 102 DG A C5    1 
ATOM 13  C C6    . DG A 1 1  ? -14.24701 -5.45222  10.05512  1.000 301.42764 ? 102 DG A C6    1 
ATOM 14  O O6    . DG A 1 1  ? -14.19014 -6.64150  10.40032  1.000 302.82111 ? 102 DG A O6    1 
ATOM 15  N N1    . DG A 1 1  ? -14.01285 -4.43901  10.98883  1.000 300.09466 ? 102 DG A N1    1 
ATOM 16  C C2    . DG A 1 1  ? -14.06470 -3.09054  10.71661  1.000 298.95443 ? 102 DG A C2    1 
ATOM 17  N N2    . DG A 1 1  ? -13.81789 -2.26129  11.73812  1.000 298.10976 ? 102 DG A N2    1 
ATOM 18  N N3    . DG A 1 1  ? -14.31533 -2.58752  9.53198   1.000 298.80569 ? 102 DG A N3    1 
ATOM 19  C C4    . DG A 1 1  ? -14.53639 -3.55402  8.61608   1.000 299.97623 ? 102 DG A C4    1 
ATOM 20  P P     . DA A 1 2  ? -12.50474 0.68171   5.75344   1.000 278.87008 ? 103 DA A P     1 
ATOM 21  O OP1   . DA A 1 2  ? -11.72457 0.32950   4.54678   1.000 272.12257 ? 103 DA A OP1   1 
ATOM 22  O OP2   . DA A 1 2  ? -12.22397 -0.06875  6.98799   1.000 278.13770 ? 103 DA A OP2   1 
ATOM 23  O "O5'" . DA A 1 2  ? -12.34327 2.24400   6.09104   1.000 277.51136 ? 103 DA A "O5'" 1 
ATOM 24  C "C5'" . DA A 1 2  ? -12.88107 2.79122   7.31391   1.000 282.86781 ? 103 DA A "C5'" 1 
ATOM 25  C "C4'" . DA A 1 2  ? -11.89245 2.65959   8.47081   1.000 276.35357 ? 103 DA A "C4'" 1 
ATOM 26  O "O4'" . DA A 1 2  ? -12.16891 1.44582   9.20554   1.000 279.68953 ? 103 DA A "O4'" 1 
ATOM 27  C "C3'" . DA A 1 2  ? -10.40996 2.56657   8.06739   1.000 264.39773 ? 103 DA A "C3'" 1 
ATOM 28  O "O3'" . DA A 1 2  ? -9.69366  3.81837   8.30908   1.000 258.91879 ? 103 DA A "O3'" 1 
ATOM 29  C "C2'" . DA A 1 2  ? -9.83422  1.39322   8.88507   1.000 261.35312 ? 103 DA A "C2'" 1 
ATOM 30  C "C1'" . DA A 1 2  ? -10.97904 1.01308   9.82640   1.000 271.43495 ? 103 DA A "C1'" 1 
ATOM 31  N N9    . DA A 1 2  ? -11.06283 -0.42745  10.08898  1.000 273.16283 ? 103 DA A N9    1 
ATOM 32  C C8    . DA A 1 2  ? -11.19085 -1.42616  9.16768   1.000 273.54944 ? 103 DA A C8    1 
ATOM 33  N N7    . DA A 1 2  ? -11.22791 -2.62649  9.68679   1.000 275.44898 ? 103 DA A N7    1 
ATOM 34  C C5    . DA A 1 2  ? -11.09011 -2.40530  11.04427  1.000 276.18940 ? 103 DA A C5    1 
ATOM 35  C C6    . DA A 1 2  ? -11.07359 -3.27737  12.15022  1.000 278.63353 ? 103 DA A C6    1 
ATOM 36  N N6    . DA A 1 2  ? -11.16896 -4.60556  12.02315  1.000 280.50945 ? 103 DA A N6    1 
ATOM 37  N N1    . DA A 1 2  ? -10.94937 -2.73181  13.38796  1.000 279.38313 ? 103 DA A N1    1 
ATOM 38  C C2    . DA A 1 2  ? -10.84557 -1.39757  13.48979  1.000 277.68784 ? 103 DA A C2    1 
ATOM 39  N N3    . DA A 1 2  ? -10.86244 -0.47789  12.52403  1.000 275.46075 ? 103 DA A N3    1 
ATOM 40  C C4    . DA A 1 2  ? -11.00203 -1.05008  11.31822  1.000 274.91593 ? 103 DA A C4    1 
ATOM 41  P P     . DG A 1 3  ? -9.71703  4.59664   9.72726   1.000 260.72735 ? 104 DG A P     1 
ATOM 42  O OP1   . DG A 1 3  ? -10.38316 3.82882   10.80254  1.000 267.45511 ? 104 DG A OP1   1 
ATOM 43  O OP2   . DG A 1 3  ? -10.22667 5.95491   9.42724   1.000 264.41372 ? 104 DG A OP2   1 
ATOM 44  O "O5'" . DG A 1 3  ? -8.16956  4.73282   10.10984  1.000 249.31624 ? 104 DG A "O5'" 1 
ATOM 45  C "C5'" . DG A 1 3  ? -7.46740  3.60973   10.59181  1.000 244.92024 ? 104 DG A "C5'" 1 
ATOM 46  C "C4'" . DG A 1 3  ? -7.52800  3.54688   12.10511  1.000 247.61583 ? 104 DG A "C4'" 1 
ATOM 47  O "O4'" . DG A 1 3  ? -8.28538  2.37554   12.50812  1.000 254.40193 ? 104 DG A "O4'" 1 
ATOM 48  C "C3'" . DG A 1 3  ? -6.17282  3.40883   12.77497  1.000 238.66976 ? 104 DG A "C3'" 1 
ATOM 49  O "O3'" . DG A 1 3  ? -6.17350  4.03347   14.05912  1.000 240.62984 ? 104 DG A "O3'" 1 
ATOM 50  C "C2'" . DG A 1 3  ? -6.00514  1.89857   12.87535  1.000 238.42343 ? 104 DG A "C2'" 1 
ATOM 51  C "C1'" . DG A 1 3  ? -7.43253  1.42272   13.11209  1.000 249.55636 ? 104 DG A "C1'" 1 
ATOM 52  N N9    . DG A 1 3  ? -7.68572  0.12780   12.50451  1.000 251.27637 ? 104 DG A N9    1 
ATOM 53  C C8    . DG A 1 3  ? -7.92610  -0.12070  11.17813  1.000 251.15420 ? 104 DG A C8    1 
ATOM 54  N N7    . DG A 1 3  ? -8.09538  -1.38149  10.90856  1.000 253.04283 ? 104 DG A N7    1 
ATOM 55  C C5    . DG A 1 3  ? -7.94869  -2.01335  12.13416  1.000 254.45951 ? 104 DG A C5    1 
ATOM 56  C C6    . DG A 1 3  ? -8.02423  -3.38621  12.45995  1.000 257.02529 ? 104 DG A C6    1 
ATOM 57  O O6    . DG A 1 3  ? -8.25457  -4.34069  11.70118  1.000 258.60190 ? 104 DG A O6    1 
ATOM 58  N N1    . DG A 1 3  ? -7.81830  -3.60710  13.82226  1.000 258.20922 ? 104 DG A N1    1 
ATOM 59  C C2    . DG A 1 3  ? -7.55542  -2.62126  14.74509  1.000 256.93347 ? 104 DG A C2    1 
ATOM 60  N N2    . DG A 1 3  ? -7.38199  -3.03328  16.01179  1.000 258.75106 ? 104 DG A N2    1 
ATOM 61  N N3    . DG A 1 3  ? -7.47969  -1.32547  14.45057  1.000 254.47608 ? 104 DG A N3    1 
ATOM 62  C C4    . DG A 1 3  ? -7.68434  -1.09851  13.12832  1.000 253.33804 ? 104 DG A C4    1 
ATOM 63  P P     . DC A 1 4  ? -4.95561  3.75980   15.08504  1.000 233.68745 ? 105 DC A P     1 
ATOM 64  O OP1   . DC A 1 4  ? -4.95269  4.84407   16.09253  1.000 235.21114 ? 105 DC A OP1   1 
ATOM 65  O OP2   . DC A 1 4  ? -3.72087  3.53255   14.29003  1.000 227.42212 ? 105 DC A OP2   1 
ATOM 66  O "O5'" . DC A 1 4  ? -5.39492  2.39167   15.80200  1.000 239.06284 ? 105 DC A "O5'" 1 
ATOM 67  C "C5'" . DC A 1 4  ? -4.84658  2.01722   17.05100  1.000 237.97582 ? 105 DC A "C5'" 1 
ATOM 68  C "C4'" . DC A 1 4  ? -3.97565  0.78739   16.89906  1.000 232.45171 ? 105 DC A "C4'" 1 
ATOM 69  O "O4'" . DC A 1 4  ? -4.63202  -0.17796  16.04760  1.000 236.20634 ? 105 DC A "O4'" 1 
ATOM 70  C "C3'" . DC A 1 4  ? -2.63528  1.04284   16.22369  1.000 223.87072 ? 105 DC A "C3'" 1 
ATOM 71  O "O3'" . DC A 1 4  ? -1.60786  1.32576   17.21704  1.000 216.22119 ? 105 DC A "O3'" 1 
ATOM 72  C "C2'" . DC A 1 4  ? -2.36787  -0.24216  15.41160  1.000 226.41488 ? 105 DC A "C2'" 1 
ATOM 73  C "C1'" . DC A 1 4  ? -3.65015  -1.07114  15.59417  1.000 233.66846 ? 105 DC A "C1'" 1 
ATOM 74  N N1    . DC A 1 4  ? -4.10588  -1.74527  14.33012  1.000 230.98006 ? 105 DC A N1    1 
ATOM 75  C C2    . DC A 1 4  ? -4.35301  -3.12628  14.32861  1.000 234.45963 ? 105 DC A C2    1 
ATOM 76  O O2    . DC A 1 4  ? -4.21940  -3.76406  15.38594  1.000 236.48107 ? 105 DC A O2    1 
ATOM 77  N N3    . DC A 1 4  ? -4.73404  -3.72224  13.16698  1.000 235.83103 ? 105 DC A N3    1 
ATOM 78  C C4    . DC A 1 4  ? -4.85751  -2.99243  12.05210  1.000 233.86804 ? 105 DC A C4    1 
ATOM 79  N N4    . DC A 1 4  ? -5.23797  -3.61369  10.93356  1.000 235.64607 ? 105 DC A N4    1 
ATOM 80  C C5    . DC A 1 4  ? -4.60042  -1.59154  12.03752  1.000 230.35071 ? 105 DC A C5    1 
ATOM 81  C C6    . DC A 1 4  ? -4.22496  -1.01767  13.18311  1.000 228.94403 ? 105 DC A C6    1 
ATOM 82  P P     . DA A 1 5  ? -0.65159  0.17241   17.82774  1.000 225.03539 ? 106 DA A P     1 
ATOM 83  O OP1   . DA A 1 5  ? -0.12550  0.71090   19.10133  1.000 217.07897 ? 106 DA A OP1   1 
ATOM 84  O OP2   . DA A 1 5  ? 0.32716   -0.26966  16.80164  1.000 224.06145 ? 106 DA A OP2   1 
ATOM 85  O "O5'" . DA A 1 5  ? -1.66023  -1.02520  18.18845  1.000 230.90884 ? 106 DA A "O5'" 1 
ATOM 86  C "C5'" . DA A 1 5  ? -1.36395  -1.92838  19.25540  1.000 226.34615 ? 106 DA A "C5'" 1 
ATOM 87  C "C4'" . DA A 1 5  ? -0.73550  -3.21762  18.73830  1.000 225.58878 ? 106 DA A "C4'" 1 
ATOM 88  O "O4'" . DA A 1 5  ? -1.40682  -3.65641  17.53511  1.000 234.26871 ? 106 DA A "O4'" 1 
ATOM 89  C "C3'" . DA A 1 5  ? 0.75069   -3.12893  18.38559  1.000 217.77702 ? 106 DA A "C3'" 1 
ATOM 90  O "O3'" . DA A 1 5  ? 1.49025   -3.94136  19.28824  1.000 211.21229 ? 106 DA A "O3'" 1 
ATOM 91  C "C2'" . DA A 1 5  ? 0.83743   -3.64523  16.93755  1.000 223.20684 ? 106 DA A "C2'" 1 
ATOM 92  C "C1'" . DA A 1 5  ? -0.48914  -4.36211  16.74085  1.000 232.37725 ? 106 DA A "C1'" 1 
ATOM 93  N N9    . DA A 1 5  ? -0.94831  -4.32337  15.35530  1.000 218.74315 ? 106 DA A N9    1 
ATOM 94  C C8    . DA A 1 5  ? -1.09142  -3.20843  14.58246  1.000 218.28052 ? 106 DA A C8    1 
ATOM 95  N N7    . DA A 1 5  ? -1.51627  -3.45142  13.36913  1.000 222.11089 ? 106 DA A N7    1 
ATOM 96  C C5    . DA A 1 5  ? -1.66455  -4.82494  13.33429  1.000 224.34085 ? 106 DA A C5    1 
ATOM 97  C C6    . DA A 1 5  ? -2.08357  -5.69861  12.31567  1.000 229.08954 ? 106 DA A C6    1 
ATOM 98  N N6    . DA A 1 5  ? -2.44628  -5.27890  11.09959  1.000 231.81022 ? 106 DA A N6    1 
ATOM 99  N N1    . DA A 1 5  ? -2.11757  -7.01547  12.59327  1.000 229.81829 ? 106 DA A N1    1 
ATOM 100 C C2    . DA A 1 5  ? -1.75246  -7.42794  13.81810  1.000 226.96764 ? 106 DA A C2    1 
ATOM 101 N N3    . DA A 1 5  ? -1.33584  -6.69689  14.86164  1.000 224.74354 ? 106 DA A N3    1 
ATOM 102 C C4    . DA A 1 5  ? -1.31739  -5.38836  14.54975  1.000 221.51020 ? 106 DA A C4    1 
ATOM 103 P P     . DC A 1 6  ? 3.03535   -4.29588  19.01414  1.000 203.12055 ? 107 DC A P     1 
ATOM 104 O OP1   . DC A 1 6  ? 3.62319   -4.67724  20.32038  1.000 203.54134 ? 107 DC A OP1   1 
ATOM 105 O OP2   . DC A 1 6  ? 3.64847   -3.18375  18.24959  1.000 195.55566 ? 107 DC A OP2   1 
ATOM 106 O "O5'" . DC A 1 6  ? 2.96585   -5.59323  18.06663  1.000 204.13754 ? 107 DC A "O5'" 1 
ATOM 107 C "C5'" . DC A 1 6  ? 1.98654   -6.61703  18.31450  1.000 212.72466 ? 107 DC A "C5'" 1 
ATOM 108 C "C4'" . DC A 1 6  ? 1.98210   -7.65994  17.20548  1.000 212.75565 ? 107 DC A "C4'" 1 
ATOM 109 O "O4'" . DC A 1 6  ? 1.29903   -7.14261  16.03510  1.000 216.64854 ? 107 DC A "O4'" 1 
ATOM 110 C "C3'" . DC A 1 6  ? 3.37337   -8.10397  16.72434  1.000 204.88832 ? 107 DC A "C3'" 1 
ATOM 111 O "O3'" . DC A 1 6  ? 3.50656   -9.51832  16.83007  1.000 208.05303 ? 107 DC A "O3'" 1 
ATOM 112 C "C2'" . DC A 1 6  ? 3.42617   -7.64479  15.26440  1.000 208.63327 ? 107 DC A "C2'" 1 
ATOM 113 C "C1'" . DC A 1 6  ? 1.95739   -7.63599  14.89639  1.000 217.82411 ? 107 DC A "C1'" 1 
ATOM 114 N N1    . DC A 1 6  ? 1.65189   -6.77053  13.72323  1.000 222.96888 ? 107 DC A N1    1 
ATOM 115 C C2    . DC A 1 6  ? 1.25815   -7.36560  12.52580  1.000 228.69761 ? 107 DC A C2    1 
ATOM 116 O O2    . DC A 1 6  ? 1.16088   -8.59609  12.48256  1.000 229.97170 ? 107 DC A O2    1 
ATOM 117 N N3    . DC A 1 6  ? 0.99476   -6.57824  11.45156  1.000 231.60737 ? 107 DC A N3    1 
ATOM 118 C C4    . DC A 1 6  ? 1.11994   -5.25290  11.55046  1.000 229.56489 ? 107 DC A C4    1 
ATOM 119 N N4    . DC A 1 6  ? 0.84710   -4.51359  10.46679  1.000 230.46009 ? 107 DC A N4    1 
ATOM 120 C C5    . DC A 1 6  ? 1.53054   -4.62769  12.76586  1.000 224.73748 ? 107 DC A C5    1 
ATOM 121 C C6    . DC A 1 6  ? 1.79003   -5.41851  13.81490  1.000 221.19343 ? 107 DC A C6    1 
ATOM 122 P P     . DC A 1 7  ? 4.96388   -10.20119 16.74313  1.000 201.30219 ? 108 DC A P     1 
ATOM 123 O OP1   . DC A 1 7  ? 5.20383   -10.92135 18.01831  1.000 204.78241 ? 108 DC A OP1   1 
ATOM 124 O OP2   . DC A 1 7  ? 5.93863   -9.16316  16.30235  1.000 192.33573 ? 108 DC A OP2   1 
ATOM 125 O "O5'" . DC A 1 7  ? 4.80238   -11.27557 15.56438  1.000 203.07507 ? 108 DC A "O5'" 1 
ATOM 126 C "C5'" . DC A 1 7  ? 4.78895   -10.83825 14.21928  1.000 199.51043 ? 108 DC A "C5'" 1 
ATOM 127 C "C4'" . DC A 1 7  ? 4.21029   -11.89771 13.30271  1.000 204.24265 ? 108 DC A "C4'" 1 
ATOM 128 O "O4'" . DC A 1 7  ? 3.28176   -11.26896 12.39138  1.000 209.53132 ? 108 DC A "O4'" 1 
ATOM 129 C "C3'" . DC A 1 7  ? 5.23157   -12.58594 12.41162  1.000 199.84398 ? 108 DC A "C3'" 1 
ATOM 130 O "O3'" . DC A 1 7  ? 4.76787   -13.87968 12.00594  1.000 205.81303 ? 108 DC A "O3'" 1 
ATOM 131 C "C2'" . DC A 1 7  ? 5.32389   -11.62893 11.23099  1.000 202.53771 ? 108 DC A "C2'" 1 
ATOM 132 C "C1'" . DC A 1 7  ? 3.89794   -11.08471 11.13062  1.000 210.88727 ? 108 DC A "C1'" 1 
ATOM 133 N N1    . DC A 1 7  ? 3.85110   -9.63811  10.77562  1.000 212.07279 ? 108 DC A N1    1 
ATOM 134 C C2    . DC A 1 7  ? 3.44842   -9.26631  9.48899   1.000 214.64959 ? 108 DC A C2    1 
ATOM 135 O O2    . DC A 1 7  ? 3.12262   -10.15334 8.68085   1.000 215.80372 ? 108 DC A O2    1 
ATOM 136 N N3    . DC A 1 7  ? 3.42011   -7.94877  9.16737   1.000 212.22372 ? 108 DC A N3    1 
ATOM 137 C C4    . DC A 1 7  ? 3.77937   -7.02915  10.07713  1.000 210.93898 ? 108 DC A C4    1 
ATOM 138 N N4    . DC A 1 7  ? 3.73523   -5.74231  9.71682   1.000 208.56256 ? 108 DC A N4    1 
ATOM 139 C C5    . DC A 1 7  ? 4.20226   -7.39128  11.39118  1.000 207.87697 ? 108 DC A C5    1 
ATOM 140 C C6    . DC A 1 7  ? 4.22080   -8.69244  11.69490  1.000 207.31994 ? 108 DC A C6    1 
ATOM 141 P P     . DT A 1 8  ? 5.82432   -15.00051 11.52448  1.000 204.26875 ? 109 DT A P     1 
ATOM 142 O OP1   . DT A 1 8  ? 5.05042   -16.17675 11.05907  1.000 211.59161 ? 109 DT A OP1   1 
ATOM 143 O OP2   . DT A 1 8  ? 6.84130   -15.14149 12.59501  1.000 201.37940 ? 109 DT A OP2   1 
ATOM 144 O "O5'" . DT A 1 8  ? 6.55401   -14.33910 10.25796  1.000 196.99117 ? 109 DT A "O5'" 1 
ATOM 145 C "C5'" . DT A 1 8  ? 7.04373   -15.16297 9.19770   1.000 196.56414 ? 109 DT A "C5'" 1 
ATOM 146 C "C4'" . DT A 1 8  ? 6.33685   -14.83092 7.89418   1.000 197.54231 ? 109 DT A "C4'" 1 
ATOM 147 O "O4'" . DT A 1 8  ? 5.86391   -13.48169 7.94666   1.000 195.21042 ? 109 DT A "O4'" 1 
ATOM 148 C "C3'" . DT A 1 8  ? 7.21191   -14.89786 6.65227   1.000 192.91906 ? 109 DT A "C3'" 1 
ATOM 149 O "O3'" . DT A 1 8  ? 7.01849   -16.13332 6.00235   1.000 197.94125 ? 109 DT A "O3'" 1 
ATOM 150 C "C2'" . DT A 1 8  ? 6.73200   -13.73088 5.77352   1.000 190.59050 ? 109 DT A "C2'" 1 
ATOM 151 C "C1'" . DT A 1 8  ? 5.71097   -13.00569 6.63773   1.000 193.47826 ? 109 DT A "C1'" 1 
ATOM 152 N N1    . DT A 1 8  ? 5.85696   -11.51560 6.67201   1.000 188.09087 ? 109 DT A N1    1 
ATOM 153 C C2    . DT A 1 8  ? 5.58184   -10.76982 5.54173   1.000 186.61215 ? 109 DT A C2    1 
ATOM 154 O O2    . DT A 1 8  ? 5.24590   -11.26257 4.47611   1.000 189.32778 ? 109 DT A O2    1 
ATOM 155 N N3    . DT A 1 8  ? 5.71398   -9.40895  5.71271   1.000 182.29452 ? 109 DT A N3    1 
ATOM 156 C C4    . DT A 1 8  ? 6.07932   -8.74213  6.86320   1.000 183.28874 ? 109 DT A C4    1 
ATOM 157 O O4    . DT A 1 8  ? 6.17159   -7.51954  6.91517   1.000 181.69724 ? 109 DT A O4    1 
ATOM 158 C C5    . DT A 1 8  ? 6.34572   -9.58225  8.00465   1.000 186.13845 ? 109 DT A C5    1 
ATOM 159 C C7    . DT A 1 8  ? 6.75421   -8.96664  9.30863   1.000 187.79934 ? 109 DT A C7    1 
ATOM 160 C C6    . DT A 1 8  ? 6.21677   -10.90950 7.85829   1.000 186.97746 ? 109 DT A C6    1 
ATOM 161 P P     . DG A 1 9  ? 8.28451   -16.94701 5.46102   1.000 193.90688 ? 110 DG A P     1 
ATOM 162 O OP1   . DG A 1 9  ? 8.28246   -18.26501 6.13398   1.000 199.46976 ? 110 DG A OP1   1 
ATOM 163 O OP2   . DG A 1 9  ? 9.45875   -16.05679 5.61412   1.000 185.56414 ? 110 DG A OP2   1 
ATOM 164 O "O5'" . DG A 1 9  ? 7.96849   -17.17000 3.90269   1.000 195.64457 ? 110 DG A "O5'" 1 
ATOM 165 C "C5'" . DG A 1 9  ? 7.13314   -16.24861 3.18396   1.000 195.61292 ? 110 DG A "C5'" 1 
ATOM 166 C "C4'" . DG A 1 9  ? 7.92958   -15.51525 2.11671   1.000 189.40053 ? 110 DG A "C4'" 1 
ATOM 167 O "O4'" . DG A 1 9  ? 7.90459   -14.09904 2.41784   1.000 184.41434 ? 110 DG A "O4'" 1 
ATOM 168 C "C3'" . DG A 1 9  ? 9.41710   -15.90403 2.03683   1.000 184.60176 ? 110 DG A "C3'" 1 
ATOM 169 O "O3'" . DG A 1 9  ? 9.89904   -15.92714 0.66245   1.000 182.98679 ? 110 DG A "O3'" 1 
ATOM 170 C "C2'" . DG A 1 9  ? 10.10297  -14.82044 2.85900   1.000 177.64388 ? 110 DG A "C2'" 1 
ATOM 171 C "C1'" . DG A 1 9  ? 9.23095   -13.62017 2.53876   1.000 176.95780 ? 110 DG A "C1'" 1 
ATOM 172 N N9    . DG A 1 9  ? 9.27905   -12.56260 3.54484   1.000 173.12290 ? 110 DG A N9    1 
ATOM 173 C C8    . DG A 1 9  ? 9.53834   -12.67586 4.89487   1.000 172.63579 ? 110 DG A C8    1 
ATOM 174 N N7    . DG A 1 9  ? 9.50608   -11.53088 5.52919   1.000 169.12633 ? 110 DG A N7    1 
ATOM 175 C C5    . DG A 1 9  ? 9.22156   -10.60205 4.52263   1.000 167.11140 ? 110 DG A C5    1 
ATOM 176 C C6    . DG A 1 9  ? 9.06669   -9.19308  4.58490   1.000 163.52019 ? 110 DG A C6    1 
ATOM 177 O O6    . DG A 1 9  ? 9.14933   -8.44768  5.56376   1.000 161.24360 ? 110 DG A O6    1 
ATOM 178 N N1    . DG A 1 9  ? 8.78788   -8.65140  3.32337   1.000 163.04534 ? 110 DG A N1    1 
ATOM 179 C C2    . DG A 1 9  ? 8.67457   -9.38320  2.16996   1.000 165.71662 ? 110 DG A C2    1 
ATOM 180 N N2    . DG A 1 9  ? 8.40127   -8.70389  1.05446   1.000 165.18846 ? 110 DG A N2    1 
ATOM 181 N N3    . DG A 1 9  ? 8.81618   -10.68811 2.10234   1.000 169.04806 ? 110 DG A N3    1 
ATOM 182 C C4    . DG A 1 9  ? 9.08784   -11.22966 3.31124   1.000 169.53436 ? 110 DG A C4    1 
ATOM 183 P P     . DT A 1 10 ? 10.88056  -17.11447 0.18466   1.000 200.33771 ? 111 DT A P     1 
ATOM 184 O OP1   . DT A 1 10 ? 10.01908  -18.18599 -0.37079  1.000 208.87638 ? 111 DT A OP1   1 
ATOM 185 O OP2   . DT A 1 10 ? 11.83220  -17.39062 1.29365   1.000 197.43419 ? 111 DT A OP2   1 
ATOM 186 O "O5'" . DT A 1 10 ? 11.72095  -16.51572 -1.03558  1.000 194.72711 ? 111 DT A "O5'" 1 
ATOM 187 C "C5'" . DT A 1 10 ? 12.66802  -15.50168 -0.81486  1.000 186.47412 ? 111 DT A "C5'" 1 
ATOM 188 C "C4'" . DT A 1 10 ? 12.19877  -14.23566 -1.48290  1.000 183.29969 ? 111 DT A "C4'" 1 
ATOM 189 O "O4'" . DT A 1 10 ? 11.59003  -13.36423 -0.49826  1.000 182.06479 ? 111 DT A "O4'" 1 
ATOM 190 C "C3'" . DT A 1 10 ? 13.28385  -13.41408 -2.16002  1.000 175.98691 ? 111 DT A "C3'" 1 
ATOM 191 O "O3'" . DT A 1 10 ? 12.73159  -12.79515 -3.31816  1.000 176.40216 ? 111 DT A "O3'" 1 
ATOM 192 C "C2'" . DT A 1 10 ? 13.62880  -12.38844 -1.08805  1.000 170.09452 ? 111 DT A "C2'" 1 
ATOM 193 C "C1'" . DT A 1 10 ? 12.24930  -12.11895 -0.50775  1.000 174.52924 ? 111 DT A "C1'" 1 
ATOM 194 N N1    . DT A 1 10 ? 12.27507  -11.57288 0.88796   1.000 172.13217 ? 111 DT A N1    1 
ATOM 195 C C2    . DT A 1 10 ? 12.06125  -10.22432 1.07977   1.000 168.21431 ? 111 DT A C2    1 
ATOM 196 O O2    . DT A 1 10 ? 11.84988  -9.44095  0.16397   1.000 166.60864 ? 111 DT A O2    1 
ATOM 197 N N3    . DT A 1 10 ? 12.10473  -9.81641  2.39059   1.000 166.66600 ? 111 DT A N3    1 
ATOM 198 C C4    . DT A 1 10 ? 12.33311  -10.60972 3.50389   1.000 168.65577 ? 111 DT A C4    1 
ATOM 199 O O4    . DT A 1 10 ? 12.34954  -10.15006 4.64092   1.000 167.40149 ? 111 DT A O4    1 
ATOM 200 C C5    . DT A 1 10 ? 12.55078  -12.01324 3.23030   1.000 172.77977 ? 111 DT A C5    1 
ATOM 201 C C7    . DT A 1 10 ? 12.81296  -12.96641 4.35512   1.000 175.72651 ? 111 DT A C7    1 
ATOM 202 C C6    . DT A 1 10 ? 12.51603  -12.42409 1.95056   1.000 174.27560 ? 111 DT A C6    1 
ATOM 203 P P     . DA A 1 11 ? 13.61575  -12.59389 -4.64710  1.000 186.17444 ? 112 DA A P     1 
ATOM 204 O OP1   . DA A 1 11 ? 13.09907  -13.51675 -5.68966  1.000 192.42258 ? 112 DA A OP1   1 
ATOM 205 O OP2   . DA A 1 11 ? 15.04868  -12.68526 -4.26870  1.000 181.08381 ? 112 DA A OP2   1 
ATOM 206 O "O5'" . DA A 1 11 ? 13.27670  -11.08333 -5.07599  1.000 182.30618 ? 112 DA A "O5'" 1 
ATOM 207 C "C5'" . DA A 1 11 ? 12.99414  -10.10476 -4.06679  1.000 178.51809 ? 112 DA A "C5'" 1 
ATOM 208 C "C4'" . DA A 1 11 ? 14.08138  -9.03899  -4.01956  1.000 170.57290 ? 112 DA A "C4'" 1 
ATOM 209 O "O4'" . DA A 1 11 ? 14.15604  -8.48173  -2.68329  1.000 167.56267 ? 112 DA A "O4'" 1 
ATOM 210 C "C3'" . DA A 1 11 ? 15.48748  -9.53780  -4.31357  1.000 166.88993 ? 112 DA A "C3'" 1 
ATOM 211 O "O3'" . DA A 1 11 ? 15.72822  -9.52376  -5.71469  1.000 167.27086 ? 112 DA A "O3'" 1 
ATOM 212 C "C2'" . DA A 1 11 ? 16.35923  -8.51586  -3.59051  1.000 159.54053 ? 112 DA A "C2'" 1 
ATOM 213 C "C1'" . DA A 1 11 ? 15.50109  -8.13788  -2.38144  1.000 160.84030 ? 112 DA A "C1'" 1 
ATOM 214 N N9    . DA A 1 11 ? 15.89456  -8.81458  -1.13799  1.000 160.90365 ? 112 DA A N9    1 
ATOM 215 C C8    . DA A 1 11 ? 16.23235  -10.13951 -0.98502  1.000 164.30410 ? 112 DA A C8    1 
ATOM 216 N N7    . DA A 1 11 ? 16.54547  -10.46144 0.25296   1.000 163.87125 ? 112 DA A N7    1 
ATOM 217 C C5    . DA A 1 11 ? 16.40253  -9.27785  0.95574   1.000 159.87137 ? 112 DA A C5    1 
ATOM 218 C C6    . DA A 1 11 ? 16.58619  -8.94339  2.31880   1.000 157.84168 ? 112 DA A C6    1 
ATOM 219 N N6    . DA A 1 11 ? 16.97228  -9.83479  3.24362   1.000 159.69744 ? 112 DA A N6    1 
ATOM 220 N N1    . DA A 1 11 ? 16.35756  -7.66582  2.68806   1.000 154.32113 ? 112 DA A N1    1 
ATOM 221 C C2    . DA A 1 11 ? 15.97006  -6.77840  1.75873   1.000 152.95306 ? 112 DA A C2    1 
ATOM 222 N N3    . DA A 1 11 ? 15.76271  -6.96808  0.45263   1.000 154.61880 ? 112 DA A N3    1 
ATOM 223 C C4    . DA A 1 11 ? 15.99759  -8.24770  0.11223   1.000 158.02896 ? 112 DA A C4    1 
ATOM 224 P P     . DA B 2 1  ? 14.71954  -0.52699  4.84407   1.000 178.39374 ? 105 DA B P     1 
ATOM 225 O OP1   . DA B 2 1  ? 14.85046  -1.97162  4.55953   1.000 166.27302 ? 105 DA B OP1   1 
ATOM 226 O OP2   . DA B 2 1  ? 13.40391  0.09548   5.12539   1.000 186.13748 ? 105 DA B OP2   1 
ATOM 227 O "O5'" . DA B 2 1  ? 15.38610  0.17898   3.57954   1.000 182.30855 ? 105 DA B "O5'" 1 
ATOM 228 C "C5'" . DA B 2 1  ? 14.59471  0.94981   2.70450   1.000 182.48848 ? 105 DA B "C5'" 1 
ATOM 229 C "C4'" . DA B 2 1  ? 13.68747  0.09707   1.81349   1.000 183.55921 ? 105 DA B "C4'" 1 
ATOM 230 O "O4'" . DA B 2 1  ? 13.75163  -1.31045  2.14166   1.000 178.82064 ? 105 DA B "O4'" 1 
ATOM 231 C "C3'" . DA B 2 1  ? 12.22764  0.48960   1.87376   1.000 188.21736 ? 105 DA B "C3'" 1 
ATOM 232 O "O3'" . DA B 2 1  ? 11.84956  0.88121   0.61058   1.000 190.38339 ? 105 DA B "O3'" 1 
ATOM 233 C "C2'" . DA B 2 1  ? 11.48423  -0.77409  2.35122   1.000 186.08599 ? 105 DA B "C2'" 1 
ATOM 234 C "C1'" . DA B 2 1  ? 12.47013  -1.88885  2.05216   1.000 181.58258 ? 105 DA B "C1'" 1 
ATOM 235 N N9    . DA B 2 1  ? 12.44094  -3.00016  2.99910   1.000 175.25922 ? 105 DA B N9    1 
ATOM 236 C C8    . DA B 2 1  ? 12.43625  -2.91673  4.36317   1.000 173.27380 ? 105 DA B C8    1 
ATOM 237 N N7    . DA B 2 1  ? 12.46319  -4.07597  4.96559   1.000 163.55249 ? 105 DA B N7    1 
ATOM 238 C C5    . DA B 2 1  ? 12.46683  -4.98904  3.92879   1.000 159.34177 ? 105 DA B C5    1 
ATOM 239 C C6    . DA B 2 1  ? 12.46963  -6.39877  3.90708   1.000 147.03779 ? 105 DA B C6    1 
ATOM 240 N N6    . DA B 2 1  ? 12.47009  -7.15411  5.00926   1.000 140.73616 ? 105 DA B N6    1 
ATOM 241 N N1    . DA B 2 1  ? 12.47171  -7.00183  2.70456   1.000 147.07523 ? 105 DA B N1    1 
ATOM 242 C C2    . DA B 2 1  ? 12.46990  -6.24546  1.60151   1.000 157.85255 ? 105 DA B C2    1 
ATOM 243 N N3    . DA B 2 1  ? 12.46593  -4.91517  1.49718   1.000 167.29330 ? 105 DA B N3    1 
ATOM 244 C C4    . DA B 2 1  ? 12.46524  -4.34167  2.71206   1.000 167.73768 ? 105 DA B C4    1 
ATOM 245 P P     . DC B 2 2  ? 10.41204  1.53366   0.37470   1.000 178.65027 ? 106 DC B P     1 
ATOM 246 O OP1   . DC B 2 2  ? 10.57618  2.61617   -0.62585  1.000 181.85219 ? 106 DC B OP1   1 
ATOM 247 O OP2   . DC B 2 2  ? 9.83762   1.85200   1.70399   1.000 178.02719 ? 106 DC B OP2   1 
ATOM 248 O "O5'" . DC B 2 2  ? 9.61397   0.32216   -0.28516  1.000 173.85184 ? 106 DC B "O5'" 1 
ATOM 249 C "C5'" . DC B 2 2  ? 10.32758  -0.61044  -1.07394  1.000 173.34837 ? 106 DC B "C5'" 1 
ATOM 250 C "C4'" . DC B 2 2  ? 9.53547   -1.88044  -1.26176  1.000 170.84017 ? 106 DC B "C4'" 1 
ATOM 251 O "O4'" . DC B 2 2  ? 9.86019   -2.82820  -0.21447  1.000 169.44711 ? 106 DC B "O4'" 1 
ATOM 252 C "C3'" . DC B 2 2  ? 8.01739   -1.70900  -1.20774  1.000 165.59581 ? 106 DC B "C3'" 1 
ATOM 253 O "O3'" . DC B 2 2  ? 7.43879   -2.48940  -2.20777  1.000 163.24390 ? 106 DC B "O3'" 1 
ATOM 254 C "C2'" . DC B 2 2  ? 7.66579   -2.25689  0.16694   1.000 162.46850 ? 106 DC B "C2'" 1 
ATOM 255 C "C1'" . DC B 2 2  ? 8.65641   -3.39235  0.24133   1.000 165.06970 ? 106 DC B "C1'" 1 
ATOM 256 N N1    . DC B 2 2  ? 8.85870   -3.94319  1.60303   1.000 163.28042 ? 106 DC B N1    1 
ATOM 257 C C2    . DC B 2 2  ? 8.83669   -5.32876  1.79024   1.000 159.01038 ? 106 DC B C2    1 
ATOM 258 O O2    . DC B 2 2  ? 8.64543   -6.05799  0.81400   1.000 157.35931 ? 106 DC B O2    1 
ATOM 259 N N3    . DC B 2 2  ? 9.02615   -5.82711  3.03676   1.000 156.42148 ? 106 DC B N3    1 
ATOM 260 C C4    . DC B 2 2  ? 9.22939   -4.99373  4.05828   1.000 158.61477 ? 106 DC B C4    1 
ATOM 261 N N4    . DC B 2 2  ? 9.41233   -5.52136  5.27071   1.000 155.61806 ? 106 DC B N4    1 
ATOM 262 C C5    . DC B 2 2  ? 9.25696   -3.57856  3.88040   1.000 163.52551 ? 106 DC B C5    1 
ATOM 263 C C6    . DC B 2 2  ? 9.06840   -3.10155  2.64909   1.000 165.15768 ? 106 DC B C6    1 
ATOM 264 P P     . DA B 2 3  ? 6.52250   -1.79858  -3.32299  1.000 167.70147 ? 107 DA B P     1 
ATOM 265 O OP1   . DA B 2 3  ? 7.39221   -1.38879  -4.44953  1.000 171.04570 ? 107 DA B OP1   1 
ATOM 266 O OP2   . DA B 2 3  ? 5.67200   -0.82105  -2.60826  1.000 172.27049 ? 107 DA B OP2   1 
ATOM 267 O "O5'" . DA B 2 3  ? 5.58000   -2.98272  -3.82278  1.000 165.53568 ? 107 DA B "O5'" 1 
ATOM 268 C "C5'" . DA B 2 3  ? 6.09568   -4.30660  -3.93228  1.000 161.78625 ? 107 DA B "C5'" 1 
ATOM 269 C "C4'" . DA B 2 3  ? 5.12780   -5.29908  -3.31384  1.000 159.02488 ? 107 DA B "C4'" 1 
ATOM 270 O "O4'" . DA B 2 3  ? 5.58230   -5.63409  -1.99707  1.000 155.73306 ? 107 DA B "O4'" 1 
ATOM 271 C "C3'" . DA B 2 3  ? 3.71835   -4.75471  -3.12509  1.000 163.59397 ? 107 DA B "C3'" 1 
ATOM 272 O "O3'" . DA B 2 3  ? 2.85741   -5.12815  -4.24149  1.000 165.97767 ? 107 DA B "O3'" 1 
ATOM 273 C "C2'" . DA B 2 3  ? 3.24876   -5.31043  -1.76785  1.000 161.99660 ? 107 DA B "C2'" 1 
ATOM 274 C "C1'" . DA B 2 3  ? 4.49043   -6.02036  -1.21093  1.000 156.31733 ? 107 DA B "C1'" 1 
ATOM 275 N N9    . DA B 2 3  ? 4.80033   -5.65621  0.15862   1.000 155.16225 ? 107 DA B N9    1 
ATOM 276 C C8    . DA B 2 3  ? 4.90904   -4.39503  0.67404   1.000 158.24673 ? 107 DA B C8    1 
ATOM 277 N N7    . DA B 2 3  ? 5.21281   -4.37090  1.95016   1.000 156.52530 ? 107 DA B N7    1 
ATOM 278 C C5    . DA B 2 3  ? 5.31950   -5.70925  2.28818   1.000 151.73114 ? 107 DA B C5    1 
ATOM 279 C C6    . DA B 2 3  ? 5.62078   -6.36152  3.49689   1.000 147.96153 ? 107 DA B C6    1 
ATOM 280 N N6    . DA B 2 3  ? 5.87863   -5.71163  4.63220   1.000 150.27219 ? 107 DA B N6    1 
ATOM 281 N N1    . DA B 2 3  ? 5.64402   -7.71135  3.49090   1.000 144.27186 ? 107 DA B N1    1 
ATOM 282 C C2    . DA B 2 3  ? 5.38574   -8.35004  2.34524   1.000 144.65245 ? 107 DA B C2    1 
ATOM 283 N N3    . DA B 2 3  ? 5.09030   -7.84571  1.15043   1.000 147.85449 ? 107 DA B N3    1 
ATOM 284 C C4    . DA B 2 3  ? 5.07434   -6.51017  1.19142   1.000 151.12866 ? 107 DA B C4    1 
ATOM 285 P P     . DC B 2 4  ? 2.54566   -6.66141  -4.65308  1.000 139.69953 ? 111 DC B P     1 
ATOM 286 O OP1   . DC B 2 4  ? 2.82773   -7.60421  -3.54817  1.000 135.73659 ? 111 DC B OP1   1 
ATOM 287 O OP2   . DC B 2 4  ? 3.20421   -6.94733  -5.94737  1.000 138.86706 ? 111 DC B OP2   1 
ATOM 288 O "O5'" . DC B 2 4  ? 0.96976   -6.60617  -4.92984  1.000 144.98481 ? 111 DC B "O5'" 1 
ATOM 289 C "C5'" . DC B 2 4  ? 0.11848   -5.90642  -4.00934  1.000 148.56649 ? 111 DC B "C5'" 1 
ATOM 290 C "C4'" . DC B 2 4  ? -0.55463  -4.70144  -4.65748  1.000 154.58663 ? 111 DC B "C4'" 1 
ATOM 291 O "O4'" . DC B 2 4  ? 0.41887   -3.69194  -4.98712  1.000 154.12845 ? 111 DC B "O4'" 1 
ATOM 292 C "C3'" . DC B 2 4  ? -1.32503  -4.98512  -5.94776  1.000 157.90386 ? 111 DC B "C3'" 1 
ATOM 293 O "O3'" . DC B 2 4  ? -2.67302  -4.58444  -5.77677  1.000 164.35239 ? 111 DC B "O3'" 1 
ATOM 294 C "C2'" . DC B 2 4  ? -0.61488  -4.13358  -7.01233  1.000 158.23372 ? 111 DC B "C2'" 1 
ATOM 295 C "C1'" . DC B 2 4  ? 0.01786   -3.04862  -6.17167  1.000 158.33002 ? 111 DC B "C1'" 1 
ATOM 296 N N1    . DC B 2 4  ? 1.22539   -2.42296  -6.75189  1.000 156.74429 ? 111 DC B N1    1 
ATOM 297 C C2    . DC B 2 4  ? 1.22652   -1.85936  -8.04647  1.000 159.56716 ? 111 DC B C2    1 
ATOM 298 O O2    . DC B 2 4  ? 0.21028   -1.90068  -8.74894  1.000 163.17087 ? 111 DC B O2    1 
ATOM 299 N N3    . DC B 2 4  ? 2.37200   -1.28500  -8.49169  1.000 158.61167 ? 111 DC B N3    1 
ATOM 300 C C4    . DC B 2 4  ? 3.45274   -1.25552  -7.71029  1.000 155.39047 ? 111 DC B C4    1 
ATOM 301 N N4    . DC B 2 4  ? 4.56141   -0.68285  -8.17847  1.000 155.45968 ? 111 DC B N4    1 
ATOM 302 C C5    . DC B 2 4  ? 3.45534   -1.81015  -6.40658  1.000 152.36885 ? 111 DC B C5    1 
ATOM 303 C C6    . DC B 2 4  ? 2.33666   -2.37055  -5.97517  1.000 153.03637 ? 111 DC B C6    1 
ATOM 304 P P     . DC B 2 5  ? -3.80604  -5.15768  -6.75384  1.000 179.58690 ? 112 DC B P     1 
ATOM 305 O OP1   . DC B 2 5  ? -3.87109  -4.23245  -7.91193  1.000 182.90308 ? 112 DC B OP1   1 
ATOM 306 O OP2   . DC B 2 5  ? -5.03088  -5.40941  -5.95372  1.000 184.42265 ? 112 DC B OP2   1 
ATOM 307 O "O5'" . DC B 2 5  ? -3.21180  -6.56970  -7.20921  1.000 174.38486 ? 112 DC B "O5'" 1 
ATOM 308 C "C5'" . DC B 2 5  ? -3.98754  -7.42706  -8.02968  1.000 177.31243 ? 112 DC B "C5'" 1 
ATOM 309 C "C4'" . DC B 2 5  ? -3.97302  -6.96452  -9.47579  1.000 179.35264 ? 112 DC B "C4'" 1 
ATOM 310 O "O4'" . DC B 2 5  ? -2.84092  -6.07442  -9.69451  1.000 176.01830 ? 112 DC B "O4'" 1 
ATOM 311 C "C3'" . DC B 2 5  ? -3.77658  -8.07984  -10.48064 1.000 178.09325 ? 112 DC B "C3'" 1 
ATOM 312 O "O3'" . DC B 2 5  ? -4.20655  -7.64438  -11.74005 1.000 181.93890 ? 112 DC B "O3'" 1 
ATOM 313 C "C2'" . DC B 2 5  ? -2.26725  -8.20288  -10.45317 1.000 171.47280 ? 112 DC B "C2'" 1 
ATOM 314 C "C1'" . DC B 2 5  ? -1.89089  -6.72985  -10.51387 1.000 171.95177 ? 112 DC B "C1'" 1 
ATOM 315 N N1    . DC B 2 5  ? -0.52032  -6.44178  -9.99987  1.000 166.74585 ? 112 DC B N1    1 
ATOM 316 C C2    . DC B 2 5  ? 0.39324   -5.72085  -10.79285 1.000 165.87891 ? 112 DC B C2    1 
ATOM 317 O O2    . DC B 2 5  ? 0.04112   -5.31526  -11.91328 1.000 169.06135 ? 112 DC B O2    1 
ATOM 318 N N3    . DC B 2 5  ? 1.64179   -5.48390  -10.30456 1.000 162.01287 ? 112 DC B N3    1 
ATOM 319 C C4    . DC B 2 5  ? 1.97877   -5.93454  -9.09405  1.000 158.73134 ? 112 DC B C4    1 
ATOM 320 N N4    . DC B 2 5  ? 3.21337   -5.68325  -8.65356  1.000 155.48285 ? 112 DC B N4    1 
ATOM 321 C C5    . DC B 2 5  ? 1.06898   -6.67790  -8.28541  1.000 159.06761 ? 112 DC B C5    1 
ATOM 322 C C6    . DC B 2 5  ? -0.15503  -6.90696  -8.77239  1.000 163.28165 ? 112 DC B C6    1 
ATOM 323 P P     . DG B 2 6  ? -5.71187  -7.90819  -12.23339 1.000 187.08516 ? 113 DG B P     1 
ATOM 324 O OP1   . DG B 2 6  ? -6.62442  -7.20295  -11.30441 1.000 191.62108 ? 113 DG B OP1   1 
ATOM 325 O OP2   . DG B 2 6  ? -5.87676  -9.36781  -12.44225 1.000 187.09243 ? 113 DG B OP2   1 
ATOM 326 O "O5'" . DG B 2 6  ? -5.73342  -7.17819  -13.65757 1.000 189.46456 ? 113 DG B "O5'" 1 
ATOM 327 C "C5'" . DG B 2 6  ? -4.54876  -6.48896  -14.11866 1.000 185.16674 ? 113 DG B "C5'" 1 
ATOM 328 C "C4'" . DG B 2 6  ? -4.31905  -6.73091  -15.60554 1.000 185.57306 ? 113 DG B "C4'" 1 
ATOM 329 O "O4'" . DG B 2 6  ? -2.90222  -6.80569  -15.88868 1.000 179.96339 ? 113 DG B "O4'" 1 
ATOM 330 C "C3'" . DG B 2 6  ? -4.93661  -8.01995  -16.15021 1.000 187.93074 ? 113 DG B "C3'" 1 
ATOM 331 O "O3'" . DG B 2 6  ? -5.71949  -7.74456  -17.36074 1.000 193.27616 ? 113 DG B "O3'" 1 
ATOM 332 C "C2'" . DG B 2 6  ? -3.75628  -8.98905  -16.37530 1.000 182.60870 ? 113 DG B "C2'" 1 
ATOM 333 C "C1'" . DG B 2 6  ? -2.50744  -8.15770  -16.06213 1.000 177.54762 ? 113 DG B "C1'" 1 
ATOM 334 N N9    . DG B 2 6  ? -1.80853  -8.57911  -14.85988 1.000 172.94091 ? 113 DG B N9    1 
ATOM 335 C C8    . DG B 2 6  ? -2.23273  -9.49461  -13.92431 1.000 172.71591 ? 113 DG B C8    1 
ATOM 336 N N7    . DG B 2 6  ? -1.38929  -9.65945  -12.94483 1.000 168.01820 ? 113 DG B N7    1 
ATOM 337 C C5    . DG B 2 6  ? -0.34894  -8.78256  -13.23947 1.000 165.32516 ? 113 DG B C5    1 
ATOM 338 C C6    . DG B 2 6  ? 0.84838   -8.51743  -12.53333 1.000 160.70514 ? 113 DG B C6    1 
ATOM 339 O O6    . DG B 2 6  ? 1.24615   -9.01041  -11.46623 1.000 157.50798 ? 113 DG B O6    1 
ATOM 340 N N1    . DG B 2 6  ? 1.62565   -7.56432  -13.19019 1.000 160.41334 ? 113 DG B N1    1 
ATOM 341 C C2    . DG B 2 6  ? 1.28199   -6.95076  -14.37168 1.000 163.79020 ? 113 DG B C2    1 
ATOM 342 N N2    . DG B 2 6  ? 2.15948   -6.06294  -14.85036 1.000 164.08118 ? 113 DG B N2    1 
ATOM 343 N N3    . DG B 2 6  ? 0.16761   -7.18891  -15.04072 1.000 167.71227 ? 113 DG B N3    1 
ATOM 344 C C4    . DG B 2 6  ? -0.59806  -8.11472  -14.41636 1.000 168.38653 ? 113 DG B C4    1 
ATOM 345 P P     . DT B 2 7  ? -5.11869  -7.91446  -18.85071 1.000 193.96604 ? 114 DT B P     1 
ATOM 346 O OP1   . DT B 2 7  ? -6.05137  -7.19622  -19.75610 1.000 199.79399 ? 114 DT B OP1   1 
ATOM 347 O OP2   . DT B 2 7  ? -4.86588  -9.35519  -19.11058 1.000 192.92995 ? 114 DT B OP2   1 
ATOM 348 O "O5'" . DT B 2 7  ? -3.73048  -7.09969  -18.82236 1.000 188.48224 ? 114 DT B "O5'" 1 
ATOM 349 C "C5'" . DT B 2 7  ? -3.07802  -6.75273  -20.04956 1.000 187.90660 ? 114 DT B "C5'" 1 
ATOM 350 C "C4'" . DT B 2 7  ? -1.87486  -7.64420  -20.29893 1.000 184.23756 ? 114 DT B "C4'" 1 
ATOM 351 O "O4'" . DT B 2 7  ? -1.35960  -8.13151  -19.03687 1.000 179.52899 ? 114 DT B "O4'" 1 
ATOM 352 C "C3'" . DT B 2 7  ? -2.13808  -8.90302  -21.15848 1.000 185.50019 ? 114 DT B "C3'" 1 
ATOM 353 O "O3'" . DT B 2 7  ? -1.31457  -8.88024  -22.33534 1.000 187.93949 ? 114 DT B "O3'" 1 
ATOM 354 C "C2'" . DT B 2 7  ? -1.76022  -10.06980 -20.22916 1.000 182.94771 ? 114 DT B "C2'" 1 
ATOM 355 C "C1'" . DT B 2 7  ? -0.78397  -9.38017  -19.29829 1.000 178.42324 ? 114 DT B "C1'" 1 
ATOM 356 N N1    . DT B 2 7  ? -0.47726  -10.11095 -18.02424 1.000 174.65748 ? 114 DT B N1    1 
ATOM 357 C C2    . DT B 2 7  ? 0.55913   -9.66235  -17.21971 1.000 170.15722 ? 114 DT B C2    1 
ATOM 358 O O2    . DT B 2 7  ? 1.23420   -8.68096  -17.47813 1.000 172.09753 ? 114 DT B O2    1 
ATOM 359 N N3    . DT B 2 7  ? 0.76049   -10.40410 -16.09297 1.000 167.53564 ? 114 DT B N3    1 
ATOM 360 C C4    . DT B 2 7  ? 0.06394   -11.52755 -15.69256 1.000 169.05647 ? 114 DT B C4    1 
ATOM 361 O O4    . DT B 2 7  ? 0.32271   -12.12314 -14.65880 1.000 166.56420 ? 114 DT B O4    1 
ATOM 362 C C5    . DT B 2 7  ? -0.99579  -11.94541 -16.59028 1.000 174.31711 ? 114 DT B C5    1 
ATOM 363 C C7    . DT B 2 7  ? -1.82587  -13.15250 -16.26625 1.000 177.49144 ? 114 DT B C7    1 
ATOM 364 C C6    . DT B 2 7  ? -1.20328  -11.23324 -17.69863 1.000 176.71150 ? 114 DT B C6    1 
ATOM 365 O "O5'" . DC C 3 1  ? -12.37207 22.67108  -3.19168  1.000 275.94439 ? 101 DC C "O5'" 1 
ATOM 366 C "C5'" . DC C 3 1  ? -12.22551 23.39688  -4.40580  1.000 280.50932 ? 101 DC C "C5'" 1 
ATOM 367 C "C4'" . DC C 3 1  ? -10.90656 23.05216  -5.06573  1.000 273.00860 ? 101 DC C "C4'" 1 
ATOM 368 O "O4'" . DC C 3 1  ? -9.85008  23.18492  -4.08345  1.000 271.54866 ? 101 DC C "O4'" 1 
ATOM 369 C "C3'" . DC C 3 1  ? -10.82440 21.61186  -5.59221  1.000 261.03789 ? 101 DC C "C3'" 1 
ATOM 370 O "O3'" . DC C 3 1  ? -10.83091 21.54566  -7.06705  1.000 259.77926 ? 101 DC C "O3'" 1 
ATOM 371 C "C2'" . DC C 3 1  ? -9.55655  21.01648  -4.96295  1.000 253.28964 ? 101 DC C "C2'" 1 
ATOM 372 C "C1'" . DC C 3 1  ? -8.85035  22.22567  -4.34059  1.000 261.07969 ? 101 DC C "C1'" 1 
ATOM 373 N N1    . DC C 3 1  ? -8.17346  21.88931  -3.06448  1.000 257.66924 ? 101 DC C N1    1 
ATOM 374 C C2    . DC C 3 1  ? -6.82306  22.21847  -2.86352  1.000 257.29054 ? 101 DC C C2    1 
ATOM 375 O O2    . DC C 3 1  ? -6.20012  22.81641  -3.75109  1.000 260.05382 ? 101 DC C O2    1 
ATOM 376 N N3    . DC C 3 1  ? -6.24249  21.86618  -1.69300  1.000 254.33050 ? 101 DC C N3    1 
ATOM 377 C C4    . DC C 3 1  ? -6.95399  21.23637  -0.75304  1.000 251.90537 ? 101 DC C C4    1 
ATOM 378 N N4    . DC C 3 1  ? -6.34611  20.91216  0.38711   1.000 249.38391 ? 101 DC C N4    1 
ATOM 379 C C5    . DC C 3 1  ? -8.31532  20.88378  -0.95124  1.000 252.22499 ? 101 DC C C5    1 
ATOM 380 C C6    . DC C 3 1  ? -8.87644  21.23003  -2.10432  1.000 255.17717 ? 101 DC C C6    1 
ATOM 381 P P     . DT C 3 2  ? -9.79440  22.35956  -8.00432  1.000 262.83558 ? 102 DT C P     1 
ATOM 382 O OP1   . DT C 3 2  ? -10.14365 23.80442  -8.00386  1.000 275.60405 ? 102 DT C OP1   1 
ATOM 383 O OP2   . DT C 3 2  ? -9.71297  21.59038  -9.27051  1.000 256.15682 ? 102 DT C OP2   1 
ATOM 384 O "O5'" . DT C 3 2  ? -8.37369  22.16899  -7.31641  1.000 257.93359 ? 102 DT C "O5'" 1 
ATOM 385 C "C5'" . DT C 3 2  ? -7.34109  23.11796  -7.50348  1.000 263.01127 ? 102 DT C "C5'" 1 
ATOM 386 C "C4'" . DT C 3 2  ? -6.05956  22.40753  -7.85878  1.000 254.66978 ? 102 DT C "C4'" 1 
ATOM 387 O "O4'" . DT C 3 2  ? -5.38735  21.95902  -6.64963  1.000 250.45996 ? 102 DT C "O4'" 1 
ATOM 388 C "C3'" . DT C 3 2  ? -6.27078  21.15767  -8.69823  1.000 245.24531 ? 102 DT C "C3'" 1 
ATOM 389 O "O3'" . DT C 3 2  ? -5.16968  20.96872  -9.53509  1.000 241.75092 ? 102 DT C "O3'" 1 
ATOM 390 C "C2'" . DT C 3 2  ? -6.32865  20.07471  -7.63512  1.000 237.76370 ? 102 DT C "C2'" 1 
ATOM 391 C "C1'" . DT C 3 2  ? -5.23732  20.56014  -6.69568  1.000 239.79984 ? 102 DT C "C1'" 1 
ATOM 392 N N1    . DT C 3 2  ? -5.35753  20.02450  -5.31503  1.000 236.85581 ? 102 DT C N1    1 
ATOM 393 C C2    . DT C 3 2  ? -4.29494  20.14224  -4.44355  1.000 236.60600 ? 102 DT C C2    1 
ATOM 394 O O2    . DT C 3 2  ? -3.23619  20.66755  -4.74527  1.000 238.80757 ? 102 DT C O2    1 
ATOM 395 N N3    . DT C 3 2  ? -4.51808  19.61658  -3.19462  1.000 234.10245 ? 102 DT C N3    1 
ATOM 396 C C4    . DT C 3 2  ? -5.67257  18.99673  -2.74467  1.000 232.01756 ? 102 DT C C4    1 
ATOM 397 O O4    . DT C 3 2  ? -5.78143  18.55401  -1.60399  1.000 230.20581 ? 102 DT C O4    1 
ATOM 398 C C5    . DT C 3 2  ? -6.74465  18.91218  -3.70978  1.000 232.63738 ? 102 DT C C5    1 
ATOM 399 C C7    . DT C 3 2  ? -8.04191  18.25785  -3.33990  1.000 231.18510 ? 102 DT C C7    1 
ATOM 400 C C6    . DT C 3 2  ? -6.53559  19.42204  -4.93213  1.000 234.91594 ? 102 DT C C6    1 
ATOM 401 P P     . DG C 3 3  ? -5.00435  21.81962  -10.88321 1.000 247.71141 ? 103 DG C P     1 
ATOM 402 O OP1   . DG C 3 3  ? -5.67310  23.13300  -10.74408 1.000 259.15265 ? 103 DG C OP1   1 
ATOM 403 O OP2   . DG C 3 3  ? -5.40069  20.92278  -11.99529 1.000 241.46190 ? 103 DG C OP2   1 
ATOM 404 O "O5'" . DG C 3 3  ? -3.42160  22.04343  -10.98146 1.000 247.27238 ? 103 DG C "O5'" 1 
ATOM 405 C "C5'" . DG C 3 3  ? -2.60728  21.04191  -11.57955 1.000 238.85828 ? 103 DG C "C5'" 1 
ATOM 406 C "C4'" . DG C 3 3  ? -1.57202  20.51334  -10.60578 1.000 234.24816 ? 103 DG C "C4'" 1 
ATOM 407 O "O4'" . DG C 3 3  ? -2.19271  20.18295  -9.32306  1.000 232.55914 ? 103 DG C "O4'" 1 
ATOM 408 C "C3'" . DG C 3 3  ? -0.87916  19.22611  -11.05248 1.000 224.82370 ? 103 DG C "C3'" 1 
ATOM 409 O "O3'" . DG C 3 3  ? 0.41264   19.21013  -10.51551 1.000 224.39608 ? 103 DG C "O3'" 1 
ATOM 410 C "C2'" . DG C 3 3  ? -1.72892  18.18020  -10.36116 1.000 218.37340 ? 103 DG C "C2'" 1 
ATOM 411 C "C1'" . DG C 3 3  ? -1.83021  18.85498  -9.01060  1.000 223.21587 ? 103 DG C "C1'" 1 
ATOM 412 N N9    . DG C 3 3  ? -2.80472  18.25478  -8.10872  1.000 220.28670 ? 103 DG C N9    1 
ATOM 413 C C8    . DG C 3 3  ? -4.08382  17.86484  -8.41081  1.000 218.94678 ? 103 DG C C8    1 
ATOM 414 N N7    . DG C 3 3  ? -4.72016  17.34207  -7.39748  1.000 216.78917 ? 103 DG C N7    1 
ATOM 415 C C5    . DG C 3 3  ? -3.79680  17.37391  -6.36082  1.000 216.39083 ? 103 DG C C5    1 
ATOM 416 C C6    . DG C 3 3  ? -3.91519  16.93820  -5.01888  1.000 214.59313 ? 103 DG C C6    1 
ATOM 417 O O6    . DG C 3 3  ? -4.89403  16.42053  -4.46210  1.000 213.02091 ? 103 DG C O6    1 
ATOM 418 N N1    . DG C 3 3  ? -2.74032  17.15120  -4.30621  1.000 215.19907 ? 103 DG C N1    1 
ATOM 419 C C2    . DG C 3 3  ? -1.59578  17.71817  -4.82593  1.000 217.53084 ? 103 DG C C2    1 
ATOM 420 N N2    . DG C 3 3  ? -0.55906  17.84494  -3.98793  1.000 218.32953 ? 103 DG C N2    1 
ATOM 421 N N3    . DG C 3 3  ? -1.47345  18.13081  -6.07827  1.000 219.37466 ? 103 DG C N3    1 
ATOM 422 C C4    . DG C 3 3  ? -2.61075  17.92959  -6.78505  1.000 218.55939 ? 103 DG C C4    1 
ATOM 423 P P     . DA C 3 4  ? 1.70302   19.13898  -11.46281 1.000 231.29214 ? 104 DA C P     1 
ATOM 424 O OP1   . DA C 3 4  ? 1.84721   20.48803  -12.06135 1.000 240.58404 ? 104 DA C OP1   1 
ATOM 425 O OP2   . DA C 3 4  ? 1.58564   17.94632  -12.33909 1.000 223.45976 ? 104 DA C OP2   1 
ATOM 426 O "O5'" . DA C 3 4  ? 2.89240   18.88536  -10.41880 1.000 230.06710 ? 104 DA C "O5'" 1 
ATOM 427 C "C5'" . DA C 3 4  ? 2.81898   19.46540  -9.10916  1.000 234.04486 ? 104 DA C "C5'" 1 
ATOM 428 C "C4'" . DA C 3 4  ? 3.44264   18.54794  -8.07343  1.000 228.62171 ? 104 DA C "C4'" 1 
ATOM 429 O "O4'" . DA C 3 4  ? 2.40567   17.94578  -7.25672  1.000 224.61867 ? 104 DA C "O4'" 1 
ATOM 430 C "C3'" . DA C 3 4  ? 4.23992   17.37873  -8.64063  1.000 221.79099 ? 104 DA C "C3'" 1 
ATOM 431 O "O3'" . DA C 3 4  ? 5.29952   17.06843  -7.73970  1.000 221.21578 ? 104 DA C "O3'" 1 
ATOM 432 C "C2'" . DA C 3 4  ? 3.19377   16.26186  -8.69143  1.000 214.41848 ? 104 DA C "C2'" 1 
ATOM 433 C "C1'" . DA C 3 4  ? 2.44377   16.53051  -7.39844  1.000 216.03366 ? 104 DA C "C1'" 1 
ATOM 434 N N9    . DA C 3 4  ? 1.06909   16.03899  -7.37232  1.000 212.81216 ? 104 DA C N9    1 
ATOM 435 C C8    . DA C 3 4  ? 0.12659   16.15411  -8.35354  1.000 213.08439 ? 104 DA C C8    1 
ATOM 436 N N7    . DA C 3 4  ? -1.04094  15.64443  -8.03064  1.000 210.50050 ? 104 DA C N7    1 
ATOM 437 C C5    . DA C 3 4  ? -0.85014  15.17490  -6.73982  1.000 208.36520 ? 104 DA C C5    1 
ATOM 438 C C6    . DA C 3 4  ? -1.70289  14.52004  -5.82586  1.000 205.59845 ? 104 DA C C6    1 
ATOM 439 N N6    . DA C 3 4  ? -2.97516  14.21917  -6.09099  1.000 204.59711 ? 104 DA C N6    1 
ATOM 440 N N1    . DA C 3 4  ? -1.18768  14.18269  -4.61911  1.000 204.36510 ? 104 DA C N1    1 
ATOM 441 C C2    . DA C 3 4  ? 0.08698   14.48920  -4.35964  1.000 205.89511 ? 104 DA C C2    1 
ATOM 442 N N3    . DA C 3 4  ? 0.97952   15.09449  -5.13721  1.000 208.66140 ? 104 DA C N3    1 
ATOM 443 C C4    . DA C 3 4  ? 0.44239   15.41521  -6.32241  1.000 209.72895 ? 104 DA C C4    1 
ATOM 444 P P     . DC C 3 5  ? 6.49469   16.07884  -8.17679  1.000 219.38757 ? 105 DC C P     1 
ATOM 445 O OP1   . DC C 3 5  ? 7.72865   16.89904  -8.25570  1.000 225.90938 ? 105 DC C OP1   1 
ATOM 446 O OP2   . DC C 3 5  ? 6.05593   15.29071  -9.35683  1.000 214.13592 ? 105 DC C OP2   1 
ATOM 447 O "O5'" . DC C 3 5  ? 6.61807   15.07596  -6.92642  1.000 214.57623 ? 105 DC C "O5'" 1 
ATOM 448 C "C5'" . DC C 3 5  ? 5.71910   15.19739  -5.80351  1.000 214.51714 ? 105 DC C "C5'" 1 
ATOM 449 C "C4'" . DC C 3 5  ? 5.42920   13.83677  -5.18617  1.000 207.52101 ? 105 DC C "C4'" 1 
ATOM 450 O "O4'" . DC C 3 5  ? 3.99248   13.58321  -5.20371  1.000 204.73115 ? 105 DC C "O4'" 1 
ATOM 451 C "C3'" . DC C 3 5  ? 6.04900   12.64504  -5.92884  1.000 202.20913 ? 105 DC C "C3'" 1 
ATOM 452 O "O3'" . DC C 3 5  ? 6.23298   11.55706  -5.02777  1.000 198.17119 ? 105 DC C "O3'" 1 
ATOM 453 C "C2'" . DC C 3 5  ? 4.93285   12.31399  -6.89749  1.000 198.68570 ? 105 DC C "C2'" 1 
ATOM 454 C "C1'" . DC C 3 5  ? 3.77670   12.38484  -5.91775  1.000 198.34227 ? 105 DC C "C1'" 1 
ATOM 455 N N1    . DC C 3 5  ? 2.42191   12.38862  -6.53423  1.000 196.98014 ? 105 DC C N1    1 
ATOM 456 C C2    . DC C 3 5  ? 1.35110   11.86941  -5.80738  1.000 194.48598 ? 105 DC C C2    1 
ATOM 457 O O2    . DC C 3 5  ? 1.55789   11.44919  -4.66532  1.000 193.45274 ? 105 DC C O2    1 
ATOM 458 N N3    . DC C 3 5  ? 0.11771   11.85969  -6.36424  1.000 193.82267 ? 105 DC C N3    1 
ATOM 459 C C4    . DC C 3 5  ? -0.05281  12.32656  -7.59922  1.000 195.33369 ? 105 DC C C4    1 
ATOM 460 N N4    . DC C 3 5  ? -1.28662  12.29983  -8.11003  1.000 195.08783 ? 105 DC C N4    1 
ATOM 461 C C5    . DC C 3 5  ? 1.03148   12.85667  -8.36124  1.000 197.73025 ? 105 DC C C5    1 
ATOM 462 C C6    . DC C 3 5  ? 2.24228   12.86366  -7.79589  1.000 198.51335 ? 105 DC C C6    1 
ATOM 463 P P     . DT C 3 6  ? 7.42054   11.53664  -3.94151  1.000 197.20110 ? 106 DT C P     1 
ATOM 464 O OP1   . DT C 3 6  ? 7.41948   12.78964  -3.14808  1.000 203.26748 ? 106 DT C OP1   1 
ATOM 465 O OP2   . DT C 3 6  ? 8.64425   11.12002  -4.66639  1.000 197.35123 ? 106 DT C OP2   1 
ATOM 466 O "O5'" . DT C 3 6  ? 6.97425   10.35471  -2.94700  1.000 192.39588 ? 106 DT C "O5'" 1 
ATOM 467 C "C5'" . DT C 3 6  ? 5.68762   10.41646  -2.28946  1.000 191.20082 ? 106 DT C "C5'" 1 
ATOM 468 C "C4'" . DT C 3 6  ? 5.08904   9.02636   -2.05876  1.000 185.33617 ? 106 DT C "C4'" 1 
ATOM 469 O "O4'" . DT C 3 6  ? 3.84712   8.89830   -2.80822  1.000 182.69232 ? 106 DT C "O4'" 1 
ATOM 470 C "C3'" . DT C 3 6  ? 5.94219   7.83893   -2.51804  1.000 182.04450 ? 106 DT C "C3'" 1 
ATOM 471 O "O3'" . DT C 3 6  ? 5.55869   6.67279   -1.79413  1.000 178.52854 ? 106 DT C "O3'" 1 
ATOM 472 C "C2'" . DT C 3 6  ? 5.48416   7.70765   -3.95482  1.000 179.61031 ? 106 DT C "C2'" 1 
ATOM 473 C "C1'" . DT C 3 6  ? 3.98756   7.82532   -3.71927  1.000 178.23599 ? 106 DT C "C1'" 1 
ATOM 474 N N1    . DT C 3 6  ? 3.19217   8.10188   -4.94362  1.000 177.33300 ? 106 DT C N1    1 
ATOM 475 C C2    . DT C 3 6  ? 1.84132   7.82275   -4.94527  1.000 175.27130 ? 106 DT C C2    1 
ATOM 476 O O2    . DT C 3 6  ? 1.25241   7.36427   -3.98192  1.000 174.18188 ? 106 DT C O2    1 
ATOM 477 N N3    . DT C 3 6  ? 1.19976   8.10782   -6.12434  1.000 175.01349 ? 106 DT C N3    1 
ATOM 478 C C4    . DT C 3 6  ? 1.76066   8.62703   -7.27481  1.000 176.47854 ? 106 DT C C4    1 
ATOM 479 O O4    . DT C 3 6  ? 1.09758   8.84847   -8.28626  1.000 176.37958 ? 106 DT C O4    1 
ATOM 480 C C5    . DT C 3 6  ? 3.18189   8.88963   -7.20515  1.000 178.62749 ? 106 DT C C5    1 
ATOM 481 C C7    . DT C 3 6  ? 3.90132   9.44703   -8.39439  1.000 180.87227 ? 106 DT C C7    1 
ATOM 482 C C6    . DT C 3 6  ? 3.82183   8.61586   -6.05749  1.000 178.99875 ? 106 DT C C6    1 
ATOM 483 P P     . DG C 3 7  ? 6.14739   6.35404   -0.33374  1.000 177.34565 ? 107 DG C P     1 
ATOM 484 O OP1   . DG C 3 7  ? 6.26438   7.60494   0.45102   1.000 182.16812 ? 107 DG C OP1   1 
ATOM 485 O OP2   . DG C 3 7  ? 7.34130   5.50679   -0.54467  1.000 177.02121 ? 107 DG C OP2   1 
ATOM 486 O "O5'" . DG C 3 7  ? 5.00291   5.45124   0.33220   1.000 173.91705 ? 107 DG C "O5'" 1 
ATOM 487 C "C5'" . DG C 3 7  ? 3.61901   5.77592   0.11446   1.000 172.77514 ? 107 DG C "C5'" 1 
ATOM 488 C "C4'" . DG C 3 7  ? 2.82726   4.56171   -0.36414  1.000 168.17261 ? 107 DG C "C4'" 1 
ATOM 489 O "O4'" . DG C 3 7  ? 2.35323   4.78949   -1.72464  1.000 166.70099 ? 107 DG C "O4'" 1 
ATOM 490 C "C3'" . DG C 3 7  ? 3.61071   3.24101   -0.43592  1.000 165.88955 ? 107 DG C "C3'" 1 
ATOM 491 O "O3'" . DG C 3 7  ? 2.72008   2.14768   -0.26951  1.000 162.92454 ? 107 DG C "O3'" 1 
ATOM 492 C "C2'" . DG C 3 7  ? 4.10558   3.26992   -1.86918  1.000 164.85683 ? 107 DG C "C2'" 1 
ATOM 493 C "C1'" . DG C 3 7  ? 2.82417   3.73137   -2.54407  1.000 163.60888 ? 107 DG C "C1'" 1 
ATOM 494 N N9    . DG C 3 7  ? 3.00135   4.21497   -3.90968  1.000 163.54051 ? 107 DG C N9    1 
ATOM 495 C C8    . DG C 3 7  ? 4.15937   4.67939   -4.48251  1.000 165.56337 ? 107 DG C C8    1 
ATOM 496 N N7    . DG C 3 7  ? 4.01399   5.04952   -5.72315  1.000 165.28551 ? 107 DG C N7    1 
ATOM 497 C C5    . DG C 3 7  ? 2.67414   4.80687   -5.99364  1.000 162.87675 ? 107 DG C C5    1 
ATOM 498 C C6    . DG C 3 7  ? 1.93520   5.00771   -7.17679  1.000 161.85494 ? 107 DG C C6    1 
ATOM 499 O O6    . DG C 3 7  ? 2.33618   5.45918   -8.25862  1.000 162.77920 ? 107 DG C O6    1 
ATOM 500 N N1    . DG C 3 7  ? 0.60674   4.62839   -7.02388  1.000 160.01067 ? 107 DG C N1    1 
ATOM 501 C C2    . DG C 3 7  ? 0.06308   4.11796   -5.86860  1.000 159.31889 ? 107 DG C C2    1 
ATOM 502 N N2    . DG C 3 7  ? -1.23323  3.80750   -5.90942  1.000 158.13614 ? 107 DG C N2    1 
ATOM 503 N N3    . DG C 3 7  ? 0.74263   3.92436   -4.75408  1.000 160.15979 ? 107 DG C N3    1 
ATOM 504 C C4    . DG C 3 7  ? 2.03595   4.28906   -4.88737  1.000 161.87544 ? 107 DG C C4    1 
ATOM 505 P P     . DT C 3 8  ? 2.50255   1.45613   1.16105   1.000 163.22582 ? 108 DT C P     1 
ATOM 506 O OP1   . DT C 3 8  ? 1.95110   2.48448   2.08077   1.000 168.35652 ? 108 DT C OP1   1 
ATOM 507 O OP2   . DT C 3 8  ? 3.75072   0.72014   1.50327   1.000 164.06507 ? 108 DT C OP2   1 
ATOM 508 O "O5'" . DT C 3 8  ? 1.33585   0.40044   0.86534   1.000 160.76199 ? 108 DT C "O5'" 1 
ATOM 509 C "C5'" . DT C 3 8  ? 0.25251   0.77092   0.01416   1.000 161.62754 ? 108 DT C "C5'" 1 
ATOM 510 C "C4'" . DT C 3 8  ? 0.20967   -0.10156  -1.22780  1.000 155.71635 ? 108 DT C "C4'" 1 
ATOM 511 O "O4'" . DT C 3 8  ? 0.53935   0.67511   -2.39386  1.000 155.60015 ? 108 DT C "O4'" 1 
ATOM 512 C "C3'" . DT C 3 8  ? 1.20579   -1.25717  -1.25129  1.000 154.96317 ? 108 DT C "C3'" 1 
ATOM 513 O "O3'" . DT C 3 8  ? 0.62270   -2.46540  -0.71385  1.000 154.14370 ? 108 DT C "O3'" 1 
ATOM 514 C "C2'" . DT C 3 8  ? 1.56668   -1.41220  -2.73939  1.000 153.20051 ? 108 DT C "C2'" 1 
ATOM 515 C "C1'" . DT C 3 8  ? 0.85546   -0.23373  -3.41670  1.000 153.21726 ? 108 DT C "C1'" 1 
ATOM 516 N N1    . DT C 3 8  ? 1.69279   0.44546   -4.45113  1.000 153.78412 ? 108 DT C N1    1 
ATOM 517 C C2    . DT C 3 8  ? 1.13214   0.78487   -5.66297  1.000 152.63095 ? 108 DT C C2    1 
ATOM 518 O O2    . DT C 3 8  ? -0.03303  0.57913   -5.93550  1.000 151.23380 ? 108 DT C O2    1 
ATOM 519 N N3    . DT C 3 8  ? 1.99543   1.38827   -6.54423  1.000 153.67719 ? 108 DT C N3    1 
ATOM 520 C C4    . DT C 3 8  ? 3.32671   1.66983   -6.34764  1.000 155.89278 ? 108 DT C C4    1 
ATOM 521 O O4    . DT C 3 8  ? 4.02040   2.21604   -7.20027  1.000 157.20531 ? 108 DT C O4    1 
ATOM 522 C C5    . DT C 3 8  ? 3.85190   1.27821   -5.06477  1.000 157.07096 ? 108 DT C C5    1 
ATOM 523 C C7    . DT C 3 8  ? 5.29098   1.53184   -4.74162  1.000 160.08960 ? 108 DT C C7    1 
ATOM 524 C C6    . DT C 3 8  ? 3.02226   0.68691   -4.19008  1.000 155.88154 ? 108 DT C C6    1 
ATOM 525 P P     . DG C 3 9  ? -0.91521  -2.86501  -0.96378  1.000 161.43627 ? 109 DG C P     1 
ATOM 526 O OP1   . DG C 3 9  ? -1.35729  -2.46711  -2.31534  1.000 158.45903 ? 109 DG C OP1   1 
ATOM 527 O OP2   . DG C 3 9  ? -1.67462  -2.42303  0.22449   1.000 171.10829 ? 109 DG C OP2   1 
ATOM 528 O "O5'" . DG C 3 9  ? -0.89265  -4.45979  -0.94536  1.000 158.28956 ? 109 DG C "O5'" 1 
ATOM 529 C "C5'" . DG C 3 9  ? -0.94259  -5.15444  0.28841   1.000 160.03326 ? 109 DG C "C5'" 1 
ATOM 530 C "C4'" . DG C 3 9  ? -0.22288  -6.48418  0.18118   1.000 160.43512 ? 109 DG C "C4'" 1 
ATOM 531 O "O4'" . DG C 3 9  ? 1.18974   -6.27429  0.40247   1.000 161.99204 ? 109 DG C "O4'" 1 
ATOM 532 C "C3'" . DG C 3 9  ? -0.66230  -7.53325  1.19642   1.000 162.28073 ? 109 DG C "C3'" 1 
ATOM 533 O "O3'" . DG C 3 9  ? -1.60827  -8.39908  0.60417   1.000 161.28702 ? 109 DG C "O3'" 1 
ATOM 534 C "C2'" . DG C 3 9  ? 0.62544   -8.27506  1.52561   1.000 164.44392 ? 109 DG C "C2'" 1 
ATOM 535 C "C1'" . DG C 3 9  ? 1.67428   -7.17910  1.37558   1.000 164.55467 ? 109 DG C "C1'" 1 
ATOM 536 N N9    . DG C 3 9  ? 1.96694   -6.43246  2.60636   1.000 166.66285 ? 109 DG C N9    1 
ATOM 537 C C8    . DG C 3 9  ? 2.00979   -5.06007  2.74196   1.000 166.59401 ? 109 DG C C8    1 
ATOM 538 N N7    . DG C 3 9  ? 2.31416   -4.66078  3.94610   1.000 169.08116 ? 109 DG C N7    1 
ATOM 539 C C5    . DG C 3 9  ? 2.49729   -5.84044  4.66225   1.000 170.87191 ? 109 DG C C5    1 
ATOM 540 C C6    . DG C 3 9  ? 2.84067   -6.02298  6.02032   1.000 174.06082 ? 109 DG C C6    1 
ATOM 541 O O6    . DG C 3 9  ? 3.05612   -5.15341  6.87850   1.000 176.31598 ? 109 DG C O6    1 
ATOM 542 N N1    . DG C 3 9  ? 2.92630   -7.37685  6.35252   1.000 175.73311 ? 109 DG C N1    1 
ATOM 543 C C2    . DG C 3 9  ? 2.70673   -8.41576  5.47633   1.000 174.60711 ? 109 DG C C2    1 
ATOM 544 N N2    . DG C 3 9  ? 2.82984   -9.64852  5.97575   1.000 177.35493 ? 109 DG C N2    1 
ATOM 545 N N3    . DG C 3 9  ? 2.38577   -8.25806  4.19696   1.000 171.45271 ? 109 DG C N3    1 
ATOM 546 C C4    . DG C 3 9  ? 2.29548   -6.94179  3.85667   1.000 169.62824 ? 109 DG C C4    1 
ATOM 547 P P     . DG C 3 10 ? -2.93861  -8.79731  1.40934   1.000 171.58350 ? 110 DG C P     1 
ATOM 548 O OP1   . DG C 3 10 ? -3.82169  -9.55378  0.49098   1.000 170.83437 ? 110 DG C OP1   1 
ATOM 549 O OP2   . DG C 3 10 ? -3.44740  -7.56764  2.06295   1.000 179.43184 ? 110 DG C OP2   1 
ATOM 550 O "O5'" . DG C 3 10 ? -2.40972  -9.79395  2.54583   1.000 175.27216 ? 110 DG C "O5'" 1 
ATOM 551 C "C5'" . DG C 3 10 ? -2.24714  -11.18094 2.25609   1.000 177.32351 ? 110 DG C "C5'" 1 
ATOM 552 C "C4'" . DG C 3 10 ? -1.66435  -11.92178 3.44919   1.000 181.83183 ? 110 DG C "C4'" 1 
ATOM 553 O "O4'" . DG C 3 10 ? -0.41378  -11.29822 3.83260   1.000 182.17385 ? 110 DG C "O4'" 1 
ATOM 554 C "C3'" . DG C 3 10 ? -2.52696  -11.91258 4.70872   1.000 184.29844 ? 110 DG C "C3'" 1 
ATOM 555 O "O3'" . DG C 3 10 ? -3.40545  -13.03779 4.71919   1.000 187.09596 ? 110 DG C "O3'" 1 
ATOM 556 C "C2'" . DG C 3 10 ? -1.48774  -12.02324 5.81361   1.000 186.82837 ? 110 DG C "C2'" 1 
ATOM 557 C "C1'" . DG C 3 10 ? -0.33499  -11.21149 5.24321   1.000 185.03720 ? 110 DG C "C1'" 1 
ATOM 558 N N9    . DG C 3 10 ? -0.36327  -9.80488  5.63178   1.000 183.14999 ? 110 DG C N9    1 
ATOM 559 C C8    . DG C 3 10 ? -0.58295  -8.71445  4.82832   1.000 181.18855 ? 110 DG C C8    1 
ATOM 560 N N7    . DG C 3 10 ? -0.53503  -7.57861  5.47435   1.000 187.30222 ? 110 DG C N7    1 
ATOM 561 C C5    . DG C 3 10 ? -0.27118  -7.94738  6.78460   1.000 191.84455 ? 110 DG C C5    1 
ATOM 562 C C6    . DG C 3 10 ? -0.10890  -7.16095  7.95214   1.000 199.38249 ? 110 DG C C6    1 
ATOM 563 O O6    . DG C 3 10 ? -0.16745  -5.92638  8.05979   1.000 204.08914 ? 110 DG C O6    1 
ATOM 564 N N1    . DG C 3 10 ? 0.14784   -7.94681  9.07140   1.000 201.81355 ? 110 DG C N1    1 
ATOM 565 C C2    . DG C 3 10 ? 0.23289   -9.32004  9.06424   1.000 197.99017 ? 110 DG C C2    1 
ATOM 566 N N2    . DG C 3 10 ? 0.48509   -9.91212  10.23467  1.000 201.59615 ? 110 DG C N2    1 
ATOM 567 N N3    . DG C 3 10 ? 0.08631   -10.06224 7.98639   1.000 191.48812 ? 110 DG C N3    1 
ATOM 568 C C4    . DG C 3 10 ? -0.16230  -9.32000  6.89467   1.000 188.54370 ? 110 DG C C4    1 
ATOM 569 P P     . DT C 3 11 ? -4.90316  -12.88243 5.27391   1.000 197.49443 ? 111 DT C P     1 
ATOM 570 O OP1   . DT C 3 11 ? -5.80897  -13.43571 4.24172   1.000 196.72878 ? 111 DT C OP1   1 
ATOM 571 O OP2   . DT C 3 11 ? -5.05198  -11.48296 5.72373   1.000 200.23363 ? 111 DT C OP2   1 
ATOM 572 O "O5'" . DT C 3 11 ? -4.95633  -13.79939 6.58921   1.000 203.50907 ? 111 DT C "O5'" 1 
ATOM 573 C "C5'" . DT C 3 11 ? -3.78432  -14.44978 7.06073   1.000 206.31593 ? 111 DT C "C5'" 1 
ATOM 574 C "C4'" . DT C 3 11 ? -3.61258  -14.26315 8.56442   1.000 209.65075 ? 111 DT C "C4'" 1 
ATOM 575 O "O4'" . DT C 3 11 ? -2.65763  -13.21049 8.81714   1.000 207.20136 ? 111 DT C "O4'" 1 
ATOM 576 C "C3'" . DT C 3 11 ? -4.86265  -13.85747 9.33058   1.000 212.37568 ? 111 DT C "C3'" 1 
ATOM 577 O "O3'" . DT C 3 11 ? -5.63051  -15.04402 9.67507   1.000 215.85847 ? 111 DT C "O3'" 1 
ATOM 578 C "C2'" . DT C 3 11 ? -4.28059  -13.15107 10.55769  1.000 218.69190 ? 111 DT C "C2'" 1 
ATOM 579 C "C1'" . DT C 3 11 ? -2.96388  -12.56677 10.03963  1.000 213.66504 ? 111 DT C "C1'" 1 
ATOM 580 N N1    . DT C 3 11 ? -3.00788  -11.09968 9.79383   1.000 196.79244 ? 111 DT C N1    1 
ATOM 581 C C2    . DT C 3 11 ? -2.75908  -10.23046 10.83554  1.000 202.71329 ? 111 DT C C2    1 
ATOM 582 O O2    . DT C 3 11 ? -2.51403  -10.59966 11.97095  1.000 205.44479 ? 111 DT C O2    1 
ATOM 583 N N3    . DT C 3 11 ? -2.81194  -8.90292  10.49792  1.000 205.29704 ? 111 DT C N3    1 
ATOM 584 C C4    . DT C 3 11 ? -3.08094  -8.37226  9.24558   1.000 202.57203 ? 111 DT C C4    1 
ATOM 585 O O4    . DT C 3 11 ? -3.10761  -7.16565  9.03635   1.000 205.93387 ? 111 DT C O4    1 
ATOM 586 C C5    . DT C 3 11 ? -3.32809  -9.33973  8.20051   1.000 195.82815 ? 111 DT C C5    1 
ATOM 587 C C7    . DT C 3 11 ? -3.62861  -8.88058  6.80438   1.000 191.97788 ? 111 DT C C7    1 
ATOM 588 C C6    . DT C 3 11 ? -3.27862  -10.63991 8.52110   1.000 193.46182 ? 111 DT C C6    1 
ATOM 589 P P     . DG C 3 12 ? -6.23439  -15.29392 11.15358  1.000 216.14741 ? 112 DG C P     1 
ATOM 590 O OP1   . DG C 3 12 ? -5.12882  -15.54533 12.10814  1.000 219.09800 ? 112 DG C OP1   1 
ATOM 591 O OP2   . DG C 3 12 ? -7.28675  -16.32507 10.99304  1.000 220.33534 ? 112 DG C OP2   1 
ATOM 592 O "O5'" . DG C 3 12 ? -6.97708  -13.92739 11.53620  1.000 219.36320 ? 112 DG C "O5'" 1 
ATOM 593 C "C5'" . DG C 3 12 ? -7.79903  -13.86583 12.69948  1.000 224.79367 ? 112 DG C "C5'" 1 
ATOM 594 C "C4'" . DG C 3 12 ? -7.00627  -13.41941 13.92125  1.000 228.40095 ? 112 DG C "C4'" 1 
ATOM 595 O "O4'" . DG C 3 12 ? -5.75325  -12.80242 13.51123  1.000 226.18194 ? 112 DG C "O4'" 1 
ATOM 596 C "C3'" . DG C 3 12 ? -7.71938  -12.39260 14.79134  1.000 235.31239 ? 112 DG C "C3'" 1 
ATOM 597 O "O3'" . DG C 3 12 ? -8.49546  -13.06922 15.82147  1.000 238.63932 ? 112 DG C "O3'" 1 
ATOM 598 C "C2'" . DG C 3 12 ? -6.57351  -11.53935 15.34043  1.000 237.62801 ? 112 DG C "C2'" 1 
ATOM 599 C "C1'" . DG C 3 12 ? -5.56321  -11.57337 14.19257  1.000 231.56894 ? 112 DG C "C1'" 1 
ATOM 600 N N9    . DG C 3 12 ? -5.72092  -10.48733 13.22490  1.000 210.09884 ? 112 DG C N9    1 
ATOM 601 C C8    . DG C 3 12 ? -6.01386  -10.61884 11.88627  1.000 206.10436 ? 112 DG C C8    1 
ATOM 602 N N7    . DG C 3 12 ? -6.09150  -9.48416  11.25365  1.000 207.79787 ? 112 DG C N7    1 
ATOM 603 C C5    . DG C 3 12 ? -5.83421  -8.53067  12.23110  1.000 214.07100 ? 112 DG C C5    1 
ATOM 604 C C6    . DG C 3 12 ? -5.78692  -7.12180  12.12781  1.000 219.11372 ? 112 DG C C6    1 
ATOM 605 O O6    . DG C 3 12 ? -5.97186  -6.42261  11.12004  1.000 218.61843 ? 112 DG C O6    1 
ATOM 606 N N1    . DG C 3 12 ? -5.49370  -6.52489  13.35303  1.000 225.28578 ? 112 DG C N1    1 
ATOM 607 C C2    . DG C 3 12 ? -5.27442  -7.20746  14.52898  1.000 225.55128 ? 112 DG C C2    1 
ATOM 608 N N2    . DG C 3 12 ? -5.00583  -6.45782  15.60493  1.000 231.23299 ? 112 DG C N2    1 
ATOM 609 N N3    . DG C 3 12 ? -5.31481  -8.53283  14.64136  1.000 220.58153 ? 112 DG C N3    1 
ATOM 610 C C4    . DG C 3 12 ? -5.60027  -9.12875  13.45293  1.000 215.37440 ? 112 DG C C4    1 
ATOM 611 P P     . DC C 3 13 ? -7.98090  -13.21953 17.34409  1.000 232.27042 ? 113 DC C P     1 
ATOM 612 O OP1   . DC C 3 13 ? -6.56422  -13.65788 17.39781  1.000 228.37079 ? 113 DC C OP1   1 
ATOM 613 O OP2   . DC C 3 13 ? -9.00197  -14.05720 18.01251  1.000 234.64264 ? 113 DC C OP2   1 
ATOM 614 O "O5'" . DC C 3 13 ? -8.13367  -11.74824 17.94887  1.000 238.80789 ? 113 DC C "O5'" 1 
ATOM 615 C "C5'" . DC C 3 13 ? -7.17969  -11.24421 18.87001  1.000 240.81831 ? 113 DC C "C5'" 1 
ATOM 616 C "C4'" . DC C 3 13 ? -7.51055  -9.80655  19.21930  1.000 247.65983 ? 113 DC C "C4'" 1 
ATOM 617 O "O4'" . DC C 3 13 ? -7.35399  -8.98001  18.03632  1.000 246.28128 ? 113 DC C "O4'" 1 
ATOM 618 C "C3'" . DC C 3 13 ? -8.94623  -9.58220  19.71865  1.000 254.35565 ? 113 DC C "C3'" 1 
ATOM 619 O "O3'" . DC C 3 13 ? -8.93725  -8.88550  20.96647  1.000 260.38059 ? 113 DC C "O3'" 1 
ATOM 620 C "C2'" . DC C 3 13 ? -9.60915  -8.75478  18.61179  1.000 256.41682 ? 113 DC C "C2'" 1 
ATOM 621 C "C1'" . DC C 3 13 ? -8.42176  -8.06380  17.95812  1.000 253.07266 ? 113 DC C "C1'" 1 
ATOM 622 N N1    . DC C 3 13 ? -8.66630  -7.73999  16.52870  1.000 236.50331 ? 113 DC C N1    1 
ATOM 623 C C2    . DC C 3 13 ? -8.72110  -6.40420  16.10778  1.000 241.97060 ? 113 DC C C2    1 
ATOM 624 O O2    . DC C 3 13 ? -8.53261  -5.49388  16.92269  1.000 248.47476 ? 113 DC C O2    1 
ATOM 625 N N3    . DC C 3 13 ? -8.94830  -6.14047  14.79884  1.000 239.64684 ? 113 DC C N3    1 
ATOM 626 C C4    . DC C 3 13 ? -9.13948  -7.14387  13.93950  1.000 231.96805 ? 113 DC C C4    1 
ATOM 627 N N4    . DC C 3 13 ? -9.36684  -6.83619  12.65792  1.000 228.74913 ? 113 DC C N4    1 
ATOM 628 C C5    . DC C 3 13 ? -9.09964  -8.50527  14.35290  1.000 227.14944 ? 113 DC C C5    1 
ATOM 629 C C6    . DC C 3 13 ? -8.86709  -8.75327  15.64284  1.000 229.74511 ? 113 DC C C6    1 
ATOM 630 P P     . DT C 3 14 ? -10.30318 -8.67616  21.79208  1.000 257.25331 ? 114 DT C P     1 
ATOM 631 O OP1   . DT C 3 14 ? -9.93275  -8.60294  23.22630  1.000 260.22737 ? 114 DT C OP1   1 
ATOM 632 O OP2   . DT C 3 14 ? -11.27768 -9.69840  21.32878  1.000 254.95147 ? 114 DT C OP2   1 
ATOM 633 O "O5'" . DT C 3 14 ? -10.82027 -7.22869  21.32373  1.000 264.16457 ? 114 DT C "O5'" 1 
ATOM 634 C "C5'" . DT C 3 14 ? -9.95252  -6.09783  21.42162  1.000 266.17806 ? 114 DT C "C5'" 1 
ATOM 635 C "C4'" . DT C 3 14 ? -10.62852 -4.82395  20.92619  1.000 272.51569 ? 114 DT C "C4'" 1 
ATOM 636 O "O4'" . DT C 3 14 ? -10.66888 -4.80678  19.48461  1.000 269.05423 ? 114 DT C "O4'" 1 
ATOM 637 C "C3'" . DT C 3 14 ? -12.07442 -4.61661  21.38925  1.000 277.80874 ? 114 DT C "C3'" 1 
ATOM 638 O "O3'" . DT C 3 14 ? -12.13514 -3.52199  22.29485  1.000 281.44901 ? 114 DT C "O3'" 1 
ATOM 639 C "C2'" . DT C 3 14 ? -12.86120 -4.32679  20.09285  1.000 277.31016 ? 114 DT C "C2'" 1 
ATOM 640 C "C1'" . DT C 3 14 ? -11.75832 -4.01736  19.08917  1.000 274.90372 ? 114 DT C "C1'" 1 
ATOM 641 N N1    . DT C 3 14 ? -12.10128 -4.37308  17.68904  1.000 248.12481 ? 114 DT C N1    1 
ATOM 642 C C2    . DT C 3 14 ? -12.37572 -3.37491  16.77961  1.000 245.83561 ? 114 DT C C2    1 
ATOM 643 O O2    . DT C 3 14 ? -12.36073 -2.18978  17.05805  1.000 245.89133 ? 114 DT C O2    1 
ATOM 644 N N3    . DT C 3 14 ? -12.66160 -3.81913  15.51700  1.000 238.44080 ? 114 DT C N3    1 
ATOM 645 C C4    . DT C 3 14 ? -12.71620 -5.13357  15.09080  1.000 232.65452 ? 114 DT C C4    1 
ATOM 646 O O4    . DT C 3 14 ? -12.98680 -5.43425  13.93886  1.000 224.79111 ? 114 DT C O4    1 
ATOM 647 C C5    . DT C 3 14 ? -12.41207 -6.12423  16.09207  1.000 233.10284 ? 114 DT C C5    1 
ATOM 648 C C7    . DT C 3 14 ? -12.42887 -7.58257  15.74074  1.000 224.03401 ? 114 DT C C7    1 
ATOM 649 C C6    . DT C 3 14 ? -12.12226 -5.70070  17.32658  1.000 239.66777 ? 114 DT C C6    1 
ATOM 650 P P     . DC D 4 1  ? 12.05803  -8.13300  -13.04273 1.000 166.29164 ? 113 DC D P     1 
ATOM 651 O OP1   . DC D 4 1  ? 11.99778  -9.49722  -13.60700 1.000 164.07467 ? 113 DC D OP1   1 
ATOM 652 O OP2   . DC D 4 1  ? 12.45411  -7.94403  -11.63114 1.000 153.93533 ? 113 DC D OP2   1 
ATOM 653 O "O5'" . DC D 4 1  ? 10.65150  -7.40119  -13.27849 1.000 168.22039 ? 113 DC D "O5'" 1 
ATOM 654 C "C5'" . DC D 4 1  ? 10.03797  -7.42021  -14.57646 1.000 181.84822 ? 113 DC D "C5'" 1 
ATOM 655 C "C4'" . DC D 4 1  ? 9.18887   -6.17617  -14.80160 1.000 188.76251 ? 113 DC D "C4'" 1 
ATOM 656 O "O4'" . DC D 4 1  ? 7.79987   -6.45710  -14.49034 1.000 179.37395 ? 113 DC D "O4'" 1 
ATOM 657 C "C3'" . DC D 4 1  ? 9.57353   -4.96280  -13.95877 1.000 184.58646 ? 113 DC D "C3'" 1 
ATOM 658 O "O3'" . DC D 4 1  ? 9.43512   -3.77856  -14.73035 1.000 198.50836 ? 113 DC D "O3'" 1 
ATOM 659 C "C2'" . DC D 4 1  ? 8.56211   -5.00198  -12.82408 1.000 167.70502 ? 113 DC D "C2'" 1 
ATOM 660 C "C1'" . DC D 4 1  ? 7.32981   -5.52204  -13.54145 1.000 170.51206 ? 113 DC D "C1'" 1 
ATOM 661 N N1    . DC D 4 1  ? 6.37514   -6.21624  -12.62828 1.000 153.96498 ? 113 DC D N1    1 
ATOM 662 C C2    . DC D 4 1  ? 5.08297   -6.53115  -13.07933 1.000 154.17326 ? 113 DC D C2    1 
ATOM 663 O O2    . DC D 4 1  ? 4.75188   -6.22741  -14.23235 1.000 166.60152 ? 113 DC D O2    1 
ATOM 664 N N3    . DC D 4 1  ? 4.22519   -7.16568  -12.23282 1.000 145.49872 ? 113 DC D N3    1 
ATOM 665 C C4    . DC D 4 1  ? 4.61107   -7.48120  -10.99404 1.000 138.73080 ? 113 DC D C4    1 
ATOM 666 N N4    . DC D 4 1  ? 3.72681   -8.10838  -10.20601 1.000 137.90925 ? 113 DC D N4    1 
ATOM 667 C C5    . DC D 4 1  ? 5.92619   -7.16815  -10.51306 1.000 133.07882 ? 113 DC D C5    1 
ATOM 668 C C6    . DC D 4 1  ? 6.76774   -6.54150  -11.35441 1.000 138.61122 ? 113 DC D C6    1 
ATOM 669 P P     . DG D 4 2  ? 10.67284  -2.76420  -14.87669 1.000 183.21054 ? 114 DG D P     1 
ATOM 670 O OP1   . DG D 4 2  ? 11.88267  -3.56075  -15.18025 1.000 182.59849 ? 114 DG D OP1   1 
ATOM 671 O OP2   . DG D 4 2  ? 10.66269  -1.86583  -13.69977 1.000 173.78099 ? 114 DG D OP2   1 
ATOM 672 O "O5'" . DG D 4 2  ? 10.30172  -1.88385  -16.15589 1.000 200.99486 ? 114 DG D "O5'" 1 
ATOM 673 C "C5'" . DG D 4 2  ? 9.46603   -0.75393  -16.00756 1.000 200.95326 ? 114 DG D "C5'" 1 
ATOM 674 C "C4'" . DG D 4 2  ? 8.11856   -0.98754  -16.66143 1.000 205.03510 ? 114 DG D "C4'" 1 
ATOM 675 O "O4'" . DG D 4 2  ? 7.34636   -1.94509  -15.88294 1.000 189.99598 ? 114 DG D "O4'" 1 
ATOM 676 C "C3'" . DG D 4 2  ? 7.23455   0.24003   -16.74066 1.000 209.63992 ? 114 DG D "C3'" 1 
ATOM 677 O "O3'" . DG D 4 2  ? 6.29666   0.04714   -17.76832 1.000 215.04276 ? 114 DG D "O3'" 1 
ATOM 678 C "C2'" . DG D 4 2  ? 6.56891   0.20072   -15.37765 1.000 190.87678 ? 114 DG D "C2'" 1 
ATOM 679 C "C1'" . DG D 4 2  ? 6.25033   -1.28132  -15.27080 1.000 181.21545 ? 114 DG D "C1'" 1 
ATOM 680 N N9    . DG D 4 2  ? 6.14129   -1.77052  -13.90286 1.000 161.12102 ? 114 DG D N9    1 
ATOM 681 C C8    . DG D 4 2  ? 7.13125   -1.76378  -12.95165 1.000 153.27410 ? 114 DG D C8    1 
ATOM 682 N N7    . DG D 4 2  ? 6.76773   -2.28689  -11.81761 1.000 143.03127 ? 114 DG D N7    1 
ATOM 683 C C5    . DG D 4 2  ? 5.45274   -2.67694  -12.02910 1.000 146.50578 ? 114 DG D C5    1 
ATOM 684 C C6    . DG D 4 2  ? 4.54618   -3.30225  -11.15001 1.000 144.40536 ? 114 DG D C6    1 
ATOM 685 O O6    . DG D 4 2  ? 4.73625   -3.64056  -9.97875  1.000 138.81507 ? 114 DG D O6    1 
ATOM 686 N N1    . DG D 4 2  ? 3.31348   -3.52814  -11.75040 1.000 150.14523 ? 114 DG D N1    1 
ATOM 687 C C2    . DG D 4 2  ? 2.99747   -3.18922  -13.04397 1.000 157.04545 ? 114 DG D C2    1 
ATOM 688 N N2    . DG D 4 2  ? 1.75496   -3.48929  -13.44326 1.000 162.37929 ? 114 DG D N2    1 
ATOM 689 N N3    . DG D 4 2  ? 3.84128   -2.59907  -13.88601 1.000 159.11469 ? 114 DG D N3    1 
ATOM 690 C C4    . DG D 4 2  ? 5.04901   -2.37380  -13.31020 1.000 153.56149 ? 114 DG D C4    1 
ATOM 691 P P     . DG D 4 3  ? 5.44697   1.27341   -18.35397 1.000 221.40787 ? 115 DG D P     1 
ATOM 692 O OP1   . DG D 4 3  ? 6.13758   1.74319   -19.57247 1.000 237.03282 ? 115 DG D OP1   1 
ATOM 693 O OP2   . DG D 4 3  ? 5.18783   2.23378   -17.26352 1.000 215.93583 ? 115 DG D OP2   1 
ATOM 694 O "O5'" . DG D 4 3  ? 4.07483   0.57102   -18.78167 1.000 213.84991 ? 115 DG D "O5'" 1 
ATOM 695 C "C5'" . DG D 4 3  ? 2.98978   1.34372   -19.27314 1.000 217.48871 ? 115 DG D "C5'" 1 
ATOM 696 C "C4'" . DG D 4 3  ? 1.91755   1.50117   -18.20840 1.000 204.50622 ? 115 DG D "C4'" 1 
ATOM 697 O "O4'" . DG D 4 3  ? 2.37154   0.87732   -16.98732 1.000 190.32130 ? 115 DG D "O4'" 1 
ATOM 698 C "C3'" . DG D 4 3  ? 1.60161   2.95089   -17.84413 1.000 208.16671 ? 115 DG D "C3'" 1 
ATOM 699 O "O3'" . DG D 4 3  ? 0.33349   3.41170   -18.42604 1.000 211.38892 ? 115 DG D "O3'" 1 
ATOM 700 C "C2'" . DG D 4 3  ? 1.60941   2.99410   -16.30921 1.000 193.29509 ? 115 DG D "C2'" 1 
ATOM 701 C "C1'" . DG D 4 3  ? 1.79573   1.53536   -15.89173 1.000 181.26001 ? 115 DG D "C1'" 1 
ATOM 702 N N9    . DG D 4 3  ? 2.69356   1.39890   -14.75811 1.000 171.46680 ? 115 DG D N9    1 
ATOM 703 C C8    . DG D 4 3  ? 3.96221   1.89769   -14.66479 1.000 177.54473 ? 115 DG D C8    1 
ATOM 704 N N7    . DG D 4 3  ? 4.53847   1.64274   -13.53056 1.000 164.15765 ? 115 DG D N7    1 
ATOM 705 C C5    . DG D 4 3  ? 3.58347   0.93688   -12.82030 1.000 155.75071 ? 115 DG D C5    1 
ATOM 706 C C6    . DG D 4 3  ? 3.64385   0.40040   -11.52253 1.000 149.33524 ? 115 DG D C6    1 
ATOM 707 O O6    . DG D 4 3  ? 4.58582   0.44689   -10.73273 1.000 143.95011 ? 115 DG D O6    1 
ATOM 708 N N1    . DG D 4 3  ? 2.45862   -0.23997  -11.16830 1.000 150.13969 ? 115 DG D N1    1 
ATOM 709 C C2    . DG D 4 3  ? 1.35612   -0.34497  -11.97542 1.000 156.47192 ? 115 DG D C2    1 
ATOM 710 N N2    . DG D 4 3  ? 0.30213   -1.00008  -11.46063 1.000 156.88326 ? 115 DG D N2    1 
ATOM 711 N N3    . DG D 4 3  ? 1.28831   0.15804   -13.20547 1.000 162.54370 ? 115 DG D N3    1 
ATOM 712 C C4    . DG D 4 3  ? 2.43826   0.78093   -13.55814 1.000 161.70755 ? 115 DG D C4    1 
ATOM 713 P P     . DA D 4 4  ? -1.05236  2.58515   -18.31270 1.000 226.85605 ? 116 DA D P     1 
ATOM 714 O OP1   . DA D 4 4  ? -1.00352  1.39060   -19.18286 1.000 229.19086 ? 116 DA D OP1   1 
ATOM 715 O OP2   . DA D 4 4  ? -2.13204  3.57130   -18.53041 1.000 230.37881 ? 116 DA D OP2   1 
ATOM 716 O "O5'" . DA D 4 4  ? -1.15564  2.14046   -16.78191 1.000 209.36672 ? 116 DA D "O5'" 1 
ATOM 717 C "C5'" . DA D 4 4  ? -2.08743  1.14553   -16.39706 1.000 199.13904 ? 116 DA D "C5'" 1 
ATOM 718 C "C4'" . DA D 4 4  ? -2.78707  1.52755   -15.10660 1.000 187.09866 ? 116 DA D "C4'" 1 
ATOM 719 O "O4'" . DA D 4 4  ? -1.85076  1.47081   -13.99972 1.000 178.78099 ? 116 DA D "O4'" 1 
ATOM 720 C "C3'" . DA D 4 4  ? -3.39141  2.92935   -15.08077 1.000 191.55394 ? 116 DA D "C3'" 1 
ATOM 721 O "O3'" . DA D 4 4  ? -4.65382  2.87175   -14.44539 1.000 191.85812 ? 116 DA D "O3'" 1 
ATOM 722 C "C2'" . DA D 4 4  ? -2.38044  3.73163   -14.25608 1.000 187.06767 ? 116 DA D "C2'" 1 
ATOM 723 C "C1'" . DA D 4 4  ? -1.91140  2.67856   -13.26651 1.000 177.07108 ? 116 DA D "C1'" 1 
ATOM 724 N N9    . DA D 4 4  ? -0.58499  2.92186   -12.69168 1.000 170.82413 ? 116 DA D N9    1 
ATOM 725 C C8    . DA D 4 4  ? 0.51892   3.42742   -13.32253 1.000 181.46510 ? 116 DA D C8    1 
ATOM 726 N N7    . DA D 4 4  ? 1.58540   3.50058   -12.55640 1.000 175.64957 ? 116 DA D N7    1 
ATOM 727 C C5    . DA D 4 4  ? 1.14887   2.99866   -11.33956 1.000 160.51862 ? 116 DA D C5    1 
ATOM 728 C C6    . DA D 4 4  ? 1.79423   2.81038   -10.09924 1.000 153.77641 ? 116 DA D C6    1 
ATOM 729 N N6    . DA D 4 4  ? 3.07833   3.11824   -9.88742  1.000 150.31524 ? 116 DA D N6    1 
ATOM 730 N N1    . DA D 4 4  ? 1.06170   2.28659   -9.08145  1.000 151.28974 ? 116 DA D N1    1 
ATOM 731 C C2    . DA D 4 4  ? -0.22356  1.98494   -9.30716  1.000 155.40319 ? 116 DA D C2    1 
ATOM 732 N N3    . DA D 4 4  ? -0.93457  2.11888   -10.42457 1.000 161.83663 ? 116 DA D N3    1 
ATOM 733 C C4    . DA D 4 4  ? -0.18498  2.63451   -11.41002 1.000 164.02829 ? 116 DA D C4    1 
ATOM 734 P P     . DC D 4 5  ? -5.77845  3.96988   -14.75720 1.000 198.41655 ? 117 DC D P     1 
ATOM 735 O OP1   . DC D 4 5  ? -6.88074  3.28139   -15.46657 1.000 205.40880 ? 117 DC D OP1   1 
ATOM 736 O OP2   . DC D 4 5  ? -5.11532  5.14833   -15.36347 1.000 201.59276 ? 117 DC D OP2   1 
ATOM 737 O "O5'" . DC D 4 5  ? -6.30562  4.37018   -13.30425 1.000 194.31187 ? 117 DC D "O5'" 1 
ATOM 738 C "C5'" . DC D 4 5  ? -6.76596  3.34844   -12.42410 1.000 191.61224 ? 117 DC D "C5'" 1 
ATOM 739 C "C4'" . DC D 4 5  ? -6.51211  3.71283   -10.96744 1.000 185.16747 ? 117 DC D "C4'" 1 
ATOM 740 O "O4'" . DC D 4 5  ? -5.08475  3.66304   -10.67423 1.000 178.64241 ? 117 DC D "O4'" 1 
ATOM 741 C "C3'" . DC D 4 5  ? -6.97160  5.11324   -10.54438 1.000 186.55350 ? 117 DC D "C3'" 1 
ATOM 742 O "O3'" . DC D 4 5  ? -7.50710  5.04846   -9.24793  1.000 183.99566 ? 117 DC D "O3'" 1 
ATOM 743 C "C2'" . DC D 4 5  ? -5.66292  5.88781   -10.53255 1.000 182.47458 ? 117 DC D "C2'" 1 
ATOM 744 C "C1'" . DC D 4 5  ? -4.74816  4.82389   -9.96043  1.000 176.03070 ? 117 DC D "C1'" 1 
ATOM 745 N N1    . DC D 4 5  ? -3.31893  5.10515   -10.14475 1.000 172.23417 ? 117 DC D N1    1 
ATOM 746 C C2    . DC D 4 5  ? -2.45203  4.98843   -9.05959  1.000 165.53243 ? 117 DC D C2    1 
ATOM 747 O O2    . DC D 4 5  ? -2.90671  4.63182   -7.96484  1.000 162.88850 ? 117 DC D O2    1 
ATOM 748 N N3    . DC D 4 5  ? -1.13773  5.26209   -9.23922  1.000 162.63228 ? 117 DC D N3    1 
ATOM 749 C C4    . DC D 4 5  ? -0.69653  5.64442   -10.44084 1.000 166.28367 ? 117 DC D C4    1 
ATOM 750 N N4    . DC D 4 5  ? 0.60763   5.90564   -10.57865 1.000 163.82670 ? 117 DC D N4    1 
ATOM 751 C C5    . DC D 4 5  ? -1.57261  5.77471   -11.55456 1.000 173.16162 ? 117 DC D C5    1 
ATOM 752 C C6    . DC D 4 5  ? -2.86328  5.50242   -11.36092 1.000 175.86151 ? 117 DC D C6    1 
ATOM 753 P P     . DA D 4 6  ? -9.07432  5.27380   -8.99426  1.000 205.26772 ? 118 DA D P     1 
ATOM 754 O OP1   . DA D 4 6  ? -9.82258  4.22924   -9.73301  1.000 210.32510 ? 118 DA D OP1   1 
ATOM 755 O OP2   . DA D 4 6  ? -9.35851  6.70661   -9.25031  1.000 208.38395 ? 118 DA D OP2   1 
ATOM 756 O "O5'" . DA D 4 6  ? -9.22646  4.99675   -7.42465  1.000 200.74598 ? 118 DA D "O5'" 1 
ATOM 757 C "C5'" . DA D 4 6  ? -8.70366  3.78969   -6.86231  1.000 196.02948 ? 118 DA D "C5'" 1 
ATOM 758 C "C4'" . DA D 4 6  ? -7.88894  4.05628   -5.59998  1.000 189.28989 ? 118 DA D "C4'" 1 
ATOM 759 O "O4'" . DA D 4 6  ? -6.55262  4.50525   -5.95123  1.000 185.30067 ? 118 DA D "O4'" 1 
ATOM 760 C "C3'" . DA D 4 6  ? -8.44215  5.12533   -4.66148  1.000 190.06066 ? 118 DA D "C3'" 1 
ATOM 761 O "O3'" . DA D 4 6  ? -8.08213  4.79792   -3.33129  1.000 185.42030 ? 118 DA D "O3'" 1 
ATOM 762 C "C2'" . DA D 4 6  ? -7.69436  6.36404   -5.12916  1.000 189.39831 ? 118 DA D "C2'" 1 
ATOM 763 C "C1'" . DA D 4 6  ? -6.32247  5.76613   -5.36150  1.000 184.17242 ? 118 DA D "C1'" 1 
ATOM 764 N N9    . DA D 4 6  ? -5.49227  6.53028   -6.26228  1.000 184.51127 ? 118 DA D N9    1 
ATOM 765 C C8    . DA D 4 6  ? -5.86995  7.14360   -7.42241  1.000 189.92197 ? 118 DA D C8    1 
ATOM 766 N N7    . DA D 4 6  ? -4.88532  7.75412   -8.03597  1.000 189.30389 ? 118 DA D N7    1 
ATOM 767 C C5    . DA D 4 6  ? -3.78995  7.51570   -7.21805  1.000 183.02199 ? 118 DA D C5    1 
ATOM 768 C C6    . DA D 4 6  ? -2.43059  7.89074   -7.30705  1.000 179.87023 ? 118 DA D C6    1 
ATOM 769 N N6    . DA D 4 6  ? -1.93044  8.62481   -8.31015  1.000 182.85081 ? 118 DA D N6    1 
ATOM 770 N N1    . DA D 4 6  ? -1.60353  7.48645   -6.31215  1.000 174.01685 ? 118 DA D N1    1 
ATOM 771 C C2    . DA D 4 6  ? -2.10998  6.75611   -5.30916  1.000 171.51178 ? 118 DA D C2    1 
ATOM 772 N N3    . DA D 4 6  ? -3.36262  6.34218   -5.12381  1.000 174.17954 ? 118 DA D N3    1 
ATOM 773 C C4    . DA D 4 6  ? -4.15555  6.76122   -6.12274  1.000 179.95708 ? 118 DA D C4    1 
ATOM 774 P P     . DG D 4 7  ? -8.83734  5.46581   -2.08288  1.000 197.29173 ? 119 DG D P     1 
ATOM 775 O OP1   . DG D 4 7  ? -10.08031 4.68787   -1.88480  1.000 201.88116 ? 119 DG D OP1   1 
ATOM 776 O OP2   . DG D 4 7  ? -8.92213  6.93029   -2.28457  1.000 198.54473 ? 119 DG D OP2   1 
ATOM 777 O "O5'" . DG D 4 7  ? -7.83759  5.19636   -0.85779  1.000 192.79042 ? 119 DG D "O5'" 1 
ATOM 778 C "C5'" . DG D 4 7  ? -6.45250  4.91104   -1.10619  1.000 187.70899 ? 119 DG D "C5'" 1 
ATOM 779 C "C4'" . DG D 4 7  ? -5.56922  6.03659   -0.59534  1.000 185.54880 ? 119 DG D "C4'" 1 
ATOM 780 O "O4'" . DG D 4 7  ? -4.89970  6.65834   -1.71514  1.000 184.46082 ? 119 DG D "O4'" 1 
ATOM 781 C "C3'" . DG D 4 7  ? -6.32200  7.15632   0.13803   1.000 188.86105 ? 119 DG D "C3'" 1 
ATOM 782 O "O3'" . DG D 4 7  ? -5.96350  7.20941   1.56159   1.000 187.53713 ? 119 DG D "O3'" 1 
ATOM 783 C "C2'" . DG D 4 7  ? -5.98907  8.44523   -0.63358  1.000 189.45014 ? 119 DG D "C2'" 1 
ATOM 784 C "C1'" . DG D 4 7  ? -4.79670  8.04726   -1.49683  1.000 185.70701 ? 119 DG D "C1'" 1 
ATOM 785 N N9    . DG D 4 7  ? -4.75301  8.70981   -2.80128  1.000 184.03868 ? 119 DG D N9    1 
ATOM 786 C C8    . DG D 4 7  ? -5.79909  8.89835   -3.68059  1.000 188.86971 ? 119 DG D C8    1 
ATOM 787 N N7    . DG D 4 7  ? -5.44864  9.50626   -4.78146  1.000 191.17671 ? 119 DG D N7    1 
ATOM 788 C C5    . DG D 4 7  ? -4.08433  9.72781   -4.62605  1.000 187.00356 ? 119 DG D C5    1 
ATOM 789 C C6    . DG D 4 7  ? -3.15445  10.35238  -5.48973  1.000 187.62384 ? 119 DG D C6    1 
ATOM 790 O O6    . DG D 4 7  ? -3.35796  10.84362  -6.60849  1.000 192.05561 ? 119 DG D O6    1 
ATOM 791 N N1    . DG D 4 7  ? -1.87517  10.36462  -4.94033  1.000 182.94798 ? 119 DG D N1    1 
ATOM 792 C C2    . DG D 4 7  ? -1.53890  9.84267   -3.71253  1.000 178.20666 ? 119 DG D C2    1 
ATOM 793 N N2    . DG D 4 7  ? -0.26353  9.94589   -3.34504  1.000 175.58859 ? 119 DG D N2    1 
ATOM 794 N N3    . DG D 4 7  ? -2.39966  9.26494   -2.89649  1.000 178.87393 ? 119 DG D N3    1 
ATOM 795 C C4    . DG D 4 7  ? -3.64771  9.24010   -3.41296  1.000 182.14786 ? 119 DG D C4    1 
ATOM 796 P P     . DT D 4 8  ? -4.54620  7.77740   2.09435   1.000 190.07581 ? 120 DT D P     1 
ATOM 797 O OP1   . DT D 4 8  ? -3.42676  7.23673   1.28452   1.000 186.42013 ? 120 DT D OP1   1 
ATOM 798 O OP2   . DT D 4 8  ? -4.54683  7.57351   3.56321   1.000 189.99145 ? 120 DT D OP2   1 
ATOM 799 O "O5'" . DT D 4 8  ? -4.64145  9.35754   1.87269   1.000 192.28178 ? 120 DT D "O5'" 1 
ATOM 800 C "C5'" . DT D 4 8  ? -4.07467  10.24412  2.82380   1.000 192.27960 ? 120 DT D "C5'" 1 
ATOM 801 C "C4'" . DT D 4 8  ? -2.55985  10.28812  2.71067   1.000 188.99440 ? 120 DT D "C4'" 1 
ATOM 802 O "O4'" . DT D 4 8  ? -2.16682  10.25723  1.30887   1.000 187.89905 ? 120 DT D "O4'" 1 
ATOM 803 C "C3'" . DT D 4 8  ? -1.94793  11.56219  3.24682   1.000 190.13233 ? 120 DT D "C3'" 1 
ATOM 804 O "O3'" . DT D 4 8  ? -0.57559  11.34690  3.56710   1.000 187.40854 ? 120 DT D "O3'" 1 
ATOM 805 C "C2'" . DT D 4 8  ? -2.11829  12.48719  2.04639   1.000 191.87913 ? 120 DT D "C2'" 1 
ATOM 806 C "C1'" . DT D 4 8  ? -1.74509  11.55102  0.90371   1.000 189.26889 ? 120 DT D "C1'" 1 
ATOM 807 N N1    . DT D 4 8  ? -2.41130  11.86907  -0.39703  1.000 190.93449 ? 120 DT D N1    1 
ATOM 808 C C2    . DT D 4 8  ? -1.64963  12.26452  -1.47222  1.000 190.15579 ? 120 DT D C2    1 
ATOM 809 O O2    . DT D 4 8  ? -0.43826  12.38722  -1.42346  1.000 188.37867 ? 120 DT D O2    1 
ATOM 810 N N3    . DT D 4 8  ? -2.36598  12.50937  -2.61961  1.000 191.87418 ? 120 DT D N3    1 
ATOM 811 C C4    . DT D 4 8  ? -3.72906  12.40289  -2.79099  1.000 194.78747 ? 120 DT D C4    1 
ATOM 812 O O4    . DT D 4 8  ? -4.27991  12.64502  -3.85990  1.000 198.92447 ? 120 DT D O4    1 
ATOM 813 C C5    . DT D 4 8  ? -4.46150  11.98176  -1.62633  1.000 195.35894 ? 120 DT D C5    1 
ATOM 814 C C7    . DT D 4 8  ? -5.94734  11.82974  -1.69205  1.000 198.70035 ? 120 DT D C7    1 
ATOM 815 C C6    . DT D 4 8  ? -3.77710  11.73642  -0.50136  1.000 193.49987 ? 120 DT D C6    1 
ATOM 816 P P     . DC D 4 9  ? 0.39739   12.59929  3.83004   1.000 204.14193 ? 121 DC D P     1 
ATOM 817 O OP1   . DC D 4 9  ? 1.61390   12.10925  4.51602   1.000 201.51904 ? 121 DC D OP1   1 
ATOM 818 O OP2   . DC D 4 9  ? -0.42130  13.64640  4.48277   1.000 207.89335 ? 121 DC D OP2   1 
ATOM 819 O "O5'" . DC D 4 9  ? 0.78017   13.08485  2.34944   1.000 204.69914 ? 121 DC D "O5'" 1 
ATOM 820 C "C5'" . DC D 4 9  ? 1.98809   13.78125  2.10428   1.000 205.24044 ? 121 DC D "C5'" 1 
ATOM 821 C "C4'" . DC D 4 9  ? 1.72117   15.24182  1.78537   1.000 209.57447 ? 121 DC D "C4'" 1 
ATOM 822 O "O4'" . DC D 4 9  ? 0.74329   15.35575  0.72264   1.000 210.59594 ? 121 DC D "O4'" 1 
ATOM 823 C "C3'" . DC D 4 9  ? 1.17685   16.06549  2.95174   1.000 212.71248 ? 121 DC D "C3'" 1 
ATOM 824 O "O3'" . DC D 4 9  ? 1.89560   17.28643  3.03874   1.000 216.00297 ? 121 DC D "O3'" 1 
ATOM 825 C "C2'" . DC D 4 9  ? -0.29274  16.29194  2.57803   1.000 214.61017 ? 121 DC D "C2'" 1 
ATOM 826 C "C1'" . DC D 4 9  ? -0.19570  16.34807  1.06780   1.000 214.38291 ? 121 DC D "C1'" 1 
ATOM 827 N N1    . DC D 4 9  ? -1.47048  16.05794  0.34599   1.000 202.27670 ? 121 DC D N1    1 
ATOM 828 C C2    . DC D 4 9  ? -1.48569  16.16285  -1.04185  1.000 202.30688 ? 121 DC D C2    1 
ATOM 829 O O2    . DC D 4 9  ? -0.44911  16.50435  -1.62277  1.000 201.80350 ? 121 DC D O2    1 
ATOM 830 N N3    . DC D 4 9  ? -2.63036  15.90107  -1.71650  1.000 203.27226 ? 121 DC D N3    1 
ATOM 831 C C4    . DC D 4 9  ? -3.72289  15.53342  -1.04868  1.000 204.36868 ? 121 DC D C4    1 
ATOM 832 N N4    . DC D 4 9  ? -4.82337  15.28355  -1.75735  1.000 206.06236 ? 121 DC D N4    1 
ATOM 833 C C5    . DC D 4 9  ? -3.73178  15.41519  0.37499   1.000 204.34558 ? 121 DC D C5    1 
ATOM 834 C C6    . DC D 4 9  ? -2.59236  15.68627  1.02816   1.000 203.17823 ? 121 DC D C6    1 
ATOM 835 P P     . DA D 4 10 ? 3.26635   17.35434  3.87818   1.000 221.65618 ? 122 DA D P     1 
ATOM 836 O OP1   . DA D 4 10 ? 3.88190   16.00638  3.86440   1.000 217.47025 ? 122 DA D OP1   1 
ATOM 837 O OP2   . DA D 4 10 ? 2.96180   18.02783  5.16413   1.000 224.34885 ? 122 DA D OP2   1 
ATOM 838 O "O5'" . DA D 4 10 ? 4.19785   18.34299  3.03498   1.000 224.08307 ? 122 DA D "O5'" 1 
ATOM 839 C "C5'" . DA D 4 10 ? 4.13476   18.35063  1.62069   1.000 223.67995 ? 122 DA D "C5'" 1 
ATOM 840 C "C4'" . DA D 4 10 ? 3.97485   19.77072  1.11584   1.000 228.02231 ? 122 DA D "C4'" 1 
ATOM 841 O "O4'" . DA D 4 10 ? 2.67282   19.91264  0.48832   1.000 228.41971 ? 122 DA D "O4'" 1 
ATOM 842 C "C3'" . DA D 4 10 ? 4.03478   20.83936  2.20580   1.000 231.81912 ? 122 DA D "C3'" 1 
ATOM 843 O "O3'" . DA D 4 10 ? 4.65608   22.02321  1.70920   1.000 235.83606 ? 122 DA D "O3'" 1 
ATOM 844 C "C2'" . DA D 4 10 ? 2.56211   21.06839  2.54270   1.000 232.63824 ? 122 DA D "C2'" 1 
ATOM 845 C "C1'" . DA D 4 10 ? 1.89541   20.87067  1.18399   1.000 231.67704 ? 122 DA D "C1'" 1 
ATOM 846 N N9    . DA D 4 10 ? 0.51859   20.38082  1.27166   1.000 230.71844 ? 122 DA D N9    1 
ATOM 847 C C8    . DA D 4 10 ? -0.04554  19.69861  2.31118   1.000 229.45541 ? 122 DA D C8    1 
ATOM 848 N N7    . DA D 4 10 ? -1.30314  19.38304  2.11790   1.000 229.50697 ? 122 DA D N7    1 
ATOM 849 C C5    . DA D 4 10 ? -1.58557  19.89337  0.86464   1.000 230.69693 ? 122 DA D C5    1 
ATOM 850 C C6    . DA D 4 10 ? -2.75612  19.88848  0.08558   1.000 231.61916 ? 122 DA D C6    1 
ATOM 851 N N6    . DA D 4 10 ? -3.89514  19.32379  0.48794   1.000 231.72833 ? 122 DA D N6    1 
ATOM 852 N N1    . DA D 4 10 ? -2.70923  20.48581  -1.12295  1.000 232.80949 ? 122 DA D N1    1 
ATOM 853 C C2    . DA D 4 10 ? -1.56350  21.04828  -1.51724  1.000 233.21114 ? 122 DA D C2    1 
ATOM 854 N N3    . DA D 4 10 ? -0.39901  21.11557  -0.87226  1.000 232.76182 ? 122 DA D N3    1 
ATOM 855 C C4    . DA D 4 10 ? -0.47921  20.50868  0.32257   1.000 231.37200 ? 122 DA D C4    1 
# 
loop_
_atom_site_anisotrop.id 
_atom_site_anisotrop.type_symbol 
_atom_site_anisotrop.pdbx_label_atom_id 
_atom_site_anisotrop.pdbx_label_alt_id 
_atom_site_anisotrop.pdbx_label_comp_id 
_atom_site_anisotrop.pdbx_label_asym_id 
_atom_site_anisotrop.pdbx_label_seq_id 
_atom_site_anisotrop.pdbx_PDB_ins_code 
_atom_site_anisotrop.U[1][1] 
_atom_site_anisotrop.U[2][2] 
_atom_site_anisotrop.U[3][3] 
_atom_site_anisotrop.U[1][2] 
_atom_site_anisotrop.U[1][3] 
_atom_site_anisotrop.U[2][3] 
_atom_site_anisotrop.pdbx_auth_seq_id 
_atom_site_anisotrop.pdbx_auth_comp_id 
_atom_site_anisotrop.pdbx_auth_asym_id 
_atom_site_anisotrop.pdbx_auth_atom_id 
1   O "O5'" . DG A 1  ? 1.78786 4.88109 5.06827 0.39040  -0.95642 -0.88815 102 DG A "O5'" 
2   C "C5'" . DG A 1  ? 1.78968 4.96086 5.11490 0.45583  -0.90130 -0.92869 102 DG A "C5'" 
3   C "C4'" . DG A 1  ? 1.71757 4.93072 5.01221 0.43185  -0.80127 -0.92384 102 DG A "C4'" 
4   O "O4'" . DG A 1  ? 1.68005 5.02586 5.04481 0.29454  -0.74515 -0.90357 102 DG A "O4'" 
5   C "C3'" . DG A 1  ? 1.70792 4.69607 4.78974 0.46793  -0.79769 -0.87296 102 DG A "C3'" 
6   O "O3'" . DG A 1  ? 1.68101 4.66209 4.71060 0.52301  -0.72436 -0.88734 102 DG A "O3'" 
7   C "C2'" . DG A 1  ? 1.69833 4.65119 4.71516 0.33900  -0.75971 -0.80800 102 DG A "C2'" 
8   C "C1'" . DG A 1  ? 1.66685 4.86821 4.85619 0.25168  -0.68994 -0.83917 102 DG A "C1'" 
9   N N9    . DG A 1  ? 1.66544 4.89899 4.85860 0.11184  -0.66757 -0.78868 102 DG A N9    
10  C C8    . DG A 1  ? 1.69809 4.87991 4.89515 0.05438  -0.73693 -0.75711 102 DG A C8    
11  N N7    . DG A 1  ? 1.69326 4.91131 4.88950 -0.07459 -0.69789 -0.70931 102 DG A N7    
12  C C5    . DG A 1  ? 1.65501 4.95256 4.83836 -0.10585 -0.59571 -0.70781 102 DG A C5    
13  C C6    . DG A 1  ? 1.63905 5.00331 4.81051 -0.23551 -0.51844 -0.66310 102 DG A C6    
14  O O6    . DG A 1  ? 1.65568 5.02054 4.82959 -0.35142 -0.52713 -0.61191 102 DG A O6    
15  N N1    . DG A 1  ? 1.60572 5.03832 4.75819 -0.22556 -0.42456 -0.68122 102 DG A N1    
16  C C2    . DG A 1  ? 1.59034 5.02538 4.74319 -0.10247 -0.40875 -0.73768 102 DG A C2    
17  N N2    . DG A 1  ? 1.56351 5.06692 4.69638 -0.11419 -0.31203 -0.75069 102 DG A N2    
18  N N3    . DG A 1  ? 1.60578 4.97508 4.77240 0.02024  -0.48383 -0.77653 102 DG A N3    
19  C C4    . DG A 1  ? 1.63760 4.94278 4.81735 0.00943  -0.57466 -0.75828 102 DG A C4    
20  P P     . DA A 2  ? 1.67011 4.45183 4.47384 0.51949  -0.67307 -0.82285 103 DA A P     
21  O OP1   . DA A 2  ? 1.70899 4.26810 4.36232 0.56708  -0.75544 -0.78454 103 DA A OP1   
22  O OP2   . DA A 2  ? 1.64040 4.48816 4.43940 0.38926  -0.59141 -0.78124 103 DA A OP2   
23  O "O5'" . DA A 2  ? 1.65452 4.44904 4.44060 0.61317  -0.62053 -0.86268 103 DA A "O5'" 
24  C "C5'" . DA A 2  ? 1.62011 4.60586 4.52172 0.57732  -0.52548 -0.90332 103 DA A "C5'" 
25  C "C4'" . DA A 2  ? 1.59184 4.53776 4.37058 0.49375  -0.42697 -0.85084 103 DA A "C4'" 
26  O "O4'" . DA A 2  ? 1.57915 4.62939 4.41839 0.35462  -0.39777 -0.82024 103 DA A "O4'" 
27  C "C3'" . DA A 2  ? 1.60158 4.29565 4.14868 0.51476  -0.44132 -0.77845 103 DA A "C3'" 
28  O "O3'" . DA A 2  ? 1.59489 4.20919 4.03365 0.58877  -0.39295 -0.78480 103 DA A "O3'" 
29  C "C2'" . DA A 2  ? 1.58634 4.26764 4.07625 0.37757  -0.39698 -0.70805 103 DA A "C2'" 
30  C "C1'" . DA A 2  ? 1.56845 4.49844 4.24641 0.28276  -0.34860 -0.74456 103 DA A "C1'" 
31  N N9    . DA A 2  ? 1.57297 4.52949 4.27649 0.15859  -0.36215 -0.69544 103 DA A N9    
32  C C8    . DA A 2  ? 1.60036 4.48303 4.31023 0.14973  -0.45109 -0.67343 103 DA A C8    
33  N N7    . DA A 2  ? 1.60321 4.52492 4.33768 0.02531  -0.44340 -0.62820 103 DA A N7    
34  C C5    . DA A 2  ? 1.57609 4.60356 4.31430 -0.05634 -0.34334 -0.61603 103 DA A C5    
35  C C6    . DA A 2  ? 1.57084 4.68545 4.33051 -0.20461 -0.29099 -0.57025 103 DA A C6    
36  N N6    . DA A 2  ? 1.59294 4.68972 4.37542 -0.29397 -0.33760 -0.52492 103 DA A N6    
37  N N1    . DA A 2  ? 1.54819 4.76538 4.30173 -0.26077 -0.19069 -0.57214 103 DA A N1    
38  C C2    . DA A 2  ? 1.53124 4.75818 4.26145 -0.16889 -0.14539 -0.62000 103 DA A C2    
39  N N3    . DA A 2  ? 1.53410 4.68340 4.24876 -0.02483 -0.18877 -0.66559 103 DA A N3    
40  C C4    . DA A 2  ? 1.55697 4.61113 4.27746 0.02364  -0.28942 -0.66006 103 DA A C4    
41  P P     . DG A 3  ? 1.56424 4.30869 4.03352 0.55017  -0.27276 -0.80900 104 DG A P     
42  O OP1   . DG A 3  ? 1.54272 4.48205 4.13731 0.42020  -0.21245 -0.81306 104 DG A OP1   
43  O OP2   . DG A 3  ? 1.57484 4.36115 4.11053 0.66892  -0.27767 -0.88194 104 DG A OP2   
44  O "O5'" . DG A 3  ? 1.55676 4.11531 3.80082 0.53223  -0.22593 -0.73532 104 DG A "O5'" 
45  C "C5'" . DG A 3  ? 1.54659 4.05047 3.70880 0.41959  -0.20580 -0.65856 104 DG A "C5'" 
46  C "C4'" . DG A 3  ? 1.52133 4.16868 3.71826 0.30585  -0.09876 -0.65040 104 DG A "C4'" 
47  O "O4'" . DG A 3  ? 1.51771 4.30683 3.84159 0.19169  -0.10206 -0.64304 104 DG A "O4'" 
48  C "C3'" . DG A 3  ? 1.51197 4.02886 3.52752 0.24658  -0.04468 -0.56979 104 DG A "C3'" 
49  O "O3'" . DG A 3  ? 1.49633 4.12807 3.51843 0.19117  0.06074  -0.58449 104 DG A "O3'" 
50  C "C2'" . DG A 3  ? 1.51449 4.01311 3.53140 0.13411  -0.07271 -0.50316 104 DG A "C2'" 
51  C "C1'" . DG A 3  ? 1.51366 4.23172 3.73663 0.07924  -0.07724 -0.55712 104 DG A "C1'" 
52  N N9    . DG A 3  ? 1.52951 4.22109 3.79677 0.03334  -0.15336 -0.52654 104 DG A N9    
53  C C8    . DG A 3  ? 1.55124 4.15678 3.83469 0.11432  -0.25141 -0.54345 104 DG A C8    
54  N N7    . DG A 3  ? 1.56696 4.16128 3.88623 0.04425  -0.30177 -0.50939 104 DG A N7    
55  C C5    . DG A 3  ? 1.55489 4.23047 3.88294 -0.09161 -0.23596 -0.46338 104 DG A C5    
56  C C6    . DG A 3  ? 1.56825 4.26584 3.93169 -0.21499 -0.25331 -0.41063 104 DG A C6    
57  O O6    . DG A 3  ? 1.59318 4.24169 3.99083 -0.22610 -0.33021 -0.39792 104 DG A O6    
58  N N1    . DG A 3  ? 1.55601 4.34254 3.91222 -0.33783 -0.17175 -0.37069 104 DG A N1    
59  C C2    . DG A 3  ? 1.53405 4.37951 3.84874 -0.34123 -0.08154 -0.38298 104 DG A C2    
60  N N2    . DG A 3  ? 1.53176 4.46072 3.83888 -0.47718 -0.01286 -0.33747 104 DG A N2    
61  N N3    . DG A 3  ? 1.52108 4.34460 3.80326 -0.22355 -0.06170 -0.43595 104 DG A N3    
62  C C4    . DG A 3  ? 1.53227 4.26878 3.82463 -0.10225 -0.14384 -0.47225 104 DG A C4    
63  P P     . DC A 4  ? 1.48694 4.04011 3.35201 0.09040  0.13144  -0.49870 105 DC A P     
64  O OP1   . DC A 4  ? 1.48018 4.12259 3.33419 0.08316  0.22998  -0.53505 105 DC A OP1   
65  O OP2   . DC A 4  ? 1.54474 3.85815 3.23811 0.13907  0.07684  -0.42991 105 DC A OP2   
66  O "O5'" . DC A 4  ? 1.48478 4.16024 3.43827 -0.06453 0.14242  -0.46015 105 DC A "O5'" 
67  C "C5'" . DC A 4  ? 1.48046 4.18920 3.37233 -0.19595 0.21724  -0.39993 105 DC A "C5'" 
68  C "C4'" . DC A 4  ? 1.48794 4.05481 3.28935 -0.26599 0.17156  -0.29993 105 DC A "C4'" 
69  O "O4'" . DC A 4  ? 1.49902 4.07416 3.40159 -0.26232 0.08605  -0.30799 105 DC A "O4'" 
70  C "C3'" . DC A 4  ? 1.51950 3.84539 3.14118 -0.18617 0.13895  -0.24605 105 DC A "C3'" 
71  O "O3'" . DC A 4  ? 1.48356 3.75908 2.97278 -0.24942 0.21180  -0.18474 105 DC A "O3'" 
72  C "C2'" . DC A 4  ? 1.59203 3.80202 3.20867 -0.20334 0.05092  -0.19303 105 DC A "C2'" 
73  C "C1'" . DC A 4  ? 1.56339 3.95493 3.36001 -0.28083 0.03303  -0.22528 105 DC A "C1'" 
74  N N1    . DC A 4  ? 1.52674 3.86319 3.38625 -0.22451 -0.06690 -0.24451 105 DC A N1    
75  C C2    . DC A 4  ? 1.54436 3.89686 3.46718 -0.32038 -0.10982 -0.20336 105 DC A C2    
76  O O2    . DC A 4  ? 1.54601 3.96272 3.47647 -0.45153 -0.06655 -0.15014 105 DC A O2    
77  N N3    . DC A 4  ? 1.56462 3.85988 3.53600 -0.27000 -0.19941 -0.22232 105 DC A N3    
78  C C4    . DC A 4  ? 1.56829 3.79452 3.52311 -0.13408 -0.24636 -0.27652 105 DC A C4    
79  N N4    . DC A 4  ? 1.59400 3.76704 3.59244 -0.09470 -0.33414 -0.29360 105 DC A N4    
80  C C5    . DC A 4  ? 1.55156 3.75857 3.44215 -0.03632 -0.20724 -0.31468 105 DC A C5    
81  C C6    . DC A 4  ? 1.53084 3.79173 3.37626 -0.08388 -0.11779 -0.29794 105 DC A C6    
82  P P     . DA A 5  ? 1.65048 3.84302 3.05681 -0.37675 0.21345  -0.07130 106 DA A P     
83  O OP1   . DA A 5  ? 1.56163 3.79819 2.88820 -0.45412 0.30741  -0.04017 106 DA A OP1   
84  O OP2   . DA A 5  ? 1.74600 3.71874 3.04856 -0.31149 0.13981  -0.01908 106 DA A OP2   
85  O "O5'" . DA A 5  ? 1.62136 3.96880 3.18332 -0.49403 0.19486  -0.06988 106 DA A "O5'" 
86  C "C5'" . DA A 5  ? 1.55281 3.94241 3.10492 -0.65148 0.22576  0.00857  106 DA A "C5'" 
87  C "C4'" . DA A 5  ? 1.60227 3.84487 3.12421 -0.68572 0.14883  0.08968  106 DA A "C4'" 
88  O "O4'" . DA A 5  ? 1.68914 3.91152 3.30049 -0.61033 0.06589  0.04291  106 DA A "O4'" 
89  C "C3'" . DA A 5  ? 1.63364 3.65123 2.98966 -0.63629 0.13178  0.16005  106 DA A "C3'" 
90  O "O3'" . DA A 5  ? 1.57811 3.56289 2.88411 -0.76723 0.14893  0.26028  106 DA A "O3'" 
91  C "C2'" . DA A 5  ? 1.74655 3.62335 3.11094 -0.53880 0.03563  0.14872  106 DA A "C2'" 
92  C "C1'" . DA A 5  ? 1.75859 3.78001 3.29068 -0.57889 -0.00181 0.10209  106 DA A "C1'" 
93  N N9    . DA A 5  ? 1.59043 3.55587 3.16495 -0.46024 -0.07681 0.04131  106 DA A N9    
94  C C8    . DA A 5  ? 1.60307 3.53941 3.15118 -0.32363 -0.08400 -0.02777 106 DA A C8    
95  N N7    . DA A 5  ? 1.65351 3.53990 3.24578 -0.24415 -0.16177 -0.06832 106 DA A N7    
96  C C5    . DA A 5  ? 1.66344 3.54443 3.31606 -0.33232 -0.20668 -0.02627 106 DA A C5    
97  C C6    . DA A 5  ? 1.71824 3.55310 3.43301 -0.31263 -0.29182 -0.04083 106 DA A C6    
98  N N6    . DA A 5  ? 1.76521 3.55373 3.48879 -0.19542 -0.34849 -0.10284 106 DA A N6    
99  N N1    . DA A 5  ? 1.71023 3.54623 3.47558 -0.42105 -0.31860 0.01167  106 DA A N1    
100 C C2    . DA A 5  ? 1.66272 3.54408 3.41692 -0.54326 -0.26636 0.07845  106 DA A C2    
101 N N3    . DA A 5  ? 1.63847 3.56844 3.33233 -0.57793 -0.18529 0.10070  106 DA A N3    
102 C C4    . DA A 5  ? 1.61473 3.54209 3.25955 -0.46557 -0.15723 0.04301  106 DA A C4    
103 P P     . DC A 6  ? 1.59888 3.35682 2.76196 -0.75121 0.11929  0.35377  107 DC A P     
104 O OP1   . DC A 6  ? 1.61083 3.39569 2.72713 -0.89446 0.16779  0.44317  107 DC A OP1   
105 O OP2   . DC A 6  ? 1.57995 3.21577 2.63450 -0.60588 0.12176  0.31838  107 DC A OP2   
106 O "O5'" . DC A 6  ? 1.62132 3.28619 2.84878 -0.74592 0.02317  0.37513  107 DC A "O5'" 
107 C "C5'" . DC A 6  ? 1.64259 3.43112 3.00887 -0.84385 -0.00399 0.37308  107 DC A "C5'" 
108 C "C4'" . DC A 6  ? 1.66609 3.34023 3.07744 -0.80864 -0.09762 0.37962  107 DC A "C4'" 
109 O "O4'" . DC A 6  ? 1.70107 3.37778 3.15281 -0.67927 -0.13499 0.28581  107 DC A "O4'" 
110 C "C3'" . DC A 6  ? 1.67751 3.12735 2.97996 -0.77658 -0.13576 0.45213  107 DC A "C3'" 
111 O "O3'" . DC A 6  ? 1.71354 3.11916 3.07236 -0.87194 -0.18658 0.51824  107 DC A "O3'" 
112 C "C2'" . DC A 6  ? 1.77330 3.11034 3.04348 -0.61976 -0.18444 0.38552  107 DC A "C2'" 
113 C "C1'" . DC A 6  ? 1.79439 3.28390 3.19803 -0.60474 -0.20570 0.30039  107 DC A "C1'" 
114 N N1    . DC A 6  ? 1.87788 3.32975 3.26417 -0.45630 -0.23303 0.21585  107 DC A N1    
115 C C2    . DC A 6  ? 1.95378 3.34527 3.39042 -0.40135 -0.31295 0.17981  107 DC A C2    
116 O O2    . DC A 6  ? 1.95623 3.32770 3.45394 -0.47568 -0.35643 0.21592  107 DC A O2    
117 N N3    . DC A 6  ? 2.01005 3.36464 3.42534 -0.27187 -0.34239 0.10766  107 DC A N3    
118 C C4    . DC A 6  ? 1.99989 3.37221 3.35031 -0.19604 -0.29650 0.07287  107 DC A C4    
119 N N4    . DC A 6  ? 2.03098 3.36251 3.36295 -0.07210 -0.33352 0.00603  107 DC A N4    
120 C C5    . DC A 6  ? 1.93644 3.36664 3.23593 -0.24747 -0.21260 0.10609  107 DC A C5    
121 C C6    . DC A 6  ? 1.87289 3.34175 3.18971 -0.37817 -0.18300 0.17707  107 DC A C6    
122 P P     . DC A 7  ? 1.72516 2.92676 2.99664 -0.88566 -0.21640 0.61431  108 DC A P     
123 O OP1   . DC A 7  ? 1.74576 2.99810 3.03693 -1.04312 -0.19541 0.70740  108 DC A OP1   
124 O OP2   . DC A 7  ? 1.69791 2.77662 2.83335 -0.77080 -0.19168 0.60535  108 DC A OP2   
125 O "O5'" . DC A 7  ? 1.76035 2.85728 3.09829 -0.84771 -0.30712 0.59829  108 DC A "O5'" 
126 C "C5'" . DC A 7  ? 1.75546 2.76209 3.06294 -0.70587 -0.34349 0.52591  108 DC A "C5'" 
127 C "C4'" . DC A 7  ? 1.79528 2.76777 3.19724 -0.70115 -0.42249 0.49783  108 DC A "C4'" 
128 O "O4'" . DC A 7  ? 1.83159 2.86359 3.26605 -0.60335 -0.44097 0.39791  108 DC A "O4'" 
129 C "C3'" . DC A 7  ? 1.82651 2.58823 3.17843 -0.65277 -0.47710 0.52719  108 DC A "C3'" 
130 O "O3'" . DC A 7  ? 1.87471 2.61636 3.32888 -0.70348 -0.54347 0.53062  108 DC A "O3'" 
131 C "C2'" . DC A 7  ? 1.90946 2.60078 3.18528 -0.50251 -0.48654 0.44944  108 DC A "C2'" 
132 C "C1'" . DC A 7  ? 1.92956 2.79586 3.28734 -0.48415 -0.48203 0.36791  108 DC A "C1'" 
133 N N1    . DC A 7  ? 1.96376 2.84833 3.24570 -0.37238 -0.44864 0.30728  108 DC A N1    
134 C C2    . DC A 7  ? 2.01250 2.85513 3.28808 -0.26061 -0.49567 0.23038  108 DC A C2    
135 O O2    . DC A 7  ? 2.02400 2.81981 3.35575 -0.25924 -0.56092 0.21169  108 DC A O2    
136 N N3    . DC A 7  ? 2.00115 2.85400 3.20838 -0.16055 -0.47064 0.17962  108 DC A N3    
137 C C4    . DC A 7  ? 1.98889 2.88973 3.13611 -0.16798 -0.39882 0.20009  108 DC A C4    
138 N N4    . DC A 7  ? 1.97923 2.88283 3.06237 -0.06699 -0.37893 0.14820  108 DC A N4    
139 C C5    . DC A 7  ? 1.93515 2.88002 3.08320 -0.28248 -0.34685 0.27594  108 DC A C5    
140 C C6    . DC A 7  ? 1.90845 2.84438 3.12438 -0.38221 -0.37536 0.32890  108 DC A C6    
141 P P     . DT A 8  ? 1.92639 2.46911 3.36578 -0.71104 -0.59634 0.58724  109 DT A P     
142 O OP1   . DT A 8  ? 1.97742 2.52976 3.53233 -0.75663 -0.66251 0.56908  109 DT A OP1   
143 O OP2   . DT A 8  ? 1.91882 2.42014 3.31254 -0.78672 -0.56045 0.68670  109 DT A OP2   
144 O "O5'" . DT A 8  ? 1.92117 2.31101 3.25259 -0.56185 -0.60889 0.53572  109 DT A "O5'" 
145 C "C5'" . DT A 8  ? 1.96937 2.19751 3.30166 -0.51940 -0.66914 0.52542  109 DT A "C5'" 
146 C "C4'" . DT A 8  ? 1.98355 2.20719 3.31496 -0.41990 -0.70728 0.42577  109 DT A "C4'" 
147 O "O4'" . DT A 8  ? 1.93570 2.26239 3.21901 -0.35688 -0.66576 0.37622  109 DT A "O4'" 
148 C "C3'" . DT A 8  ? 2.01468 2.05107 3.26429 -0.32223 -0.74004 0.39735  109 DT A "C3'" 
149 O "O3'" . DT A 8  ? 2.07679 2.04213 3.40195 -0.34887 -0.80319 0.38603  109 DT A "O3'" 
150 C "C2'" . DT A 8  ? 1.99681 2.06276 3.18201 -0.20952 -0.73875 0.31110  109 DT A "C2'" 
151 C "C1'" . DT A 8  ? 1.95068 2.21436 3.18626 -0.24343 -0.69941 0.29865  109 DT A "C1'" 
152 N N1    . DT A 8  ? 1.90407 2.19986 3.04266 -0.16108 -0.65153 0.26980  109 DT A N1    
153 C C2    . DT A 8  ? 1.91279 2.17774 2.99988 -0.05089 -0.67752 0.19408  109 DT A C2    
154 O O2    . DT A 8  ? 1.95753 2.16824 3.06784 -0.01675 -0.73726 0.14796  109 DT A O2    
155 N N3    . DT A 8  ? 1.87437 2.17302 2.87897 0.01490  -0.63222 0.17521  109 DT A N3    
156 C C4    . DT A 8  ? 1.87917 2.23803 2.84693 -0.01773 -0.56247 0.21947  109 DT A C4    
157 O O4    . DT A 8  ? 1.87670 2.25691 2.77005 0.04723  -0.52632 0.19554  109 DT A O4    
158 C C5    . DT A 8  ? 1.88636 2.27881 2.90725 -0.13723 -0.53708 0.29708  109 DT A C5    
159 C C7    . DT A 8  ? 1.89883 2.35765 2.87902 -0.18921 -0.46238 0.35095  109 DT A C7    
160 C C6    . DT A 8  ? 1.87997 2.24015 2.98418 -0.20237 -0.58395 0.31979  109 DT A C6    
161 P P     . DG A 9  ? 2.10538 1.86672 3.39548 -0.33178 -0.82915 0.41705  110 DG A P     
162 O OP1   . DG A 9  ? 2.14187 1.89609 3.54098 -0.44565 -0.85512 0.48265  110 DG A OP1   
163 O OP2   . DG A 9  ? 2.06671 1.75154 3.23235 -0.27288 -0.78004 0.44496  110 DG A OP2   
164 O "O5'" . DG A 9  ? 2.15911 1.83684 3.43765 -0.25087 -0.88519 0.32715  110 DG A "O5'" 
165 C "C5'" . DG A 9  ? 2.14592 1.89708 3.38941 -0.17549 -0.89178 0.24641  110 DG A "C5'" 
166 C "C4'" . DG A 9  ? 2.15468 1.77700 3.26468 -0.06078 -0.89020 0.20183  110 DG A "C4'" 
167 O "O4'" . DG A 9  ? 2.09470 1.78971 3.12250 -0.00557 -0.84287 0.19252  110 DG A "O4'" 
168 C "C3'" . DG A 9  ? 2.17174 1.62416 3.21813 -0.04863 -0.87721 0.24672  110 DG A "C3'" 
169 O "O3'" . DG A 9  ? 2.22309 1.53601 3.19356 0.03424  -0.90759 0.18554  110 DG A "O3'" 
170 C "C2'" . DG A 9  ? 2.10448 1.58295 3.06223 -0.02944 -0.81169 0.29330  110 DG A "C2'" 
171 C "C1'" . DG A 9  ? 2.07466 1.65909 2.98984 0.03387  -0.80346 0.23041  110 DG A "C1'" 
172 N N9    . DG A 9  ? 2.00764 1.68919 2.88104 0.02993  -0.74228 0.26381  110 DG A N9    
173 C C8    . DG A 9  ? 1.96983 1.71409 2.87545 -0.05318 -0.69768 0.34124  110 DG A C8    
174 N N7    . DG A 9  ? 1.91731 1.74316 2.76557 -0.03489 -0.64466 0.34790  110 DG A N7    
175 C C5    . DG A 9  ? 1.92039 1.73172 2.69736 0.07056  -0.65801 0.27191  110 DG A C5    
176 C C6    . DG A 9  ? 1.88226 1.74999 2.58077 0.13683  -0.62184 0.24189  110 DG A C6    
177 O O6    . DG A 9  ? 1.83596 1.78122 2.50933 0.11660  -0.56502 0.27253  110 DG A O6    
178 N N1    . DG A 9  ? 1.90958 1.73104 2.55436 0.23447  -0.66052 0.16714  110 DG A N1    
179 C C2    . DG A 9  ? 1.96687 1.70293 2.62668 0.25965  -0.72251 0.12575  110 DG A C2    
180 N N2    . DG A 9  ? 1.99245 1.69557 2.58840 0.34918  -0.75529 0.05822  110 DG A N2    
181 N N3    . DG A 9  ? 2.00270 1.68643 2.73392 0.19928  -0.75227 0.14841  110 DG A N3    
182 C C4    . DG A 9  ? 1.97599 1.70016 2.76538 0.10810  -0.71849 0.22252  110 DG A C4    
183 P P     . DT A 10 ? 2.49382 1.63603 3.48208 0.02087  -0.93261 0.19998  111 DT A P     
184 O OP1   . DT A 10 ? 2.56678 1.71248 3.65709 -0.01891 -0.99237 0.15963  111 DT A OP1   
185 O OP2   . DT A 10 ? 2.46127 1.57394 3.46638 -0.03281 -0.89502 0.29319  111 DT A OP2   
186 O "O5'" . DT A 10 ? 2.51332 1.52179 3.36363 0.12674  -0.93070 0.14343  111 DT A "O5'" 
187 C "C5'" . DT A 10 ? 2.45991 1.43288 3.19237 0.17977  -0.88043 0.16859  111 DT A "C5'" 
188 C "C4'" . DT A 10 ? 2.43929 1.45657 3.06869 0.26117  -0.87845 0.10662  111 DT A "C4'" 
189 O "O4'" . DT A 10 ? 2.37137 1.53563 3.01063 0.24434  -0.84413 0.13541  111 DT A "O4'" 
190 C "C3'" . DT A 10 ? 2.43541 1.33960 2.91169 0.34653  -0.85492 0.08796  111 DT A "C3'" 
191 O "O3'" . DT A 10 ? 2.46599 1.36632 2.87017 0.41533  -0.88754 0.00718  111 DT A "O3'" 
192 C "C2'" . DT A 10 ? 2.35586 1.32751 2.77945 0.34814  -0.79633 0.14605  111 DT A "C2'" 
193 C "C1'" . DT A 10 ? 2.32800 1.46862 2.83470 0.31239  -0.80305 0.13830  111 DT A "C1'" 
194 N N1    . DT A 10 ? 2.25881 1.50243 2.77900 0.26843  -0.74841 0.20486  111 DT A N1    
195 C C2    . DT A 10 ? 2.21248 1.52501 2.65390 0.31854  -0.71621 0.19054  111 DT A C2    
196 O O2    . DT A 10 ? 2.22522 1.51747 2.58768 0.39831  -0.73395 0.12980  111 DT A O2    
197 N N3    . DT A 10 ? 2.15691 1.56154 2.61410 0.26899  -0.66358 0.25039  111 DT A N3    
198 C C4    . DT A 10 ? 2.14474 1.58039 2.68302 0.17213  -0.64324 0.32543  111 DT A C4    
199 O O4    . DT A 10 ? 2.09987 1.62158 2.63903 0.12754  -0.59501 0.37470  111 DT A O4    
200 C C5    . DT A 10 ? 2.19566 1.55300 2.81618 0.12443  -0.68417 0.34136  111 DT A C5    
201 C C7    . DT A 10 ? 2.19546 1.57247 2.90888 0.01710  -0.67370 0.42579  111 DT A C7    
202 C C6    . DT A 10 ? 2.24907 1.51404 2.85857 0.17610  -0.73275 0.27909  111 DT A C6    
203 P P     . DA A 11 ? 2.68313 1.43560 2.95505 0.48825  -0.89667 -0.04692 112 DA A P     
204 O OP1   . DA A 11 ? 2.76331 1.46459 3.08329 0.48163  -0.95665 -0.11071 112 DA A OP1   
205 O OP2   . DA A 11 ? 2.64731 1.37621 2.85685 0.46017  -0.81257 -0.00002 112 DA A OP2   
206 O "O5'" . DA A 11 ? 2.65523 1.46868 2.80289 0.55539  -0.88390 -0.08423 112 DA A "O5'" 
207 C "C5'" . DA A 11 ? 2.57770 1.48235 2.72283 0.56715  -0.85695 -0.04283 112 DA A "C5'" 
208 C "C4'" . DA A 11 ? 2.52571 1.43669 2.51859 0.58141  -0.76741 -0.02590 112 DA A "C4'" 
209 O "O4'" . DA A 11 ? 2.45961 1.43540 2.47161 0.56658  -0.72695 0.03872  112 DA A "O4'" 
210 C "C3'" . DA A 11 ? 2.51974 1.36455 2.45678 0.55190  -0.71022 -0.01002 112 DA A "C3'" 
211 O "O3'" . DA A 11 ? 2.56779 1.36463 2.42312 0.57664  -0.72351 -0.07394 112 DA A "O3'" 
212 C "C2'" . DA A 11 ? 2.43765 1.32973 2.29444 0.54850  -0.62590 0.03689  112 DA A "C2'" 
213 C "C1'" . DA A 11 ? 2.40938 1.36901 2.33279 0.54643  -0.64068 0.07779  112 DA A "C1'" 
214 N N9    . DA A 11 ? 2.38280 1.34366 2.38715 0.48994  -0.62107 0.15567  112 DA A N9    
215 C C8    . DA A 11 ? 2.41369 1.32210 2.50702 0.43848  -0.63733 0.18249  112 DA A C8    
216 N N7    . DA A 11 ? 2.38140 1.31133 2.53363 0.38213  -0.61413 0.26032  112 DA A N7    
217 C C5    . DA A 11 ? 2.32810 1.32370 2.42259 0.40088  -0.58168 0.28504  112 DA A C5    
218 C C6    . DA A 11 ? 2.28075 1.32754 2.38898 0.35736  -0.54703 0.36287  112 DA A C6    
219 N N6    . DA A 11 ? 2.27682 1.32397 2.46698 0.27595  -0.53748 0.43492  112 DA A N6    
220 N N1    . DA A 11 ? 2.24214 1.34566 2.27570 0.39411  -0.52052 0.36275  112 DA A N1    
221 C C2    . DA A 11 ? 2.24630 1.36207 2.20315 0.46728  -0.52545 0.28918  112 DA A C2    
222 N N3    . DA A 11 ? 2.28588 1.36507 2.22386 0.50453  -0.55588 0.21694  112 DA A N3    
223 C C4    . DA A 11 ? 2.32738 1.34356 2.33343 0.47021  -0.58425 0.21873  112 DA A C4    
224 P P     . DA B 1  ? 2.65177 1.69494 2.43145 -0.67646 -0.17753 0.53997  105 DA B P     
225 O OP1   . DA B 1  ? 2.39878 1.61801 2.30082 -0.63154 -0.02132 0.55622  105 DA B OP1   
226 O OP2   . DA B 1  ? 2.81714 1.60509 2.65015 -0.62725 -0.23919 0.41172  105 DA B OP2   
227 O "O5'" . DA B 1  ? 2.72076 1.83378 2.37235 -0.74501 -0.32374 0.62086  105 DA B "O5'" 
228 C "C5'" . DA B 1  ? 2.78712 1.72593 2.42068 -0.75165 -0.46214 0.57287  105 DA B "C5'" 
229 C "C4'" . DA B 1  ? 2.75076 1.67048 2.55317 -0.69023 -0.41464 0.50654  105 DA B "C4'" 
230 O "O4'" . DA B 1  ? 2.60339 1.65360 2.53737 -0.64823 -0.23885 0.50965  105 DA B "O4'" 
231 C "C3'" . DA B 1  ? 2.84463 1.55844 2.74833 -0.60657 -0.45417 0.35180  105 DA B "C3'" 
232 O "O3'" . DA B 1  ? 2.88469 1.56545 2.78355 -0.60501 -0.56096 0.33611  105 DA B "O3'" 
233 C "C2'" . DA B 1  ? 2.73861 1.47854 2.85327 -0.52094 -0.29540 0.25885  105 DA B "C2'" 
234 C "C1'" . DA B 1  ? 2.59953 1.57896 2.72083 -0.54133 -0.17784 0.35918  105 DA B "C1'" 
235 N N9    . DA B 1  ? 2.44794 1.53473 2.67638 -0.47543 0.00621  0.32149  105 DA B N9    
236 C C8    . DA B 1  ? 2.43705 1.47845 2.66811 -0.46691 0.06832  0.29946  105 DA B C8    
237 N N7    . DA B 1  ? 2.23946 1.40495 2.56985 -0.40728 0.23876  0.27392  105 DA B N7    
238 C C5    . DA B 1  ? 2.12832 1.41243 2.51351 -0.37154 0.29042  0.27661  105 DA B C5    
239 C C6    . DA B 1  ? 1.90150 1.31530 2.36996 -0.30286 0.45094  0.25444  105 DA B C6    
240 N N6    . DA B 1  ? 1.78707 1.24704 2.31322 -0.26013 0.59577  0.22506  105 DA B N6    
241 N N1    . DA B 1  ? 1.87856 1.35686 2.35278 -0.27903 0.45367  0.26372  105 DA B N1    
242 C C2    . DA B 1  ? 2.04763 1.48336 2.46668 -0.32199 0.30907  0.29352  105 DA B C2    
243 N N3    . DA B 1  ? 2.22873 1.55216 2.57549 -0.39057 0.15163  0.31716  105 DA B N3    
244 C C4    . DA B 1  ? 2.26795 1.51129 2.59403 -0.41205 0.14991  0.30684  105 DA B C4    
245 P P     . DC B 2  ? 2.76167 1.29701 2.72922 -0.50965 -0.62235 0.19237  106 DC B P     
246 O OP1   . DC B 2  ? 2.86762 1.34660 2.69533 -0.55444 -0.78648 0.23889  106 DC B OP1   
247 O OP2   . DC B 2  ? 2.77862 1.22502 2.76058 -0.45003 -0.57242 0.11468  106 DC B OP2   
248 O "O5'" . DC B 2  ? 2.60496 1.21758 2.78304 -0.43671 -0.52715 0.10956  106 DC B "O5'" 
249 C "C5'" . DC B 2  ? 2.54960 1.27952 2.75733 -0.48439 -0.49094 0.19109  106 DC B "C5'" 
250 C "C4'" . DC B 2  ? 2.42702 1.22597 2.83817 -0.39702 -0.36464 0.09494  106 DC B "C4'" 
251 O "O4'" . DC B 2  ? 2.35539 1.26521 2.81761 -0.36720 -0.19715 0.09825  106 DC B "O4'" 
252 C "C3'" . DC B 2  ? 2.34171 1.08737 2.86281 -0.29672 -0.35905 -0.05701 106 DC B "C3'" 
253 O "O3'" . DC B 2  ? 2.25278 1.06405 2.88570 -0.25746 -0.33226 -0.10563 106 DC B "O3'" 
254 C "C2'" . DC B 2  ? 2.26946 1.04003 2.86357 -0.24274 -0.22726 -0.11490 106 DC B "C2'" 
255 C "C1'" . DC B 2  ? 2.25151 1.12805 2.89233 -0.27743 -0.11467 -0.03992 106 DC B "C1'" 
256 N N1    . DC B 2  ? 2.20091 1.12731 2.87569 -0.25375 0.02283  -0.04789 106 DC B N1    
257 C C2    . DC B 2  ? 2.07165 1.12734 2.84268 -0.20655 0.18605  -0.07110 106 DC B C2    
258 O O2    . DC B 2  ? 2.01712 1.13018 2.83164 -0.18569 0.20898  -0.08495 106 DC B O2    
259 N N3    . DC B 2  ? 2.01459 1.11880 2.80991 -0.18451 0.30935  -0.07715 106 DC B N3    
260 C C4    . DC B 2  ? 2.08720 1.12826 2.81118 -0.20538 0.27156  -0.06083 106 DC B C4    
261 N N4    . DC B 2  ? 2.01914 1.13056 2.76308 -0.17886 0.38988  -0.06673 106 DC B N4    
262 C C5    . DC B 2  ? 2.23729 1.12819 2.84774 -0.25429 0.10540  -0.03747 106 DC B C5    
263 C C6    . DC B 2  ? 2.28312 1.12166 2.87047 -0.27684 -0.01391 -0.03167 106 DC B C6    
264 P P     . DA B 3  ? 2.31901 1.09999 2.95289 -0.22885 -0.44312 -0.15653 107 DA B P     
265 O OP1   . DA B 3  ? 2.40072 1.16608 2.93216 -0.30340 -0.55724 -0.06122 107 DA B OP1   
266 O OP2   . DA B 3  ? 2.40746 1.12083 3.01721 -0.18207 -0.47883 -0.21528 107 DA B OP2   
267 O "O5'" . DA B 3  ? 2.20878 1.08463 2.99619 -0.16568 -0.35299 -0.23765 107 DA B "O5'" 
268 C "C5'" . DA B 3  ? 2.11751 1.06478 2.96485 -0.17091 -0.24435 -0.21865 107 DA B "C5'" 
269 C "C4'" . DA B 3  ? 2.01594 1.05053 2.97575 -0.10439 -0.12073 -0.30221 107 DA B "C4'" 
270 O "O4'" . DA B 3  ? 1.96527 1.02671 2.92515 -0.09944 -0.02101 -0.28814 107 DA B "O4'" 
271 C "C3'" . DA B 3  ? 2.05082 1.09801 3.06699 -0.05544 -0.16098 -0.37847 107 DA B "C3'" 
272 O "O3'" . DA B 3  ? 2.04278 1.13245 3.13116 -0.03901 -0.18870 -0.41977 107 DA B "O3'" 
273 C "C2'" . DA B 3  ? 1.98378 1.10495 3.06640 -0.01806 -0.05309 -0.41540 107 DA B "C2'" 
274 C "C1'" . DA B 3  ? 1.91954 1.05644 2.96336 -0.04551 0.04141  -0.35966 107 DA B "C1'" 
275 N N9    . DA B 3  ? 1.91937 1.04436 2.93173 -0.04133 0.07837  -0.34745 107 DA B N9    
276 C C8    . DA B 3  ? 2.02350 1.04212 2.94704 -0.05062 -0.00470 -0.33454 107 DA B C8    
277 N N7    . DA B 3  ? 2.00757 1.02957 2.91012 -0.04439 0.05349  -0.32524 107 DA B N7    
278 C C5    . DA B 3  ? 1.87192 1.02818 2.86500 -0.03104 0.18705  -0.33045 107 DA B C5    
279 C C6    . DA B 3  ? 1.78753 1.02558 2.80876 -0.02195 0.30351  -0.32272 107 DA B C6    
280 N N6    . DA B 3  ? 1.85010 1.04202 2.81755 -0.02170 0.29977  -0.31064 107 DA B N6    
281 N N1    . DA B 3  ? 1.67807 1.03655 2.76706 -0.01734 0.42074  -0.32496 107 DA B N1    
282 C C2    . DA B 3  ? 1.66619 1.04519 2.78475 -0.01788 0.41790  -0.33719 107 DA B C2    
283 N N3    . DA B 3  ? 1.73256 1.04503 2.84021 -0.02205 0.31576  -0.34883 107 DA B N3    
284 C C4    . DA B 3  ? 1.82759 1.03760 2.87700 -0.02995 0.20334  -0.34342 107 DA B C4    
285 P P     . DC B 4  ? 1.65482 0.83183 2.82129 -0.03016 -0.09095 -0.44565 111 DC B P     
286 O OP1   . DC B 4  ? 1.57699 0.81544 2.76494 -0.02138 0.03823  -0.44343 111 DC B OP1   
287 O OP2   . DC B 4  ? 1.67518 0.81224 2.78888 -0.05905 -0.12783 -0.40889 111 DC B OP2   
288 O "O5'" . DC B 4  ? 1.66327 0.89800 2.94749 0.00152  -0.12240 -0.51786 111 DC B "O5'" 
289 C "C5'" . DC B 4  ? 1.68100 0.93765 3.02620 0.03550  -0.13741 -0.55725 111 DC B "C5'" 
290 C "C4'" . DC B 4  ? 1.77078 0.97956 3.12325 0.05549  -0.26163 -0.57996 111 DC B "C4'" 
291 O "O4'" . DC B 4  ? 1.84948 0.94594 3.06076 0.03046  -0.34576 -0.52494 111 DC B "O4'" 
292 C "C3'" . DC B 4  ? 1.77463 1.01962 3.20537 0.05565  -0.31027 -0.61117 111 DC B "C3'" 
293 O "O3'" . DC B 4  ? 1.79670 1.09315 3.35479 0.09820  -0.34544 -0.67577 111 DC B "O3'" 
294 C "C2'" . DC B 4  ? 1.84793 1.00012 3.16410 0.03232  -0.41817 -0.56470 111 DC B "C2'" 
295 C "C1'" . DC B 4  ? 1.91312 0.97980 3.12288 0.03225  -0.45459 -0.53163 111 DC B "C1'" 
296 N N1    . DC B 4  ? 1.97054 0.94740 3.03764 -0.01598 -0.52866 -0.45908 111 DC B N1    
297 C C2    . DC B 4  ? 2.02971 0.97331 3.05981 -0.03020 -0.63849 -0.43996 111 DC B C2    
298 O O2    . DC B 4  ? 2.03252 1.01617 3.15106 0.00084  -0.67065 -0.48742 111 DC B O2    
299 N N3    . DC B 4  ? 2.08482 0.95930 2.98240 -0.08270 -0.71197 -0.36290 111 DC B N3    
300 C C4    . DC B 4  ? 2.08418 0.92402 2.89594 -0.12385 -0.68322 -0.30668 111 DC B C4    
301 N N4    . DC B 4  ? 2.14605 0.93343 2.82728 -0.18776 -0.77022 -0.21789 111 DC B N4    
302 C C5    . DC B 4  ? 2.02392 0.88934 2.87606 -0.10648 -0.56917 -0.32997 111 DC B C5    
303 C C6    . DC B 4  ? 1.96901 0.90202 2.94365 -0.05038 -0.49503 -0.40595 111 DC B C6    
304 P P     . DC B 5  ? 1.91584 1.29023 3.61741 0.10183  -0.36719 -0.72878 112 DC B P     
305 O OP1   . DC B 5  ? 1.99289 1.30573 3.65087 0.10833  -0.49058 -0.72033 112 DC B OP1   
306 O OP2   . DC B 5  ? 1.88651 1.36245 3.75826 0.13347  -0.32861 -0.79709 112 DC B OP2   
307 O "O5'" . DC B 5  ? 1.85559 1.24682 3.52341 0.05532  -0.28268 -0.70167 112 DC B "O5'" 
308 C "C5'" . DC B 5  ? 1.84638 1.28675 3.60393 0.04097  -0.27600 -0.73749 112 DC B "C5'" 
309 C "C4'" . DC B 5  ? 1.90408 1.29367 3.61683 0.03389  -0.37769 -0.72497 112 DC B "C4'" 
310 O "O4'" . DC B 5  ? 1.94096 1.24153 3.50540 0.02823  -0.43288 -0.66439 112 DC B "O4'" 
311 C "C3'" . DC B 5  ? 1.91047 1.28058 3.57567 -0.00329 -0.34928 -0.71259 112 DC B "C3'" 
312 O "O3'" . DC B 5  ? 1.96129 1.31452 3.63703 -0.00326 -0.44631 -0.72031 112 DC B "O3'" 
313 C "C2'" . DC B 5  ? 1.90724 1.20153 3.40643 -0.02237 -0.31722 -0.64455 112 DC B "C2'" 
314 C "C1'" . DC B 5  ? 1.94203 1.19500 3.39637 -0.00810 -0.41541 -0.61761 112 DC B "C1'" 
315 N N1    . DC B 5  ? 1.93715 1.13142 3.26701 -0.02445 -0.39622 -0.55616 112 DC B N1    
316 C C2    . DC B 5  ? 1.98484 1.11044 3.20736 -0.04747 -0.48205 -0.50029 112 DC B C2    
317 O O2    . DC B 5  ? 2.02831 1.14280 3.25244 -0.04812 -0.56985 -0.50281 112 DC B O2    
318 N N3    . DC B 5  ? 1.98410 1.06260 3.10906 -0.07255 -0.47158 -0.44052 112 DC B N3    
319 C C4    . DC B 5  ? 1.93586 1.03020 3.06502 -0.06821 -0.37397 -0.43881 112 DC B C4    
320 N N4    . DC B 5  ? 1.93879 0.98806 2.98079 -0.09817 -0.37023 -0.37474 112 DC B N4    
321 C C5    . DC B 5  ? 1.88362 1.04855 3.11166 -0.03872 -0.28112 -0.49594 112 DC B C5    
322 C C6    . DC B 5  ? 1.88751 1.10145 3.21501 -0.02144 -0.29886 -0.55136 112 DC B C6    
323 P P     . DG B 6  ? 1.94802 1.37228 3.78809 0.00247  -0.47968 -0.78863 113 DG B P     
324 O OP1   . DG B 6  ? 1.92832 1.42771 3.92470 0.04587  -0.49870 -0.84274 113 DG B OP1   
325 O OP2   . DG B 6  ? 1.95082 1.37626 3.78159 -0.03919 -0.40065 -0.79880 113 DG B OP2   
326 O "O5'" . DG B 6  ? 2.00863 1.38819 3.80196 0.00575  -0.59591 -0.77139 113 DG B "O5'" 
327 C "C5'" . DG B 6  ? 2.03241 1.33185 3.67124 0.00099  -0.64265 -0.70616 113 DG B "C5'" 
328 C "C4'" . DG B 6  ? 2.07742 1.33330 3.64022 -0.02301 -0.69305 -0.68072 113 DG B "C4'" 
329 O "O4'" . DG B 6  ? 2.08137 1.26784 3.48858 -0.04631 -0.68340 -0.61525 113 DG B "O4'" 
330 C "C3'" . DG B 6  ? 2.09272 1.36186 3.68593 -0.05194 -0.64541 -0.71155 113 DG B "C3'" 
331 O "O3'" . DG B 6  ? 2.14361 1.42008 3.77993 -0.05052 -0.73222 -0.72998 113 DG B "O3'" 
332 C "C2'" . DG B 6  ? 2.10259 1.29609 3.53962 -0.08345 -0.57746 -0.66668 113 DG B "C2'" 
333 C "C1'" . DG B 6  ? 2.08011 1.23897 3.42692 -0.07394 -0.59904 -0.61024 113 DG B "C1'" 
334 N N9    . DG B 6  ? 2.03440 1.18842 3.34815 -0.07509 -0.50461 -0.59536 113 DG B N9    
335 C C8    . DG B 6  ? 2.00404 1.19024 3.36815 -0.07602 -0.40412 -0.62797 113 DG B C8    
336 N N7    . DG B 6  ? 1.96462 1.13996 3.27934 -0.07250 -0.33339 -0.60096 113 DG B N7    
337 C C5    . DG B 6  ? 1.97240 1.10422 3.20497 -0.07448 -0.39478 -0.54771 113 DG B C5    
338 C C6    . DG B 6  ? 1.94755 1.05029 3.10822 -0.07860 -0.36723 -0.49766 113 DG B C6    
339 O O6    . DG B 6  ? 1.90611 1.01877 3.05971 -0.07328 -0.27320 -0.49190 113 DG B O6    
340 N N1    . DG B 6  ? 1.98029 1.04140 3.07329 -0.09455 -0.46828 -0.44525 113 DG B N1    
341 C C2    . DG B 6  ? 2.02738 1.07959 3.11631 -0.09860 -0.57646 -0.44292 113 DG B C2    
342 N N2    . DG B 6  ? 2.07116 1.08464 3.07854 -0.12101 -0.67186 -0.37966 113 DG B N2    
343 N N3    . DG B 6  ? 2.04485 1.12544 3.20200 -0.08637 -0.59501 -0.49231 113 DG B N3    
344 C C4    . DG B 6  ? 2.01677 1.13546 3.24569 -0.07761 -0.50240 -0.54274 113 DG B C4    
345 P P     . DT B 7  ? 2.21900 1.42495 3.72588 -0.07335 -0.78050 -0.68801 114 DT B P     
346 O OP1   . DT B 7  ? 2.25810 1.49087 3.84230 -0.05488 -0.87972 -0.70991 114 DT B OP1   
347 O OP2   . DT B 7  ? 2.25008 1.40598 3.67440 -0.11296 -0.70233 -0.68772 114 DT B OP2   
348 O "O5'" . DT B 7  ? 2.20630 1.36238 3.59279 -0.06543 -0.81234 -0.62209 114 DT B "O5'" 
349 C "C5'" . DT B 7  ? 2.24828 1.35484 3.53647 -0.07338 -0.88643 -0.57614 114 DT B "C5'" 
350 C "C4'" . DT B 7  ? 2.26573 1.30995 3.42450 -0.09931 -0.83732 -0.53619 114 DT B "C4'" 
351 O "O4'" . DT B 7  ? 2.21011 1.25329 3.35788 -0.10237 -0.74139 -0.53497 114 DT B "O4'" 
352 C "C3'" . DT B 7  ? 2.31130 1.31140 3.42547 -0.11875 -0.80322 -0.55716 114 DT B "C3'" 
353 O "O3'" . DT B 7  ? 2.39901 1.33849 3.40334 -0.12308 -0.86506 -0.51295 114 DT B "O3'" 
354 C "C2'" . DT B 7  ? 2.30499 1.26984 3.37636 -0.12865 -0.68255 -0.56800 114 DT B "C2'" 
355 C "C1'" . DT B 7  ? 2.24827 1.22676 3.30424 -0.11684 -0.67361 -0.52781 114 DT B "C1'" 
356 N N1    . DT B 7  ? 2.20421 1.17777 3.25421 -0.11495 -0.55759 -0.53599 114 DT B N1    
357 C C2    . DT B 7  ? 2.15928 1.12966 3.17625 -0.10928 -0.54063 -0.49314 114 DT B C2    
358 O O2    . DT B 7  ? 2.19504 1.16206 3.18182 -0.11415 -0.62347 -0.44594 114 DT B O2    
359 N N3    . DT B 7  ? 2.12744 1.09623 3.14193 -0.10294 -0.42758 -0.50274 114 DT B N3    
360 C C4    . DT B 7  ? 2.14247 1.10868 3.17222 -0.10418 -0.33673 -0.54647 114 DT B C4    
361 O O4    . DT B 7  ? 2.11418 1.08193 3.13257 -0.09620 -0.24013 -0.54732 114 DT B O4    
362 C C5    . DT B 7  ? 2.20274 1.16256 3.25795 -0.12039 -0.37005 -0.58643 114 DT B C5    
363 C C7    . DT B 7  ? 2.24608 1.18955 3.30824 -0.13823 -0.29393 -0.62903 114 DT B C7    
364 C C6    . DT B 7  ? 2.22724 1.19257 3.29443 -0.12370 -0.47430 -0.58015 114 DT B C6    
365 O "O5'" . DC C 1  ? 4.71141 2.75966 3.01356 1.57357  0.57223  -0.65901 101 DC C "O5'" 
366 C "C5'" . DC C 1  ? 4.91726 2.69105 3.04975 1.57484  0.57284  -0.64668 101 DC C "C5'" 
367 C "C4'" . DC C 1  ? 4.83668 2.49488 3.04152 1.36226  0.58694  -0.65061 101 DC C "C4'" 
368 O "O4'" . DC C 1  ? 4.85697 2.40507 3.05559 1.25737  0.59033  -0.69754 101 DC C "O4'" 
369 C "C3'" . DC C 1  ? 4.47504 2.46550 2.97771 1.24852  0.59786  -0.61427 101 DC C "C3'" 
370 O "O3'" . DC C 1  ? 4.48034 2.41530 2.97479 1.20334  0.60546  -0.58107 101 DC C "O3'" 
371 C "C2'" . DC C 1  ? 4.31873 2.33843 2.96669 1.07291  0.60588  -0.64466 101 DC C "C2'" 
372 C "C1'" . DC C 1  ? 4.61276 2.28336 3.02370 1.06790  0.60242  -0.69557 101 DC C "C1'" 
373 N N1    . DC C 1  ? 4.51140 2.26109 3.01777 0.99683  0.60060  -0.72985 101 DC C N1    
374 C C2    . DC C 1  ? 4.59185 2.13715 3.04687 0.84779  0.60700  -0.77085 101 DC C C2    
375 O O2    . DC C 1  ? 4.75635 2.04746 3.07705 0.77208  0.61544  -0.78043 101 DC C O2    
376 N N3    . DC C 1  ? 4.48999 2.13189 3.04152 0.78684  0.60289  -0.79868 101 DC C N3    
377 C C4    . DC C 1  ? 4.32569 2.23657 3.00899 0.86608  0.59252  -0.78643 101 DC C C4    
378 N N4    . DC C 1  ? 4.23784 2.23108 3.00654 0.80048  0.58623  -0.81227 101 DC C N4    
379 C C5    . DC C 1  ? 4.24229 2.36380 2.97731 1.00891  0.58750  -0.74653 101 DC C C5    
380 C C6    . DC C 1  ? 4.33745 2.37472 2.98340 1.07105  0.59197  -0.72022 101 DC C C6    
381 P P     . DT C 2  ? 4.70377 2.26291 3.01988 1.08999  0.61275  -0.59857 102 DT C P     
382 O OP1   . DT C 2  ? 5.08694 2.30311 3.08164 1.21946  0.59828  -0.61244 102 DT C OP1   
383 O OP2   . DT C 2  ? 4.52830 2.21623 2.98826 0.99423  0.62583  -0.56254 102 DT C OP2   
384 O "O5'" . DT C 2  ? 4.64296 2.13075 3.02659 0.91811  0.62244  -0.64554 102 DT C "O5'" 
385 C "C5'" . DT C 2  ? 4.89388 2.02343 3.07591 0.82397  0.62649  -0.68336 102 DT C "C5'" 
386 C "C4'" . DT C 2  ? 4.71371 1.89896 3.06362 0.61257  0.64379  -0.70098 102 DT C "C4'" 
387 O "O4'" . DT C 2  ? 4.57857 1.88098 3.05680 0.54753  0.64310  -0.73469 102 DT C "O4'" 
388 C "C3'" . DT C 2  ? 4.40924 1.89283 3.01613 0.55817  0.65472  -0.66217 102 DT C "C3'" 
389 O "O3'" . DT C 2  ? 4.37624 1.78223 3.02696 0.38309  0.67168  -0.67871 102 DT C "O3'" 
390 C "C2'" . DT C 2  ? 4.12677 1.92836 2.97879 0.55482  0.65117  -0.66280 102 DT C "C2'" 
391 C "C1'" . DT C 2  ? 4.23074 1.86782 3.01275 0.47274  0.64938  -0.71638 102 DT C "C1'" 
392 N N1    . DT C 2  ? 4.08351 1.92202 2.99392 0.50812  0.63790  -0.72592 102 DT C N1    
393 C C2    . DT C 2  ? 4.10107 1.87217 3.01671 0.41110  0.63625  -0.77030 102 DT C C2    
394 O O2    . DT C 2  ? 4.23084 1.79122 3.05154 0.29282  0.64519  -0.80492 102 DT C O2    
395 N N3    . DT C 2  ? 3.96404 1.93351 2.99728 0.45197  0.62317  -0.77282 102 DT C N3    
396 C C4    . DT C 2  ? 3.81749 2.04099 2.95712 0.57151  0.61292  -0.73771 102 DT C C4    
397 O O4    . DT C 2  ? 3.70888 2.09578 2.94211 0.59161  0.60071  -0.74276 102 DT C O4    
398 C C5    . DT C 2  ? 3.80724 2.09745 2.93446 0.66563  0.61699  -0.69468 102 DT C C5    
399 C C7    . DT C 2  ? 3.65704 2.23680 2.89014 0.78867  0.60795  -0.65668 102 DT C C7    
400 C C6    . DT C 2  ? 3.93730 2.03420 2.95425 0.63218  0.62853  -0.69007 102 DT C C6    
401 P P     . DG C 3  ? 4.61701 1.73725 3.05765 0.34264  0.67826  -0.67196 103 DG C P     
402 O OP1   . DG C 3  ? 4.95982 1.79149 3.09531 0.48616  0.66060  -0.66858 103 DG C OP1   
403 O OP2   . DG C 3  ? 4.41018 1.74255 3.02171 0.31509  0.68978  -0.63080 103 DG C OP2   
404 O "O5'" . DG C 3  ? 4.67687 1.62884 3.08951 0.14139  0.69302  -0.72494 103 DG C "O5'" 
405 C "C5'" . DG C 3  ? 4.43211 1.56959 3.07384 -0.01601 0.71256  -0.73356 103 DG C "C5'" 
406 C "C4'" . DG C 3  ? 4.28199 1.53843 3.07995 -0.11867 0.71552  -0.77773 103 DG C "C4'" 
407 O "O4'" . DG C 3  ? 4.17907 1.59831 3.05881 -0.00078 0.69842  -0.76866 103 DG C "O4'" 
408 C "C3'" . DG C 3  ? 3.97814 1.49920 3.06495 -0.24838 0.73194  -0.78409 103 DG C "C3'" 
409 O "O3'" . DG C 3  ? 3.94789 1.48645 3.09169 -0.37376 0.72491  -0.82481 103 DG C "O3'" 
410 C "C2'" . DG C 3  ? 3.72373 1.55112 3.02234 -0.14474 0.72059  -0.74932 103 DG C "C2'" 
411 C "C1'" . DG C 3  ? 3.85870 1.58783 3.03466 -0.06553 0.70187  -0.76844 103 DG C "C1'" 
412 N N9    . DG C 3  ? 3.70854 1.66292 2.99842 0.06254  0.68595  -0.73815 103 DG C N9    
413 C C8    . DG C 3  ? 3.62483 1.73433 2.95982 0.18377  0.68186  -0.68789 103 DG C C8    
414 N N7    . DG C 3  ? 3.49685 1.80767 2.93249 0.26954  0.66753  -0.67308 103 DG C N7    
415 C C5    . DG C 3  ? 3.49223 1.77482 2.95481 0.20287  0.66053  -0.71408 103 DG C C5    
416 C C6    . DG C 3  ? 3.38540 1.82612 2.94204 0.24096  0.64371  -0.71877 103 DG C C6    
417 O O6    . DG C 3  ? 3.27192 1.91551 2.90639 0.34068  0.63230  -0.68811 103 DG C O6    
418 N N1    . DG C 3  ? 3.42458 1.77624 2.97577 0.14263  0.64029  -0.76490 103 DG C N1    
419 C C2    . DG C 3  ? 3.55180 1.69721 3.01618 0.01927  0.65307  -0.80418 103 DG C C2    
420 N N2    . DG C 3  ? 3.57181 1.67850 3.04522 -0.06688 0.64739  -0.84699 103 DG C N2    
421 N N3    . DG C 3  ? 3.65594 1.65171 3.02759 -0.02275 0.66983  -0.80193 103 DG C N3    
422 C C4    . DG C 3  ? 3.61914 1.68947 2.99565 0.07601  0.67194  -0.75476 103 DG C C4    
423 P P     . DA C 4  ? 3.98455 1.60272 3.20079 -0.53607 0.71186  -0.82064 104 DA C P     
424 O OP1   . DA C 4  ? 4.27032 1.64245 3.22834 -0.54832 0.69443  -0.80646 104 DA C OP1   
425 O OP2   . DA C 4  ? 3.74210 1.57163 3.17671 -0.57617 0.73476  -0.80814 104 DA C OP2   
426 O "O5'" . DA C 4  ? 3.88732 1.63624 3.21794 -0.61243 0.69262  -0.84970 104 DA C "O5'" 
427 C "C5'" . DA C 4  ? 4.00827 1.65195 3.23242 -0.55808 0.67971  -0.87110 104 DA C "C5'" 
428 C "C4'" . DA C 4  ? 3.79829 1.65541 3.23289 -0.59616 0.67588  -0.89658 104 DA C "C4'" 
429 O "O4'" . DA C 4  ? 3.70423 1.61611 3.21415 -0.48809 0.69351  -0.90581 104 DA C "O4'" 
430 C "C3'" . DA C 4  ? 3.53948 1.66048 3.22708 -0.68805 0.67804  -0.89180 104 DA C "C3'" 
431 O "O3'" . DA C 4  ? 3.45411 1.70467 3.24640 -0.74732 0.66017  -0.91416 104 DA C "O3'" 
432 C "C2'" . DA C 4  ? 3.34300 1.60059 3.20334 -0.61864 0.70280  -0.88431 104 DA C "C2'" 
433 C "C1'" . DA C 4  ? 3.41519 1.58795 3.20515 -0.51748 0.70648  -0.90550 104 DA C "C1'" 
434 N N9    . DA C 4  ? 3.31298 1.61514 3.15777 -0.37832 0.69888  -0.84940 104 DA C N9    
435 C C8    . DA C 4  ? 3.34760 1.61780 3.13083 -0.31310 0.70872  -0.81001 104 DA C C8    
436 N N7    . DA C 4  ? 3.23839 1.67066 3.08902 -0.19031 0.69737  -0.76393 104 DA C N7    
437 C C5    . DA C 4  ? 3.13080 1.69817 3.08796 -0.17612 0.67851  -0.77336 104 DA C C5    
438 C C6    . DA C 4  ? 2.99449 1.76446 3.05286 -0.07834 0.65973  -0.74123 104 DA C C6    
439 N N6    . DA C 4  ? 2.93841 1.82552 3.00982 0.02806  0.65850  -0.69337 104 DA C N6    
440 N N1    . DA C 4  ? 2.92190 1.77856 3.06448 -0.10024 0.64149  -0.76063 104 DA C N1    
441 C C2    . DA C 4  ? 2.97893 1.73519 3.10896 -0.20830 0.64234  -0.80920 104 DA C C2    
442 N N3    . DA C 4  ? 3.10199 1.68192 3.14428 -0.30879 0.66050  -0.84523 104 DA C N3    
443 C C4    . DA C 4  ? 3.17542 1.66249 3.13084 -0.28787 0.67826  -0.82454 104 DA C C4    
444 P P     . DC C 5  ? 3.27243 1.78167 3.28163 -0.83562 0.65257  -0.91140 105 DC C P     
445 O OP1   . DC C 5  ? 3.40969 1.86369 3.31015 -0.91723 0.63696  -0.92294 105 DC C OP1   
446 O OP2   . DC C 5  ? 3.13175 1.74960 3.25484 -0.82873 0.66928  -0.88538 105 DC C OP2   
447 O "O5'" . DC C 5  ? 3.08459 1.77813 3.29019 -0.81636 0.64428  -0.92929 105 DC C "O5'" 
448 C "C5'" . DC C 5  ? 3.12116 1.73764 3.29186 -0.74135 0.64783  -0.94596 105 DC C "C5'" 
449 C "C4'" . DC C 5  ? 2.87518 1.71398 3.29569 -0.71266 0.64668  -0.94893 105 DC C "C4'" 
450 O "O4'" . DC C 5  ? 2.84404 1.66344 3.27137 -0.61167 0.66343  -0.93255 105 DC C "O4'" 
451 C "C3'" . DC C 5  ? 2.65829 1.73292 3.29180 -0.75543 0.64090  -0.92676 105 DC C "C3'" 
452 O "O3'" . DC C 5  ? 2.47547 1.74328 3.31085 -0.74425 0.62292  -0.93141 105 DC C "O3'" 
453 C "C2'" . DC C 5  ? 2.61024 1.67339 3.26552 -0.71146 0.66641  -0.90274 105 DC C "C2'" 
454 C "C1'" . DC C 5  ? 2.63085 1.64389 3.26135 -0.61787 0.66908  -0.90650 105 DC C "C1'" 
455 N N1    . DC C 5  ? 2.63490 1.64083 3.20861 -0.51829 0.67738  -0.85373 105 DC C N1    
456 C C2    . DC C 5  ? 2.54034 1.68321 3.16603 -0.40649 0.65801  -0.80742 105 DC C C2    
457 O O2    . DC C 5  ? 2.46450 1.71308 3.17274 -0.39460 0.63382  -0.81023 105 DC C O2    
458 N N3    . DC C 5  ? 2.54137 1.70338 3.11964 -0.31767 0.66544  -0.76127 105 DC C N3    
459 C C4    . DC C 5  ? 2.63055 1.67488 3.11636 -0.33493 0.68916  -0.75770 105 DC C C4    
460 N N4    . DC C 5  ? 2.62936 1.71069 3.07239 -0.24292 0.69385  -0.71060 105 DC C N4    
461 C C5    . DC C 5  ? 2.73183 1.62209 3.15892 -0.45111 0.70835  -0.80266 105 DC C C5    
462 C C6    . DC C 5  ? 2.72873 1.61045 3.20343 -0.54154 0.70268  -0.85094 105 DC C C6    
463 P P     . DT C 6  ? 2.42505 1.76886 3.29884 -0.78647 0.59349  -0.95445 106 DT C P     
464 O OP1   . DT C 6  ? 2.63234 1.78102 3.30987 -0.79411 0.59327  -0.98353 106 DT C OP1   
465 O OP2   . DT C 6  ? 2.36528 1.83202 3.30115 -0.83537 0.58375  -0.94526 106 DT C OP2   
466 O "O5'" . DT C 6  ? 2.23938 1.75290 3.31788 -0.74320 0.57513  -0.95183 106 DT C "O5'" 
467 C "C5'" . DT C 6  ? 2.24782 1.71439 3.30255 -0.66710 0.57759  -0.94423 106 DT C "C5'" 
468 C "C4'" . DT C 6  ? 2.03763 1.71871 3.28559 -0.61146 0.55648  -0.89659 106 DT C "C4'" 
469 O "O4'" . DT C 6  ? 2.01780 1.69444 3.22923 -0.54089 0.57331  -0.85044 106 DT C "O4'" 
470 C "C3'" . DT C 6  ? 1.87278 1.71951 3.32458 -0.66686 0.54808  -0.90057 106 DT C "C3'" 
471 O "O3'" . DT C 6  ? 1.71838 1.73052 3.33438 -0.63024 0.51927  -0.87197 106 DT C "O3'" 
472 C "C2'" . DT C 6  ? 1.85636 1.68284 3.28518 -0.65866 0.57662  -0.87523 106 DT C "C2'" 
473 C "C1'" . DT C 6  ? 1.86470 1.66355 3.24391 -0.57852 0.58306  -0.84145 106 DT C "C1'" 
474 N N1    . DT C 6  ? 1.90228 1.63121 3.20436 -0.55741 0.61485  -0.81982 106 DT C N1    
475 C C2    . DT C 6  ? 1.86321 1.65242 3.14389 -0.46512 0.61260  -0.76417 106 DT C C2    
476 O O2    . DT C 6  ? 1.80163 1.69724 3.11925 -0.40345 0.58687  -0.73280 106 DT C O2    
477 N N3    . DT C 6  ? 1.90372 1.63220 3.11379 -0.45192 0.64122  -0.74683 106 DT C N3    
478 C C4    . DT C 6  ? 1.98118 1.58730 3.13690 -0.52334 0.67057  -0.77750 106 DT C C4    
479 O O4    . DT C 6  ? 2.01753 1.57669 3.10740 -0.50564 0.69272  -0.75564 106 DT C O4    
480 C C5    . DT C 6  ? 2.02004 1.56787 3.19912 -0.62473 0.67266  -0.83731 106 DT C C5    
481 C C7    . DT C 6  ? 2.10881 1.58222 3.18129 -0.67612 0.68343  -0.83714 106 DT C C7    
482 C C6    . DT C 6  ? 1.97696 1.59421 3.22996 -0.63520 0.64521  -0.85592 106 DT C C6    
483 P P     . DG C 7  ? 1.65101 1.75350 3.33383 -0.63028 0.47537  -0.87824 107 DG C P     
484 O OP1   . DG C 7  ? 1.81452 1.78496 3.32209 -0.62737 0.47410  -0.90108 107 DG C OP1   
485 O OP2   . DG C 7  ? 1.58766 1.79607 3.34227 -0.63944 0.44901  -0.86554 107 DG C OP2   
486 O "O5'" . DG C 7  ? 1.54884 1.77175 3.28747 -0.54505 0.44792  -0.81299 107 DG C "O5'" 
487 C "C5'" . DG C 7  ? 1.58479 1.76842 3.21146 -0.46885 0.46369  -0.77108 107 DG C "C5'" 
488 C "C4'" . DG C 7  ? 1.44451 1.75937 3.18592 -0.44178 0.46133  -0.72214 107 DG C "C4'" 
489 O "O4'" . DG C 7  ? 1.45959 1.71572 3.15857 -0.44366 0.50135  -0.71802 107 DG C "O4'" 
490 C "C3'" . DG C 7  ? 1.30843 1.74691 3.24771 -0.49161 0.44010  -0.72503 107 DG C "C3'" 
491 O "O3'" . DG C 7  ? 1.20866 1.76481 3.21694 -0.45389 0.42284  -0.67011 107 DG C "O3'" 
492 C "C2'" . DG C 7  ? 1.32656 1.69958 3.23767 -0.52032 0.46824  -0.73923 107 DG C "C2'" 
493 C "C1'" . DG C 7  ? 1.34070 1.67846 3.19723 -0.49705 0.50754  -0.72167 107 DG C "C1'" 
494 N N9    . DG C 7  ? 1.38731 1.63182 3.19467 -0.53415 0.54775  -0.74394 107 DG C N9    
495 C C8    . DG C 7  ? 1.46673 1.62899 3.19494 -0.56689 0.54967  -0.77239 107 DG C C8    
496 N N7    . DG C 7  ? 1.51032 1.60400 3.16577 -0.57956 0.58037  -0.77164 107 DG C N7    
497 C C5    . DG C 7  ? 1.45716 1.58224 3.14917 -0.55415 0.60176  -0.74379 107 DG C C5    
498 C C6    . DG C 7  ? 1.47219 1.55753 3.12003 -0.55529 0.63761  -0.72924 107 DG C C6    
499 O O6    . DG C 7  ? 1.54175 1.54372 3.09941 -0.57927 0.65431  -0.73841 107 DG C O6    
500 N N1    . DG C 7  ? 1.42000 1.58780 3.07189 -0.49024 0.63728  -0.67785 107 DG C N1    
501 C C2    . DG C 7  ? 1.36534 1.63875 3.04930 -0.43337 0.60489  -0.64458 107 DG C C2    
502 N N2    . DG C 7  ? 1.33149 1.68979 2.98717 -0.37040 0.60550  -0.59243 107 DG C N2    
503 N N3    . DG C 7  ? 1.34861 1.65103 3.08570 -0.44224 0.57351  -0.66137 107 DG C N3    
504 C C4    . DG C 7  ? 1.38768 1.61464 3.14821 -0.51167 0.57792  -0.71669 107 DG C C4    
505 P P     . DT C 8  ? 1.16362 1.82418 3.21405 -0.42416 0.37218  -0.63549 108 DT C P     
506 O OP1   . DT C 8  ? 1.29340 1.90677 3.19661 -0.37465 0.36754  -0.63145 108 DT C OP1   
507 O OP2   . DT C 8  ? 1.15233 1.82423 3.25716 -0.44661 0.33116  -0.64166 108 DT C OP2   
508 O "O5'" . DT C 8  ? 1.08647 1.84725 3.17452 -0.39665 0.37031  -0.57611 108 DT C "O5'" 
509 C "C5'" . DT C 8  ? 1.13157 1.87494 3.13460 -0.36488 0.40750  -0.55485 108 DT C "C5'" 
510 C "C4'" . DT C 8  ? 1.05640 1.78973 3.07038 -0.38320 0.41570  -0.53197 108 DT C "C4'" 
511 O "O4'" . DT C 8  ? 1.09970 1.73562 3.07678 -0.40478 0.45762  -0.56831 108 DT C "O4'" 
512 C "C3'" . DT C 8  ? 1.05519 1.75978 3.07292 -0.39525 0.37061  -0.51739 108 DT C "C3'" 
513 O "O3'" . DT C 8  ? 1.01680 1.79711 3.04285 -0.38230 0.33444  -0.46174 108 DT C "O3'" 
514 C "C2'" . DT C 8  ? 1.07434 1.70173 3.04485 -0.40722 0.39275  -0.52562 108 DT C "C2'" 
515 C "C1'" . DT C 8  ? 1.09432 1.69373 3.03351 -0.41080 0.44517  -0.54574 108 DT C "C1'" 
516 N N1    . DT C 8  ? 1.14883 1.64623 3.04803 -0.43812 0.47285  -0.58916 108 DT C N1    
517 C C2    . DT C 8  ? 1.16319 1.62323 3.01285 -0.44354 0.50963  -0.58569 108 DT C C2    
518 O O2    . DT C 8  ? 1.13092 1.64357 2.97171 -0.42499 0.52244  -0.54928 108 DT C O2    
519 N N3    . DT C 8  ? 1.22175 1.59245 3.02483 -0.47182 0.53003  -0.62367 108 DT C N3    
520 C C4    . DT C 8  ? 1.26472 1.59616 3.06232 -0.49316 0.51874  -0.66152 108 DT C C4    
521 O O4    . DT C 8  ? 1.32041 1.59018 3.06250 -0.51930 0.53796  -0.68817 108 DT C O4    
522 C C5    . DT C 8  ? 1.24321 1.62458 3.10019 -0.48466 0.48131  -0.66376 108 DT C C5    
523 C C7    . DT C 8  ? 1.28632 1.65106 3.14529 -0.50751 0.46676  -0.70153 108 DT C C7    
524 C C6    . DT C 8  ? 1.18766 1.64225 3.09288 -0.45829 0.45943  -0.62822 108 DT C C6    
525 P P     . DG C 9  ? 1.09446 1.95617 3.08322 -0.36731 0.34652  -0.40924 109 DG C P     
526 O OP1   . DG C 9  ? 1.08646 1.90804 3.02623 -0.36804 0.38829  -0.41338 109 DG C OP1   
527 O OP2   . DG C 9  ? 1.17363 2.13999 3.18770 -0.34579 0.34274  -0.40079 109 DG C OP2   
528 O "O5'" . DG C 9  ? 1.05206 1.92904 3.03319 -0.37993 0.30732  -0.36236 109 DG C "O5'" 
529 C "C5'" . DG C 9  ? 1.04133 1.98245 3.05675 -0.38245 0.26536  -0.33545 109 DG C "C5'" 
530 C "C4'" . DG C 9  ? 1.05427 1.95422 3.08730 -0.39808 0.23253  -0.32132 109 DG C "C4'" 
531 O "O4'" . DG C 9  ? 1.07690 1.91789 3.16017 -0.39410 0.21841  -0.36500 109 DG C "O4'" 
532 C "C3'" . DG C 9  ? 1.04833 2.01775 3.09984 -0.41170 0.19114  -0.27611 109 DG C "C3'" 
533 O "O3'" . DG C 9  ? 1.04311 2.03995 3.04512 -0.43149 0.19811  -0.23381 109 DG C "O3'" 
534 C "C2'" . DG C 9  ? 1.07321 1.98819 3.18672 -0.41357 0.15558  -0.29320 109 DG C "C2'" 
535 C "C1'" . DG C 9  ? 1.08358 1.94869 3.22006 -0.39778 0.17123  -0.34944 109 DG C "C1'" 
536 N N9    . DG C 9  ? 1.08468 1.99082 3.25692 -0.39283 0.15055  -0.36490 109 DG C N9    
537 C C8    . DG C 9  ? 1.08682 1.99142 3.25158 -0.38741 0.17617  -0.40173 109 DG C C8    
538 N N7    . DG C 9  ? 1.09228 2.03864 3.29340 -0.38763 0.14913  -0.41240 109 DG C N7    
539 C C5    . DG C 9  ? 1.09299 2.07175 3.32762 -0.39196 0.09953  -0.37695 109 DG C C5    
540 C C6    . DG C 9  ? 1.10154 2.13256 3.37942 -0.39564 0.05033  -0.36816 109 DG C C6    
541 O O6    . DG C 9  ? 1.11480 2.17794 3.40647 -0.39635 0.04190  -0.39194 109 DG C O6    
542 N N1    . DG C 9  ? 1.10930 2.15143 3.41632 -0.40224 0.00689  -0.32950 109 DG C N1    
543 C C2    . DG C 9  ? 1.11063 2.11486 3.40878 -0.40673 0.01383  -0.30734 109 DG C C2    
544 N N2    . DG C 9  ? 1.12950 2.14068 3.46850 -0.41667 -0.03286 -0.27572 109 DG C N2    
545 N N3    . DG C 9  ? 1.10070 2.05991 3.35382 -0.40437 0.06133  -0.31670 109 DG C N3    
546 C C4    . DG C 9  ? 1.09099 2.04145 3.31267 -0.39591 0.10088  -0.34960 109 DG C C4    
547 P P     . DG C 10 ? 1.14079 2.26249 3.11610 -0.45072 0.18431  -0.18098 110 DG C P     
548 O OP1   . DG C 10 ? 1.14642 2.28639 3.05812 -0.47744 0.20084  -0.14537 110 DG C OP1   
549 O OP2   . DG C 10 ? 1.21212 2.41329 3.19219 -0.42355 0.19914  -0.19283 110 DG C OP2   
550 O "O5'" . DG C 10 ? 1.16881 2.29357 3.19716 -0.47207 0.12978  -0.16458 110 DG C "O5'" 
551 C "C5'" . DG C 10 ? 1.20896 2.28783 3.24070 -0.50347 0.10932  -0.14312 110 DG C "C5'" 
552 C "C4'" . DG C 10 ? 1.24499 2.32153 3.34227 -0.51641 0.05311  -0.13215 110 DG C "C4'" 
553 O "O4'" . DG C 10 ? 1.24167 2.27454 3.40557 -0.48021 0.03917  -0.17547 110 DG C "O4'" 
554 C "C3'" . DG C 10 ? 1.24271 2.43189 3.32790 -0.54064 0.02426  -0.09417 110 DG C "C3'" 
555 O "O3'" . DG C 10 ? 1.28172 2.50267 3.32440 -0.59563 0.01188  -0.04721 110 DG C "O3'" 
556 C "C2'" . DG C 10 ? 1.25690 2.42155 3.42019 -0.52900 -0.02910 -0.10539 110 DG C "C2'" 
557 C "C1'" . DG C 10 ? 1.24641 2.33756 3.44660 -0.48396 -0.00604 -0.16204 110 DG C "C1'" 
558 N N9    . DG C 10 ? 1.21027 2.34597 3.40263 -0.45847 0.01315  -0.18901 110 DG C N9    
559 C C8    . DG C 10 ? 1.20095 2.32589 3.35749 -0.43695 0.06536  -0.21824 110 DG C C8    
560 N N7    . DG C 10 ? 1.26193 2.42502 3.42967 -0.41883 0.07071  -0.24336 110 DG C N7    
561 C C5    . DG C 10 ? 1.29123 2.49980 3.49818 -0.42925 0.01778  -0.22769 110 DG C C5    
562 C C6    . DG C 10 ? 1.35990 2.62448 3.59125 -0.42121 -0.00324 -0.24405 110 DG C C6    
563 O O6    . DG C 10 ? 1.41462 2.69690 3.64293 -0.40206 0.02543  -0.28213 110 DG C O6    
564 N N1    . DG C 10 ? 1.36920 2.66684 3.63195 -0.44030 -0.06507 -0.21466 110 DG C N1    
565 C C2    . DG C 10 ? 1.32493 2.59676 3.60103 -0.46371 -0.10196 -0.17596 110 DG C C2    
566 N N2    . DG C 10 ? 1.35025 2.65212 3.65736 -0.48118 -0.16602 -0.14904 110 DG C N2    
567 N N3    . DG C 10 ? 1.26672 2.48192 3.52703 -0.47145 -0.07986 -0.16571 110 DG C N3    
568 C C4    . DG C 10 ? 1.25012 2.44075 3.47292 -0.45362 -0.02005 -0.19208 110 DG C C4    
569 P P     . DT C 11 ? 1.38362 2.75898 3.36127 -0.63083 0.01865  -0.00698 111 DT C P     
570 O OP1   . DT C 11 ? 1.39374 2.78671 3.29435 -0.66818 0.05394  0.01357  111 DT C OP1   
571 O OP2   . DT C 11 ? 1.38733 2.84272 3.37791 -0.58315 0.03602  -0.02930 111 DT C OP2   
572 O "O5'" . DT C 11 ? 1.44615 2.84488 3.44138 -0.67899 -0.04647 0.03296  111 DT C "O5'" 
573 C "C5'" . DT C 11 ? 1.49432 2.78403 3.56073 -0.67478 -0.10006 0.03067  111 DT C "C5'" 
574 C "C4'" . DT C 11 ? 1.50832 2.85467 3.60279 -0.67828 -0.15986 0.05188  111 DT C "C4'" 
575 O "O4'" . DT C 11 ? 1.46070 2.79422 3.61779 -0.61746 -0.15598 0.00177  111 DT C "O4'" 
576 C "C3'" . DT C 11 ? 1.52317 3.01790 3.52824 -0.70375 -0.15856 0.08709  111 DT C "C3'" 
577 O "O3'" . DT C 11 ? 1.59627 3.09955 3.50582 -0.77771 -0.19148 0.14817  111 DT C "O3'" 
578 C "C2'" . DT C 11 ? 1.59328 3.10820 3.60781 -0.66760 -0.19556 0.07279  111 DT C "C2'" 
579 C "C1'" . DT C 11 ? 1.51674 2.94698 3.65458 -0.61486 -0.18245 0.01366  111 DT C "C1'" 
580 N N1    . DT C 11 ? 1.28531 2.76306 3.42885 -0.56506 -0.13055 -0.03496 111 DT C N1    
581 C C2    . DT C 11 ? 1.35578 2.86969 3.47671 -0.53715 -0.14800 -0.05125 111 DT C C2    
582 O O2    . DT C 11 ? 1.39351 2.91648 3.49598 -0.55295 -0.20431 -0.02661 111 DT C O2    
583 N N3    . DT C 11 ? 1.38643 2.91669 3.49722 -0.49201 -0.09769 -0.09719 111 DT C N3    
584 C C4    . DT C 11 ? 1.35376 2.86847 3.47458 -0.47157 -0.03578 -0.12502 111 DT C C4    
585 O O4    . DT C 11 ? 1.40604 2.91773 3.50078 -0.43015 0.00286  -0.16367 111 DT C O4    
586 C C5    . DT C 11 ? 1.27952 2.75758 3.40348 -0.50027 -0.02102 -0.10210 111 DT C C5    
587 C C7    . DT C 11 ? 1.25570 2.69652 3.34206 -0.47870 0.04066  -0.12115 111 DT C C7    
588 C C6    . DT C 11 ? 1.25488 2.71305 3.38275 -0.54426 -0.06628 -0.06110 111 DT C C6    
589 P P     . DG C 12 ? 1.61049 3.19219 3.40995 -0.81853 -0.24469 0.19615  112 DG C P     
590 O OP1   . DG C 12 ? 1.66419 3.15531 3.50523 -0.80229 -0.31169 0.19851  112 DG C OP1   
591 O OP2   . DG C 12 ? 1.69020 3.30114 3.38040 -0.90393 -0.24822 0.24929  112 DG C OP2   
592 O "O5'" . DG C 12 ? 1.60899 3.35432 3.37149 -0.77711 -0.20477 0.17235  112 DG C "O5'" 
593 C "C5'" . DG C 12 ? 1.67133 3.54039 3.32942 -0.80820 -0.23023 0.20377  112 DG C "C5'" 
594 C "C4'" . DG C 12 ? 1.71741 3.56505 3.39575 -0.77895 -0.27741 0.19256  112 DG C "C4'" 
595 O "O4'" . DG C 12 ? 1.68417 3.42765 3.48207 -0.71314 -0.26793 0.14135  112 DG C "O4'" 
596 C "C3'" . DG C 12 ? 1.77614 3.77693 3.38772 -0.75432 -0.26321 0.17982  112 DG C "C3'" 
597 O "O3'" . DG C 12 ? 1.82522 3.91594 3.32604 -0.82710 -0.30534 0.23104  112 DG C "O3'" 
598 C "C2'" . DG C 12 ? 1.80332 3.73928 3.48619 -0.69458 -0.27888 0.13747  112 DG C "C2'" 
599 C "C1'" . DG C 12 ? 1.73327 3.53287 3.53243 -0.66139 -0.25855 0.10470  112 DG C "C1'" 
600 N N9    . DG C 12 ? 1.44597 3.26271 3.27412 -0.60330 -0.18862 0.05550  112 DG C N9    
601 C C8    . DG C 12 ? 1.39316 3.18934 3.24853 -0.60051 -0.14045 0.04741  112 DG C C8    
602 N N7    . DG C 12 ? 1.40659 3.21470 3.27409 -0.54348 -0.08607 0.00292  112 DG C N7    
603 C C5    . DG C 12 ? 1.48685 3.31738 3.32949 -0.50523 -0.09717 -0.02225 112 DG C C5    
604 C C6    . DG C 12 ? 1.55698 3.38643 3.38191 -0.43974 -0.05638 -0.07199 112 DG C C6    
605 O O6    . DG C 12 ? 1.55717 3.36462 3.38472 -0.40012 -0.00339 -0.10181 112 DG C O6    
606 N N1    . DG C 12 ? 1.64099 3.48728 3.43156 -0.42399 -0.08384 -0.08537 112 DG C N1    
607 C C2    . DG C 12 ? 1.63918 3.51101 3.41973 -0.46722 -0.14444 -0.05272 112 DG C C2    
608 N N2    . DG C 12 ? 1.71709 3.60685 3.46186 -0.44799 -0.16149 -0.07314 112 DG C N2    
609 N N3    . DG C 12 ? 1.57246 3.44189 3.36675 -0.52748 -0.18647 -0.00294 112 DG C N3    
610 C C4    . DG C 12 ? 1.50562 3.34918 3.32844 -0.54261 -0.15898 0.00876  112 DG C C4    
611 P P     . DC C 13 ? 1.75892 3.83724 3.22907 -0.85016 -0.37586 0.25108  113 DC C P     
612 O OP1   . DC C 13 ? 1.73682 3.64254 3.29770 -0.83513 -0.42315 0.24881  113 DC C OP1   
613 O OP2   . DC C 13 ? 1.79995 3.97273 3.14267 -0.94177 -0.40583 0.30716  113 DC C OP2   
614 O "O5'" . DC C 13 ? 1.80690 3.99543 3.27127 -0.78315 -0.34555 0.20287  113 DC C "O5'" 
615 C "C5'" . DC C 13 ? 1.83682 3.97680 3.33638 -0.75522 -0.38098 0.18251  113 DC C "C5'" 
616 C "C4'" . DC C 13 ? 1.89893 4.13674 3.37427 -0.69107 -0.33771 0.13204  113 DC C "C4'" 
617 O "O4'" . DC C 13 ? 1.87669 4.06934 3.41154 -0.62027 -0.27467 0.08353  113 DC C "O4'" 
618 C "C3'" . DC C 13 ? 1.95792 4.38744 3.31900 -0.70905 -0.31710 0.14334  113 DC C "C3'" 
619 O "O3'" . DC C 13 ? 2.02685 4.52639 3.34003 -0.69703 -0.33444 0.12571  113 DC C "O3'" 
620 C "C2'" . DC C 13 ? 1.96426 4.44732 3.33110 -0.64094 -0.24163 0.10512  113 DC C "C2'" 
621 C "C1'" . DC C 13 ? 1.94212 4.26540 3.40809 -0.57651 -0.22266 0.05885  113 DC C "C1'" 
622 N N1    . DC C 13 ? 1.72941 4.02531 3.23133 -0.53275 -0.16351 0.03647  113 DC C N1    
623 C C2    . DC C 13 ? 1.80274 4.09158 3.29946 -0.44772 -0.11115 -0.01769 113 DC C C2    
624 O O2    . DC C 13 ? 1.89424 4.19059 3.35608 -0.40882 -0.11266 -0.04967 113 DC C O2    
625 N N3    . DC C 13 ? 1.77414 4.03425 3.29710 -0.41205 -0.06097 -0.03385 113 DC C N3    
626 C C4    . DC C 13 ? 1.66867 3.91947 3.22558 -0.45995 -0.05881 -0.00046 113 DC C C4    
627 N N4    . DC C 13 ? 1.62766 3.85568 3.20809 -0.42642 -0.00837 -0.01754 113 DC C N4    
628 C C5    . DC C 13 ? 1.60662 3.85936 3.16467 -0.54653 -0.10925 0.05218  113 DC C C5    
629 C C6    . DC C 13 ? 1.64345 3.91504 3.17078 -0.57881 -0.16145 0.07001  113 DC C C6    
630 P P     . DT C 14 ? 1.95558 4.67039 3.14849 -0.72035 -0.32463 0.13373  114 DT C P     
631 O OP1   . DT C 14 ? 1.99950 4.73398 3.15399 -0.75221 -0.37493 0.13989  114 DT C OP1   
632 O OP2   . DT C 14 ? 1.91468 4.71554 3.05677 -0.78987 -0.32329 0.18108  114 DT C OP2   
633 O "O5'" . DT C 14 ? 2.02313 4.80802 3.20589 -0.61430 -0.25209 0.06971  114 DT C "O5'" 
634 C "C5'" . DT C 14 ? 2.07078 4.75018 3.29260 -0.53949 -0.23606 0.01544  114 DT C "C5'" 
635 C "C4'" . DT C 14 ? 2.14419 4.88240 3.32777 -0.44091 -0.16889 -0.03853 114 DT C "C4'" 
636 O "O4'" . DT C 14 ? 2.10490 4.77847 3.33948 -0.40529 -0.12770 -0.04471 114 DT C "O4'" 
637 C "C3'" . DT C 14 ? 2.16979 5.13243 3.25325 -0.43016 -0.14777 -0.03925 114 DT C "C3'" 
638 O "O3'" . DT C 14 ? 2.22278 5.22387 3.24713 -0.37362 -0.13725 -0.08624 114 DT C "O3'" 
639 C "C2'" . DT C 14 ? 2.14675 5.15807 3.23170 -0.37007 -0.09016 -0.05151 114 DT C "C2'" 
640 C "C1'" . DT C 14 ? 2.15968 4.95311 3.33230 -0.33321 -0.07474 -0.07213 114 DT C "C1'" 
641 N N1    . DT C 14 ? 1.81142 4.59358 3.02262 -0.32617 -0.04139 -0.05836 114 DT C N1    
642 C C2    . DT C 14 ? 1.79380 4.55108 2.99574 -0.23281 0.01313  -0.09823 114 DT C C2    
643 O O2    . DT C 14 ? 1.81844 4.55012 2.97419 -0.15110 0.03592  -0.14569 114 DT C O2    
644 N N3    . DT C 14 ? 1.68932 4.44110 2.92925 -0.24004 0.03911  -0.08004 114 DT C N3    
645 C C4    . DT C 14 ? 1.59782 4.36351 2.87849 -0.33034 0.01887  -0.02965 114 DT C C4    
646 O O4    . DT C 14 ? 1.49082 4.25080 2.79941 -0.33356 0.04708  -0.01868 114 DT C O4    
647 C C5    . DT C 14 ? 1.60113 4.37538 2.88034 -0.42202 -0.03904 0.00933  114 DT C C5    
648 C C7    . DT C 14 ? 1.48322 4.24360 2.78544 -0.52287 -0.06733 0.06499  114 DT C C7    
649 C C6    . DT C 14 ? 1.69165 4.47632 2.93831 -0.41520 -0.06716 -0.00538 114 DT C C6    
650 P P     . DC D 1  ? 2.65339 1.66264 2.00228 -0.54003 0.31357  -0.10444 113 DC D P     
651 O OP1   . DC D 1  ? 2.66350 1.67197 1.89861 -0.48862 0.25903  -0.14790 113 DC D OP1   
652 O OP2   . DC D 1  ? 2.45472 1.48316 1.91096 -0.65901 0.39037  -0.11130 113 DC D OP2   
653 O "O5'" . DC D 1  ? 2.64018 1.63621 2.11522 -0.51527 0.25139  -0.16118 113 DC D "O5'" 
654 C "C5'" . DC D 1  ? 2.84710 1.81760 2.24471 -0.39826 0.16451  -0.16994 113 DC D "C5'" 
655 C "C4'" . DC D 1  ? 2.90558 1.86059 2.40595 -0.37560 0.14003  -0.17035 113 DC D "C4'" 
656 O "O4'" . DC D 1  ? 2.73441 1.69722 2.38376 -0.39807 0.07625  -0.28154 113 DC D "O4'" 
657 C "C3'" . DC D 1  ? 2.81601 1.77708 2.42036 -0.45351 0.22233  -0.11663 113 DC D "C3'" 
658 O "O3'" . DC D 1  ? 3.00541 1.94053 2.59647 -0.38489 0.21116  -0.05658 113 DC D "O3'" 
659 C "C2'" . DC D 1  ? 2.53266 1.51153 2.32783 -0.54535 0.22082  -0.21284 113 DC D "C2'" 
660 C "C1'" . DC D 1  ? 2.56174 1.53468 2.38225 -0.47889 0.11950  -0.29494 113 DC D "C1'" 
661 N N1    . DC D 1  ? 2.29161 1.28736 2.27100 -0.55115 0.10517  -0.40008 113 DC D N1    
662 C C2    . DC D 1  ? 2.26537 1.25953 2.33297 -0.50842 0.01415  -0.48335 113 DC D C2    
663 O O2    . DC D 1  ? 2.45359 1.42385 2.45267 -0.40831 -0.05928 -0.47375 113 DC D O2    
664 N N3    . DC D 1  ? 2.09071 1.12838 2.30919 -0.55795 0.00180  -0.55202 113 DC D N3    
665 C C4    . DC D 1  ? 1.96496 1.10360 2.20257 -0.58454 0.05241  -0.49158 113 DC D C4    
666 N N4    . DC D 1  ? 1.90206 1.11506 2.22279 -0.57718 0.03042  -0.50033 113 DC D N4    
667 C C5    . DC D 1  ? 1.91204 1.07108 2.07328 -0.61079 0.13148  -0.42053 113 DC D C5    
668 C C6    . DC D 1  ? 2.05625 1.11049 2.09986 -0.62663 0.16837  -0.39430 113 DC D C6    
669 P P     . DG D 2  ? 2.83323 1.75756 2.37037 -0.37909 0.29149  0.07466  114 DG D P     
670 O OP1   . DG D 2  ? 2.87405 1.80481 2.25905 -0.35612 0.32604  0.13553  114 DG D OP1   
671 O OP2   . DG D 2  ? 2.65652 1.58952 2.35685 -0.48483 0.34766  0.07310  114 DG D OP2   
672 O "O5'" . DG D 2  ? 3.09166 1.97994 2.56529 -0.25842 0.25063  0.12632  114 DG D "O5'" 
673 C "C5'" . DG D 2  ? 3.05197 1.92874 2.65461 -0.26924 0.23806  0.11061  114 DG D "C5'" 
674 C "C4'" . DG D 2  ? 3.10463 1.96760 2.71817 -0.19857 0.13675  0.02445  114 DG D "C4'" 
675 O "O4'" . DG D 2  ? 2.87092 1.76155 2.58651 -0.26841 0.10062  -0.09196 114 DG D "O4'" 
676 C "C3'" . DG D 2  ? 3.13126 1.97753 2.85657 -0.18619 0.11706  0.01705  114 DG D "C3'" 
677 O "O3'" . DG D 2  ? 3.22500 2.04790 2.89775 -0.07926 0.01999  -0.03046 114 DG D "O3'" 
678 C "C2'" . DG D 2  ? 2.81960 1.69525 2.73760 -0.31029 0.13197  -0.06863 114 DG D "C2'" 
679 C "C1'" . DG D 2  ? 2.69751 1.59393 2.59391 -0.31869 0.08483  -0.15433 114 DG D "C1'" 
680 N N9    . DG D 2  ? 2.39030 1.31763 2.41393 -0.43933 0.12692  -0.21448 114 DG D N9    
681 C C8    . DG D 2  ? 2.28491 1.22485 2.31396 -0.52563 0.21319  -0.17470 114 DG D C8    
682 N N7    . DG D 2  ? 2.11152 1.07210 2.25093 -0.61458 0.23504  -0.24554 114 DG D N7    
683 C C5    . DG D 2  ? 2.12446 1.09089 2.35120 -0.58985 0.16240  -0.33458 114 DG D C5    
684 C C6    . DG D 2  ? 2.03413 1.07569 2.37693 -0.61248 0.13323  -0.39624 114 DG D C6    
685 O O6    . DG D 2  ? 1.92439 1.06943 2.28052 -0.62164 0.15282  -0.36530 114 DG D O6    
686 N N1    . DG D 2  ? 2.08893 1.10604 2.50987 -0.57902 0.05862  -0.47553 114 DG D N1    
687 C C2    . DG D 2  ? 2.20854 1.17642 2.58204 -0.49446 -0.00880 -0.48256 114 DG D C2    
688 N N2    . DG D 2  ? 2.24230 1.21316 2.71421 -0.45525 -0.09594 -0.56294 114 DG D N2    
689 N N3    . DG D 2  ? 2.29467 1.23812 2.51284 -0.42801 -0.00080 -0.39347 114 DG D N3    
690 C C4    . DG D 2  ? 2.24294 1.18943 2.40226 -0.48334 0.08964  -0.32060 114 DG D C4    
691 P P     . DG D 3  ? 3.29917 2.09230 3.02102 -0.01473 -0.01731 -0.02205 115 DG D P     
692 O OP1   . DG D 3  ? 3.57069 2.32259 3.11288 0.10898  -0.00771 0.08397  115 DG D OP1   
693 O OP2   . DG D 3  ? 3.16322 1.97264 3.06871 -0.12181 0.03721  -0.02711 115 DG D OP2   
694 O "O5'" . DG D 3  ? 3.19176 1.98205 2.95152 0.03676  -0.13806 -0.14335 115 DG D "O5'" 
695 C "C5'" . DG D 3  ? 3.22370 1.99248 3.04740 0.09484  -0.20198 -0.17659 115 DG D "C5'" 
696 C "C4'" . DG D 3  ? 2.97044 1.77241 3.02746 -0.00809 -0.21095 -0.26833 115 DG D "C4'" 
697 O "O4'" . DG D 3  ? 2.75195 1.59258 2.88681 -0.13203 -0.14399 -0.28798 115 DG D "O4'" 
698 C "C3'" . DG D 3  ? 2.98201 1.77652 3.15085 -0.03956 -0.16891 -0.23416 115 DG D "C3'" 
699 O "O3'" . DG D 3  ? 3.00623 1.78422 3.24135 0.02806  -0.25605 -0.29100 115 DG D "O3'" 
700 C "C2'" . DG D 3  ? 2.72533 1.55622 3.06279 -0.18648 -0.09589 -0.26365 115 DG D "C2'" 
701 C "C1'" . DG D 3  ? 2.56720 1.42706 2.89279 -0.22959 -0.10397 -0.32032 115 DG D "C1'" 
702 N N9    . DG D 3  ? 2.42793 1.30813 2.77889 -0.33759 -0.00782 -0.29043 115 DG D N9    
703 C C8    . DG D 3  ? 2.53787 1.40768 2.80035 -0.35414 0.06965  -0.19059 115 DG D C8    
704 N N7    . DG D 3  ? 2.34516 1.23418 2.65790 -0.45566 0.13868  -0.19153 115 DG D N7    
705 C C5    . DG D 3  ? 2.18963 1.10205 2.62613 -0.50757 0.11264  -0.29457 115 DG D C5    
706 C C6    . DG D 3  ? 2.07086 1.01552 2.58768 -0.60338 0.16019  -0.33412 115 DG D C6    
707 O O6    . DG D 3  ? 2.00173 1.00652 2.46119 -0.62895 0.20557  -0.27191 115 DG D O6    
708 N N1    . DG D 3  ? 2.03496 1.04538 2.62429 -0.58999 0.10259  -0.40174 115 DG D N1    
709 C C2    . DG D 3  ? 2.09990 1.07368 2.77164 -0.54772 0.02973  -0.47573 115 DG D C2    
710 N N2    . DG D 3  ? 2.05860 1.11141 2.79083 -0.54304 -0.00419 -0.51767 115 DG D N2    
711 N N3    . DG D 3  ? 2.21236 1.14285 2.82072 -0.46132 -0.02435 -0.45535 115 DG D N3    
712 C C4    . DG D 3  ? 2.25366 1.16365 2.72684 -0.43917 0.02342  -0.35521 115 DG D C4    
713 P P     . DA D 4  ? 3.14826 1.94815 3.52309 0.02365  -0.35635 -0.42535 116 DA D P     
714 O OP1   . DA D 4  ? 3.22507 2.01246 3.47068 0.10811  -0.44008 -0.46228 116 DA D OP1   
715 O OP2   . DA D 4  ? 3.16066 1.94812 3.64457 0.05581  -0.40055 -0.45305 116 DA D OP2   
716 O "O5'" . DA D 4  ? 2.85201 1.69968 3.40327 -0.12518 -0.29106 -0.47391 116 DA D "O5'" 
717 C "C5'" . DA D 4  ? 2.66695 1.54420 3.35523 -0.15831 -0.34708 -0.58056 116 DA D "C5'" 
718 C "C4'" . DA D 4  ? 2.43066 1.33772 3.34051 -0.26740 -0.29473 -0.62295 116 DA D "C4'" 
719 O "O4'" . DA D 4  ? 2.32257 1.24347 3.22682 -0.36838 -0.18431 -0.58126 116 DA D "O4'" 
720 C "C3'" . DA D 4  ? 2.46372 1.35582 3.45863 -0.25881 -0.28731 -0.60470 116 DA D "C3'" 
721 O "O3'" . DA D 4  ? 2.38644 1.30417 3.59912 -0.30304 -0.31068 -0.68857 116 DA D "O3'" 
722 C "C2'" . DA D 4  ? 2.41951 1.30463 3.38357 -0.33327 -0.17134 -0.52258 116 DA D "C2'" 
723 C "C1'" . DA D 4  ? 2.27456 1.18837 3.26496 -0.42238 -0.11775 -0.54848 116 DA D "C1'" 
724 N N9    . DA D 4  ? 2.22838 1.13470 3.12746 -0.47789 -0.02335 -0.47085 116 DA D N9    
725 C C8    . DA D 4  ? 2.42376 1.30569 3.16541 -0.43555 0.00315  -0.37532 116 DA D C8    
726 N N7    . DA D 4  ? 2.36051 1.24340 3.06997 -0.50545 0.08691  -0.32428 116 DA D N7    
727 C C5    . DA D 4  ? 2.12336 1.07415 2.90147 -0.56837 0.10447  -0.36941 116 DA D C5    
728 C C6    . DA D 4  ? 2.03139 1.06809 2.74332 -0.60457 0.14904  -0.32506 116 DA D C6    
729 N N6    . DA D 4  ? 2.01410 1.04759 2.64961 -0.62322 0.19481  -0.25600 116 DA D N6    
730 N N1    . DA D 4  ? 1.96340 1.08491 2.70001 -0.60733 0.13958  -0.35222 116 DA D N1    
731 C C2    . DA D 4  ? 1.98314 1.11548 2.80600 -0.58762 0.09943  -0.41235 116 DA D C2    
732 N N3    . DA D 4  ? 2.05845 1.13630 2.95431 -0.55661 0.04715  -0.46166 116 DA D N3    
733 C C4    . DA D 4  ? 2.12735 1.11090 2.99407 -0.54308 0.04460  -0.44155 116 DA D C4    
734 P P     . DC D 5  ? 2.43525 1.34159 3.76208 -0.26178 -0.35718 -0.70980 117 DC D P     
735 O OP1   . DC D 5  ? 2.49402 1.40977 3.90081 -0.19651 -0.47687 -0.79726 117 DC D OP1   
736 O OP2   . DC D 5  ? 2.53546 1.40275 3.72141 -0.20928 -0.33270 -0.61882 117 DC D OP2   
737 O "O5'" . DC D 5  ? 2.31608 1.31854 3.74835 -0.34730 -0.25970 -0.68775 117 DC D "O5'" 
738 C "C5'" . DC D 5  ? 2.23617 1.34287 3.70134 -0.38224 -0.22726 -0.69968 117 DC D "C5'" 
739 C "C4'" . DC D 5  ? 2.14546 1.31026 3.57980 -0.44441 -0.11778 -0.64089 117 DC D "C4'" 
740 O "O4'" . DC D 5  ? 2.12093 1.25686 3.40981 -0.47980 -0.06139 -0.58563 117 DC D "O4'" 
741 C "C3'" . DC D 5  ? 2.14476 1.30658 3.63684 -0.45031 -0.08722 -0.61791 117 DC D "C3'" 
742 O "O3'" . DC D 5  ? 2.07678 1.31305 3.60117 -0.47559 -0.02927 -0.60495 117 DC D "O3'" 
743 C "C2'" . DC D 5  ? 2.15241 1.25327 3.52751 -0.47448 -0.04056 -0.55629 117 DC D "C2'" 
744 C "C1'" . DC D 5  ? 2.09771 1.22991 3.36073 -0.50635 -0.00137 -0.53290 117 DC D "C1'" 
745 N N1    . DC D 5  ? 2.10638 1.18477 3.25296 -0.52621 0.03200  -0.47860 117 DC D N1    
746 C C2    . DC D 5  ? 2.04047 1.15923 3.08978 -0.56279 0.09132  -0.42830 117 DC D C2    
747 O O2    . DC D 5  ? 1.98207 1.16819 3.03876 -0.57129 0.11254  -0.43302 117 DC D O2    
748 N N3    . DC D 5  ? 2.04748 1.12645 3.00536 -0.57927 0.11972  -0.37486 117 DC D N3    
749 C C4    . DC D 5  ? 2.12212 1.11200 3.08389 -0.56169 0.10548  -0.36344 117 DC D C4    
750 N N4    . DC D 5  ? 2.13065 1.08298 3.01104 -0.57791 0.14743  -0.29795 117 DC D N4    
751 C C5    . DC D 5  ? 2.19876 1.12748 3.25311 -0.51373 0.04101  -0.41499 117 DC D C5    
752 C C6    . DC D 5  ? 2.18539 1.16840 3.32813 -0.49776 -0.00077 -0.47532 117 DC D C6    
753 P P     . DA D 6  ? 2.27273 1.56019 3.96632 -0.45365 -0.04753 -0.64459 118 DA D P     
754 O OP1   . DA D 6  ? 2.29639 1.60911 4.08589 -0.42076 -0.12024 -0.70271 118 DA D OP1   
755 O OP2   . DA D 6  ? 2.31080 1.55894 4.04791 -0.44292 -0.05405 -0.63588 118 DA D OP2   
756 O "O5'" . DA D 6  ? 2.19951 1.54858 3.87935 -0.48074 0.03260  -0.61839 118 DA D "O5'" 
757 C "C5'" . DA D 6  ? 2.15450 1.53348 3.76024 -0.49621 0.06028  -0.60792 118 DA D "C5'" 
758 C "C4'" . DA D 6  ? 2.10662 1.49008 3.59545 -0.52165 0.13100  -0.55761 118 DA D "C4'" 
759 O "O4'" . DA D 6  ? 2.11818 1.45099 3.47141 -0.53881 0.13257  -0.51838 118 DA D "O4'" 
760 C "C3'" . DA D 6  ? 2.09809 1.49080 3.63255 -0.52079 0.17193  -0.54617 118 DA D "C3'" 
761 O "O3'" . DA D 6  ? 2.05067 1.46893 3.52552 -0.52915 0.22867  -0.52473 118 DA D "O3'" 
762 C "C2'" . DA D 6  ? 2.13226 1.46739 3.59662 -0.53008 0.16406  -0.51587 118 DA D "C2'" 
763 C "C1'" . DA D 6  ? 2.11954 1.43335 3.44482 -0.54715 0.16392  -0.48631 118 DA D "C1'" 
764 N N9    . DA D 6  ? 2.16227 1.41537 3.43295 -0.55328 0.14523  -0.46212 118 DA D N9    
765 C C8    . DA D 6  ? 2.22273 1.43075 3.56269 -0.53606 0.10376  -0.48098 118 DA D C8    
766 N N7    . DA D 6  ? 2.25713 1.40461 3.53095 -0.54260 0.10381  -0.44585 118 DA D N7    
767 C C5    . DA D 6  ? 2.21132 1.37526 3.36741 -0.56886 0.14480  -0.40212 118 DA D C5    
768 C C6    . DA D 6  ? 2.21583 1.34510 3.27333 -0.58630 0.16523  -0.34846 118 DA D C6    
769 N N6    . DA D 6  ? 2.27546 1.33531 3.33673 -0.58125 0.15899  -0.32225 118 DA D N6    
770 N N1    . DA D 6  ? 2.15957 1.32610 3.12618 -0.60283 0.19173  -0.31957 118 DA D N1    
771 C C2    . DA D 6  ? 2.10764 1.33067 3.07835 -0.59926 0.20196  -0.34167 118 DA D C2    
772 N N3    . DA D 6  ? 2.10175 1.35609 3.16020 -0.58536 0.19588  -0.38583 118 DA D N3    
773 C C4    . DA D 6  ? 2.15343 1.38016 3.30395 -0.57235 0.16539  -0.41450 118 DA D C4    
774 P P     . DG D 7  ? 2.15974 1.60456 3.73189 -0.51931 0.28910  -0.53533 119 DG D P     
775 O OP1   . DG D 7  ? 2.15119 1.64553 3.87383 -0.50167 0.29719  -0.57383 119 DG D OP1   
776 O OP2   . DG D 7  ? 2.19483 1.59784 3.75113 -0.52181 0.27461  -0.51690 119 DG D OP2   
777 O "O5'" . DG D 7  ? 2.12441 1.57982 3.62093 -0.52630 0.35632  -0.52116 119 DG D "O5'" 
778 C "C5'" . DG D 7  ? 2.11184 1.54673 3.47352 -0.54155 0.34748  -0.49346 119 DG D "C5'" 
779 C "C4'" . DG D 7  ? 2.12250 1.52345 3.40406 -0.55091 0.36725  -0.46292 119 DG D "C4'" 
780 O "O4'" . DG D 7  ? 2.14985 1.50477 3.35404 -0.56420 0.31386  -0.42978 119 DG D "O4'" 
781 C "C3'" . DG D 7  ? 2.14440 1.53758 3.49389 -0.54257 0.39415  -0.47045 119 DG D "C3'" 
782 O "O3'" . DG D 7  ? 2.13112 1.53197 3.46247 -0.53838 0.45863  -0.47592 119 DG D "O3'" 
783 C "C2'" . DG D 7  ? 2.18434 1.52637 3.48754 -0.55280 0.35089  -0.43967 119 DG D "C2'" 
784 C "C1'" . DG D 7  ? 2.17977 1.50080 3.37545 -0.56768 0.31696  -0.40997 119 DG D "C1'" 
785 N N9    . DG D 7  ? 2.18450 1.45779 3.35034 -0.57408 0.26055  -0.38744 119 DG D N9    
786 C C8    . DG D 7  ? 2.21648 1.48183 3.47788 -0.56279 0.23119  -0.41481 119 DG D C8    
787 N N7    . DG D 7  ? 2.26149 1.48012 3.52224 -0.56457 0.20458  -0.40318 119 DG D N7    
788 C C5    . DG D 7  ? 2.25491 1.44995 3.40041 -0.58224 0.21647  -0.35716 119 DG D C5    
789 C C6    . DG D 7  ? 2.29410 1.43631 3.39844 -0.59046 0.20750  -0.32101 119 DG D C6    
790 O O6    . DG D 7  ? 2.34778 1.44338 3.50608 -0.58005 0.18734  -0.32300 119 DG D O6    
791 N N1    . DG D 7  ? 2.26913 1.41263 3.26944 -0.60725 0.22385  -0.27786 119 DG D N1    
792 C C2    . DG D 7  ? 2.21436 1.39996 3.15672 -0.61085 0.23925  -0.27514 119 DG D C2    
793 N N2    . DG D 7  ? 2.20307 1.38778 3.08071 -0.62181 0.25352  -0.24153 119 DG D N2    
794 N N3    . DG D 7  ? 2.18800 1.41766 3.19073 -0.59917 0.26289  -0.31691 119 DG D N3    
795 C C4    . DG D 7  ? 2.20409 1.43400 3.28270 -0.58798 0.24179  -0.34645 119 DG D C4    
796 P P     . DT D 8  ? 2.21268 1.58188 3.42745 -0.55019 0.47135  -0.44804 120 DT D P     
797 O OP1   . DT D 8  ? 2.19823 1.56201 3.32288 -0.56350 0.43870  -0.42316 120 DT D OP1   
798 O OP2   . DT D 8  ? 2.20648 1.58651 3.42582 -0.54003 0.53710  -0.46867 120 DT D OP2   
799 O "O5'" . DT D 8  ? 2.25440 1.57929 3.47214 -0.55551 0.44558  -0.42738 120 DT D "O5'" 
800 C "C5'" . DT D 8  ? 2.27681 1.57297 3.45596 -0.55803 0.46963  -0.41829 120 DT D "C5'" 
801 C "C4'" . DT D 8  ? 2.27589 1.55265 3.35239 -0.57284 0.45522  -0.38790 120 DT D "C4'" 
802 O "O4'" . DT D 8  ? 2.27548 1.54196 3.32188 -0.58445 0.40421  -0.35856 120 DT D "O4'" 
803 C "C3'" . DT D 8  ? 2.31524 1.54818 3.36076 -0.57996 0.45192  -0.36920 120 DT D "C3'" 
804 O "O3'" . DT D 8  ? 2.30954 1.53529 3.27584 -0.58965 0.45404  -0.35196 120 DT D "O3'" 
805 C "C2'" . DT D 8  ? 2.34246 1.54640 3.40167 -0.58856 0.40285  -0.34072 120 DT D "C2'" 
806 C "C1'" . DT D 8  ? 2.31439 1.53610 3.34087 -0.59492 0.37560  -0.32592 120 DT D "C1'" 
807 N N1    . DT D 8  ? 2.33139 1.53626 3.38700 -0.59600 0.33324  -0.31534 120 DT D N1    
808 C C2    . DT D 8  ? 2.35074 1.52122 3.35309 -0.60889 0.29698  -0.27411 120 DT D C2    
809 O O2    . DT D 8  ? 2.35186 1.51117 3.29450 -0.62050 0.29767  -0.24276 120 DT D O2    
810 N N3    . DT D 8  ? 2.37327 1.51932 3.39775 -0.60605 0.26096  -0.27081 120 DT D N3    
811 C C4    . DT D 8  ? 2.37794 1.53663 3.48648 -0.59160 0.25583  -0.30824 120 DT D C4    
812 O O4    . DT D 8  ? 2.41377 1.55174 3.59271 -0.58388 0.23784  -0.32031 120 DT D O4    
813 C C5    . DT D 8  ? 2.35070 1.55387 3.51818 -0.58034 0.29248  -0.34534 120 DT D C5    
814 C C7    . DT D 8  ? 2.35119 1.57646 3.62206 -0.56406 0.28958  -0.38269 120 DT D C7    
815 C C6    . DT D 8  ? 2.33099 1.55231 3.46882 -0.58267 0.33275  -0.34710 120 DT D C6    
816 P P     . DC D 9  ? 2.54964 1.72747 3.47935 -0.60255 0.43337  -0.32298 121 DC D P     
817 O OP1   . DC D 9  ? 2.53702 1.71722 3.40256 -0.60731 0.44741  -0.32038 121 DC D OP1   
818 O OP2   . DC D 9  ? 2.59084 1.73966 3.56849 -0.59579 0.44185  -0.33787 121 DC D OP2   
819 O "O5'" . DC D 9  ? 2.56554 1.72670 3.48539 -0.61651 0.38476  -0.27946 121 DC D "O5'" 
820 C "C5'" . DC D 9  ? 2.59547 1.72671 3.47601 -0.63234 0.36140  -0.23955 121 DC D "C5'" 
821 C "C4'" . DC D 9  ? 2.65458 1.74115 3.56716 -0.63816 0.33833  -0.21892 121 DC D "C4'" 
822 O "O4'" . DC D 9  ? 2.65634 1.74202 3.60331 -0.63342 0.32165  -0.21594 121 DC D "O4'" 
823 C "C3'" . DC D 9  ? 2.69197 1.75364 3.63650 -0.63092 0.35376  -0.24597 121 DC D "C3'" 
824 O "O3'" . DC D 9  ? 2.75114 1.76605 3.68993 -0.64382 0.33171  -0.21806 121 DC D "O3'" 
825 C "C2'" . DC D 9  ? 2.69447 1.76039 3.69936 -0.61821 0.35555  -0.26555 121 DC D "C2'" 
826 C "C1'" . DC D 9  ? 2.69512 1.75659 3.69387 -0.62599 0.32312  -0.23152 121 DC D "C1'" 
827 N N1    . DC D 9  ? 2.52110 1.59707 3.56742 -0.61441 0.31607  -0.24984 121 DC D N1    
828 C C2    . DC D 9  ? 2.53089 1.58922 3.56662 -0.61892 0.28402  -0.22229 121 DC D C2    
829 O O2    . DC D 9  ? 2.54835 1.58176 3.53750 -0.63202 0.26935  -0.17962 121 DC D O2    
830 N N3    . DC D 9  ? 2.52666 1.59119 3.60557 -0.60765 0.27031  -0.24256 121 DC D N3    
831 C C4    . DC D 9  ? 2.50866 1.60507 3.65136 -0.59343 0.29021  -0.28578 121 DC D C4    
832 N N4    . DC D 9  ? 2.50837 1.61273 3.70833 -0.58206 0.27310  -0.30694 121 DC D N4    
833 C C5    . DC D 9  ? 2.49664 1.61394 3.65362 -0.58850 0.33079  -0.30998 121 DC D C5    
834 C C6    . DC D 9  ? 2.50536 1.60756 3.60694 -0.59881 0.34108  -0.29231 121 DC D C6    
835 P P     . DA D 10 ? 2.84228 1.84040 3.73923 -0.65548 0.32891  -0.20898 122 DA D P     
836 O OP1   . DA D 10 ? 2.78884 1.83001 3.64404 -0.65464 0.34348  -0.21239 122 DA D OP1   
837 O OP2   . DA D 10 ? 2.88482 1.84652 3.79290 -0.64947 0.33722  -0.23837 122 DA D OP2   
838 O "O5'" . DA D 10 ? 2.88374 1.84912 3.78129 -0.67486 0.29660  -0.15659 122 DA D "O5'" 
839 C "C5'" . DA D 10 ? 2.87460 1.84789 3.77633 -0.67885 0.28498  -0.12094 122 DA D "C5'" 
840 C "C4'" . DA D 10 ? 2.93324 1.86080 3.86977 -0.68429 0.26851  -0.09382 122 DA D "C4'" 
841 O "O4'" . DA D 10 ? 2.92842 1.85590 3.89459 -0.67109 0.26853  -0.10596 122 DA D "O4'" 
842 C "C3'" . DA D 10 ? 2.98821 1.87314 3.94673 -0.68703 0.26306  -0.10938 122 DA D "C3'" 
843 O "O3'" . DA D 10 ? 3.04488 1.89032 4.02550 -0.69948 0.24695  -0.06860 122 DA D "O3'" 
844 C "C2'" . DA D 10 ? 2.98922 1.86975 3.98022 -0.66937 0.27263  -0.14763 122 DA D "C2'" 
845 C "C1'" . DA D 10 ? 2.96682 1.86404 3.97181 -0.66385 0.26900  -0.13005 122 DA D "C1'" 
846 N N9    . DA D 10 ? 2.93751 1.85837 3.97037 -0.64609 0.28171  -0.16926 122 DA D N9    
847 C C8    . DA D 10 ? 2.91071 1.85704 3.95050 -0.63431 0.30610  -0.21359 122 DA D C8    
848 N N7    . DA D 10 ? 2.89058 1.85791 3.97173 -0.61938 0.31615  -0.23979 122 DA D N7    
849 C C5    . DA D 10 ? 2.90618 1.85681 4.00244 -0.62126 0.29156  -0.21356 122 DA D C5    
850 C C6    . DA D 10 ? 2.90168 1.85733 4.04146 -0.60926 0.28287  -0.22462 122 DA D C6    
851 N N6    . DA D 10 ? 2.87604 1.86374 4.06484 -0.59398 0.29992  -0.26535 122 DA D N6    
852 N N1    . DA D 10 ? 2.92899 1.85254 4.06417 -0.61207 0.25735  -0.19169 122 DA D N1    
853 C C2    . DA D 10 ? 2.95717 1.85049 4.05330 -0.62617 0.24773  -0.14687 122 DA D C2    
854 N N3    . DA D 10 ? 2.96224 1.85467 4.02698 -0.63990 0.25460  -0.13130 122 DA D N3    
855 C C4    . DA D 10 ? 2.93560 1.85610 3.99939 -0.63672 0.27353  -0.16861 122 DA D C4    
# 
